data_5BKH
# 
_entry.id   5BKH 
# 
_audit_conform.dict_name       mmcif_pdbx.dic 
_audit_conform.dict_version    5.392 
_audit_conform.dict_location   http://mmcif.pdb.org/dictionaries/ascii/mmcif_pdbx.dic 
# 
loop_
_database_2.database_id 
_database_2.database_code 
_database_2.pdbx_database_accession 
_database_2.pdbx_DOI 
PDB   5BKH         pdb_00005bkh 10.2210/pdb5bkh/pdb 
WWPDB D_1000255614 ?            ?                   
# 
loop_
_pdbx_audit_revision_history.ordinal 
_pdbx_audit_revision_history.data_content_type 
_pdbx_audit_revision_history.major_revision 
_pdbx_audit_revision_history.minor_revision 
_pdbx_audit_revision_history.revision_date 
1 'Structure model' 1 0 2021-08-11 
2 'Structure model' 1 1 2024-05-22 
# 
_pdbx_audit_revision_details.ordinal             1 
_pdbx_audit_revision_details.revision_ordinal    1 
_pdbx_audit_revision_details.data_content_type   'Structure model' 
_pdbx_audit_revision_details.provider            repository 
_pdbx_audit_revision_details.type                'Initial release' 
_pdbx_audit_revision_details.description         ? 
_pdbx_audit_revision_details.details             ? 
# 
_pdbx_audit_revision_group.ordinal             1 
_pdbx_audit_revision_group.revision_ordinal    2 
_pdbx_audit_revision_group.data_content_type   'Structure model' 
_pdbx_audit_revision_group.group               'Data collection' 
# 
loop_
_pdbx_audit_revision_category.ordinal 
_pdbx_audit_revision_category.revision_ordinal 
_pdbx_audit_revision_category.data_content_type 
_pdbx_audit_revision_category.category 
1 2 'Structure model' chem_comp_atom 
2 2 'Structure model' chem_comp_bond 
# 
_pdbx_database_status.status_code                     REL 
_pdbx_database_status.status_code_sf                  REL 
_pdbx_database_status.status_code_mr                  ? 
_pdbx_database_status.entry_id                        5BKH 
_pdbx_database_status.recvd_initial_deposition_date   2021-03-19 
_pdbx_database_status.SG_entry                        N 
_pdbx_database_status.deposit_site                    RCSB 
_pdbx_database_status.process_site                    RCSB 
_pdbx_database_status.status_code_cs                  ? 
_pdbx_database_status.status_code_nmr_data            ? 
_pdbx_database_status.methods_development_category    ? 
_pdbx_database_status.pdb_format_compatible           Y 
# 
loop_
_audit_author.name 
_audit_author.pdbx_ordinal 
_audit_author.identifier_ORCID 
'Li, Z.' 1 0000-0002-9801-8748 
'Li, H.' 2 ?                   
# 
_citation.abstract                  ? 
_citation.abstract_id_CAS           ? 
_citation.book_id_ISBN              ? 
_citation.book_publisher            ? 
_citation.book_publisher_city       ? 
_citation.book_title                ? 
_citation.coordinate_linkage        ? 
_citation.country                   UK 
_citation.database_id_Medline       ? 
_citation.details                   ? 
_citation.id                        primary 
_citation.journal_abbrev            'Sci Rep' 
_citation.journal_id_ASTM           ? 
_citation.journal_id_CSD            ? 
_citation.journal_id_ISSN           2045-2322 
_citation.journal_full              ? 
_citation.journal_issue             ? 
_citation.journal_volume            11 
_citation.language                  ? 
_citation.page_first                11680 
_citation.page_last                 11680 
_citation.title                     'An alternative domain-swapped structure of the Pyrococcus horikoshii PolII mini-intein.' 
_citation.year                      2021 
_citation.database_id_CSD           ? 
_citation.pdbx_database_id_DOI      10.1038/s41598-021-91090-w 
_citation.pdbx_database_id_PubMed   34083592 
_citation.pdbx_database_id_patent   ? 
_citation.unpublished_flag          ? 
# 
loop_
_citation_author.citation_id 
_citation_author.name 
_citation_author.ordinal 
_citation_author.identifier_ORCID 
primary 'Williams, J.E.'  1 ? 
primary 'Jaramillo, M.V.' 2 ? 
primary 'Li, Z.'          3 ? 
primary 'Zhao, J.'        4 ? 
primary 'Wang, C.'        5 ? 
primary 'Li, H.'          6 ? 
primary 'Mills, K.V.'     7 ? 
# 
loop_
_entity.id 
_entity.type 
_entity.src_method 
_entity.pdbx_description 
_entity.formula_weight 
_entity.pdbx_number_of_molecules 
_entity.pdbx_ec 
_entity.pdbx_mutation 
_entity.pdbx_fragment 
_entity.details 
1 polymer man 'DNA polymerase II large subunit' 21679.646 1  2.7.7.7,3.1.11.1 ? ? ? 
2 water   nat water                             18.015    24 ?                ? ? ? 
# 
_entity_name_com.entity_id   1 
_entity_name_com.name        'Pol II,Exodeoxyribonuclease large subunit' 
# 
_entity_poly.entity_id                      1 
_entity_poly.type                           'polypeptide(L)' 
_entity_poly.nstd_linkage                   no 
_entity_poly.nstd_monomer                   no 
_entity_poly.pdbx_seq_one_letter_code       
;MHAAKRRNCFPGDTRILVQINGTPQRVTLKELYELFDEEHYESMVYVRKKPKVDIKVYSFNPEEGKVVLTDIEEVIKAPA
TDHLIRFELELGSSFETTVDHPVLVYENGKFVEKRAFEVREGNIIIIIDESTLEPLKVAVKKIEFIEPPEDFVFSLNAKK
YHTVIINENIVTHQCDGDEDHHHHHH
;
_entity_poly.pdbx_seq_one_letter_code_can   
;MHAAKRRNCFPGDTRILVQINGTPQRVTLKELYELFDEEHYESMVYVRKKPKVDIKVYSFNPEEGKVVLTDIEEVIKAPA
TDHLIRFELELGSSFETTVDHPVLVYENGKFVEKRAFEVREGNIIIIIDESTLEPLKVAVKKIEFIEPPEDFVFSLNAKK
YHTVIINENIVTHQCDGDEDHHHHHH
;
_entity_poly.pdbx_strand_id                 A 
_entity_poly.pdbx_target_identifier         ? 
# 
_pdbx_entity_nonpoly.entity_id   2 
_pdbx_entity_nonpoly.name        water 
_pdbx_entity_nonpoly.comp_id     HOH 
# 
loop_
_entity_poly_seq.entity_id 
_entity_poly_seq.num 
_entity_poly_seq.mon_id 
_entity_poly_seq.hetero 
1 1   MET n 
1 2   HIS n 
1 3   ALA n 
1 4   ALA n 
1 5   LYS n 
1 6   ARG n 
1 7   ARG n 
1 8   ASN n 
1 9   CYS n 
1 10  PHE n 
1 11  PRO n 
1 12  GLY n 
1 13  ASP n 
1 14  THR n 
1 15  ARG n 
1 16  ILE n 
1 17  LEU n 
1 18  VAL n 
1 19  GLN n 
1 20  ILE n 
1 21  ASN n 
1 22  GLY n 
1 23  THR n 
1 24  PRO n 
1 25  GLN n 
1 26  ARG n 
1 27  VAL n 
1 28  THR n 
1 29  LEU n 
1 30  LYS n 
1 31  GLU n 
1 32  LEU n 
1 33  TYR n 
1 34  GLU n 
1 35  LEU n 
1 36  PHE n 
1 37  ASP n 
1 38  GLU n 
1 39  GLU n 
1 40  HIS n 
1 41  TYR n 
1 42  GLU n 
1 43  SER n 
1 44  MET n 
1 45  VAL n 
1 46  TYR n 
1 47  VAL n 
1 48  ARG n 
1 49  LYS n 
1 50  LYS n 
1 51  PRO n 
1 52  LYS n 
1 53  VAL n 
1 54  ASP n 
1 55  ILE n 
1 56  LYS n 
1 57  VAL n 
1 58  TYR n 
1 59  SER n 
1 60  PHE n 
1 61  ASN n 
1 62  PRO n 
1 63  GLU n 
1 64  GLU n 
1 65  GLY n 
1 66  LYS n 
1 67  VAL n 
1 68  VAL n 
1 69  LEU n 
1 70  THR n 
1 71  ASP n 
1 72  ILE n 
1 73  GLU n 
1 74  GLU n 
1 75  VAL n 
1 76  ILE n 
1 77  LYS n 
1 78  ALA n 
1 79  PRO n 
1 80  ALA n 
1 81  THR n 
1 82  ASP n 
1 83  HIS n 
1 84  LEU n 
1 85  ILE n 
1 86  ARG n 
1 87  PHE n 
1 88  GLU n 
1 89  LEU n 
1 90  GLU n 
1 91  LEU n 
1 92  GLY n 
1 93  SER n 
1 94  SER n 
1 95  PHE n 
1 96  GLU n 
1 97  THR n 
1 98  THR n 
1 99  VAL n 
1 100 ASP n 
1 101 HIS n 
1 102 PRO n 
1 103 VAL n 
1 104 LEU n 
1 105 VAL n 
1 106 TYR n 
1 107 GLU n 
1 108 ASN n 
1 109 GLY n 
1 110 LYS n 
1 111 PHE n 
1 112 VAL n 
1 113 GLU n 
1 114 LYS n 
1 115 ARG n 
1 116 ALA n 
1 117 PHE n 
1 118 GLU n 
1 119 VAL n 
1 120 ARG n 
1 121 GLU n 
1 122 GLY n 
1 123 ASN n 
1 124 ILE n 
1 125 ILE n 
1 126 ILE n 
1 127 ILE n 
1 128 ILE n 
1 129 ASP n 
1 130 GLU n 
1 131 SER n 
1 132 THR n 
1 133 LEU n 
1 134 GLU n 
1 135 PRO n 
1 136 LEU n 
1 137 LYS n 
1 138 VAL n 
1 139 ALA n 
1 140 VAL n 
1 141 LYS n 
1 142 LYS n 
1 143 ILE n 
1 144 GLU n 
1 145 PHE n 
1 146 ILE n 
1 147 GLU n 
1 148 PRO n 
1 149 PRO n 
1 150 GLU n 
1 151 ASP n 
1 152 PHE n 
1 153 VAL n 
1 154 PHE n 
1 155 SER n 
1 156 LEU n 
1 157 ASN n 
1 158 ALA n 
1 159 LYS n 
1 160 LYS n 
1 161 TYR n 
1 162 HIS n 
1 163 THR n 
1 164 VAL n 
1 165 ILE n 
1 166 ILE n 
1 167 ASN n 
1 168 GLU n 
1 169 ASN n 
1 170 ILE n 
1 171 VAL n 
1 172 THR n 
1 173 HIS n 
1 174 GLN n 
1 175 CYS n 
1 176 ASP n 
1 177 GLY n 
1 178 ASP n 
1 179 GLU n 
1 180 ASP n 
1 181 HIS n 
1 182 HIS n 
1 183 HIS n 
1 184 HIS n 
1 185 HIS n 
1 186 HIS n 
# 
_entity_src_gen.entity_id                          1 
_entity_src_gen.pdbx_src_id                        1 
_entity_src_gen.pdbx_alt_source_flag               sample 
_entity_src_gen.pdbx_seq_type                      'Biological sequence' 
_entity_src_gen.pdbx_beg_seq_num                   1 
_entity_src_gen.pdbx_end_seq_num                   186 
_entity_src_gen.gene_src_common_name               ? 
_entity_src_gen.gene_src_genus                     ? 
_entity_src_gen.pdbx_gene_src_gene                 'polC, PH0121' 
_entity_src_gen.gene_src_species                   ? 
_entity_src_gen.gene_src_strain                    'ATCC 700860 / DSM 12428 / JCM 9974 / NBRC 100139 / OT-3' 
_entity_src_gen.gene_src_tissue                    ? 
_entity_src_gen.gene_src_tissue_fraction           ? 
_entity_src_gen.gene_src_details                   ? 
_entity_src_gen.pdbx_gene_src_fragment             ? 
_entity_src_gen.pdbx_gene_src_scientific_name      
'Pyrococcus horikoshii (strain ATCC 700860 / DSM 12428 / JCM 9974 / NBRC 100139 / OT-3)' 
_entity_src_gen.pdbx_gene_src_ncbi_taxonomy_id     70601 
_entity_src_gen.pdbx_gene_src_variant              ? 
_entity_src_gen.pdbx_gene_src_cell_line            ? 
_entity_src_gen.pdbx_gene_src_atcc                 ? 
_entity_src_gen.pdbx_gene_src_organ                ? 
_entity_src_gen.pdbx_gene_src_organelle            ? 
_entity_src_gen.pdbx_gene_src_cell                 ? 
_entity_src_gen.pdbx_gene_src_cellular_location    ? 
_entity_src_gen.host_org_common_name               ? 
_entity_src_gen.pdbx_host_org_scientific_name      'Escherichia coli BL21(DE3)' 
_entity_src_gen.pdbx_host_org_ncbi_taxonomy_id     469008 
_entity_src_gen.host_org_genus                     ? 
_entity_src_gen.pdbx_host_org_gene                 ? 
_entity_src_gen.pdbx_host_org_organ                ? 
_entity_src_gen.host_org_species                   ? 
_entity_src_gen.pdbx_host_org_tissue               ? 
_entity_src_gen.pdbx_host_org_tissue_fraction      ? 
_entity_src_gen.pdbx_host_org_strain               ? 
_entity_src_gen.pdbx_host_org_variant              ? 
_entity_src_gen.pdbx_host_org_cell_line            ? 
_entity_src_gen.pdbx_host_org_atcc                 ? 
_entity_src_gen.pdbx_host_org_culture_collection   ? 
_entity_src_gen.pdbx_host_org_cell                 ? 
_entity_src_gen.pdbx_host_org_organelle            ? 
_entity_src_gen.pdbx_host_org_cellular_location    ? 
_entity_src_gen.pdbx_host_org_vector_type          ? 
_entity_src_gen.pdbx_host_org_vector               ? 
_entity_src_gen.host_org_details                   ? 
_entity_src_gen.expression_system_id               ? 
_entity_src_gen.plasmid_name                       ? 
_entity_src_gen.plasmid_details                    ? 
_entity_src_gen.pdbx_description                   ? 
# 
loop_
_chem_comp.id 
_chem_comp.type 
_chem_comp.mon_nstd_flag 
_chem_comp.name 
_chem_comp.pdbx_synonyms 
_chem_comp.formula 
_chem_comp.formula_weight 
ALA 'L-peptide linking' y ALANINE         ? 'C3 H7 N O2'     89.093  
ARG 'L-peptide linking' y ARGININE        ? 'C6 H15 N4 O2 1' 175.209 
ASN 'L-peptide linking' y ASPARAGINE      ? 'C4 H8 N2 O3'    132.118 
ASP 'L-peptide linking' y 'ASPARTIC ACID' ? 'C4 H7 N O4'     133.103 
CYS 'L-peptide linking' y CYSTEINE        ? 'C3 H7 N O2 S'   121.158 
GLN 'L-peptide linking' y GLUTAMINE       ? 'C5 H10 N2 O3'   146.144 
GLU 'L-peptide linking' y 'GLUTAMIC ACID' ? 'C5 H9 N O4'     147.129 
GLY 'peptide linking'   y GLYCINE         ? 'C2 H5 N O2'     75.067  
HIS 'L-peptide linking' y HISTIDINE       ? 'C6 H10 N3 O2 1' 156.162 
HOH non-polymer         . WATER           ? 'H2 O'           18.015  
ILE 'L-peptide linking' y ISOLEUCINE      ? 'C6 H13 N O2'    131.173 
LEU 'L-peptide linking' y LEUCINE         ? 'C6 H13 N O2'    131.173 
LYS 'L-peptide linking' y LYSINE          ? 'C6 H15 N2 O2 1' 147.195 
MET 'L-peptide linking' y METHIONINE      ? 'C5 H11 N O2 S'  149.211 
PHE 'L-peptide linking' y PHENYLALANINE   ? 'C9 H11 N O2'    165.189 
PRO 'L-peptide linking' y PROLINE         ? 'C5 H9 N O2'     115.130 
SER 'L-peptide linking' y SERINE          ? 'C3 H7 N O3'     105.093 
THR 'L-peptide linking' y THREONINE       ? 'C4 H9 N O3'     119.119 
TYR 'L-peptide linking' y TYROSINE        ? 'C9 H11 N O3'    181.189 
VAL 'L-peptide linking' y VALINE          ? 'C5 H11 N O2'    117.146 
# 
loop_
_pdbx_poly_seq_scheme.asym_id 
_pdbx_poly_seq_scheme.entity_id 
_pdbx_poly_seq_scheme.seq_id 
_pdbx_poly_seq_scheme.mon_id 
_pdbx_poly_seq_scheme.ndb_seq_num 
_pdbx_poly_seq_scheme.pdb_seq_num 
_pdbx_poly_seq_scheme.auth_seq_num 
_pdbx_poly_seq_scheme.pdb_mon_id 
_pdbx_poly_seq_scheme.auth_mon_id 
_pdbx_poly_seq_scheme.pdb_strand_id 
_pdbx_poly_seq_scheme.pdb_ins_code 
_pdbx_poly_seq_scheme.hetero 
A 1 1   MET 1   -8  ?   ?   ?   A . n 
A 1 2   HIS 2   -7  ?   ?   ?   A . n 
A 1 3   ALA 3   -6  ?   ?   ?   A . n 
A 1 4   ALA 4   -5  ?   ?   ?   A . n 
A 1 5   LYS 5   -4  ?   ?   ?   A . n 
A 1 6   ARG 6   -3  6   ARG ARG A . n 
A 1 7   ARG 7   -2  7   ARG ARG A . n 
A 1 8   ASN 8   -1  8   ASN ASN A . n 
A 1 9   CYS 9   1   9   CYS CYS A . n 
A 1 10  PHE 10  2   10  PHE PHE A . n 
A 1 11  PRO 11  3   11  PRO PRO A . n 
A 1 12  GLY 12  4   12  GLY GLY A . n 
A 1 13  ASP 13  5   13  ASP ASP A . n 
A 1 14  THR 14  6   14  THR THR A . n 
A 1 15  ARG 15  7   15  ARG ARG A . n 
A 1 16  ILE 16  8   16  ILE ILE A . n 
A 1 17  LEU 17  9   17  LEU LEU A . n 
A 1 18  VAL 18  10  18  VAL VAL A . n 
A 1 19  GLN 19  11  19  GLN GLN A . n 
A 1 20  ILE 20  12  20  ILE ILE A . n 
A 1 21  ASN 21  13  21  ASN ASN A . n 
A 1 22  GLY 22  14  22  GLY GLY A . n 
A 1 23  THR 23  15  23  THR THR A . n 
A 1 24  PRO 24  16  24  PRO PRO A . n 
A 1 25  GLN 25  17  25  GLN GLN A . n 
A 1 26  ARG 26  18  26  ARG ARG A . n 
A 1 27  VAL 27  19  27  VAL VAL A . n 
A 1 28  THR 28  20  28  THR THR A . n 
A 1 29  LEU 29  21  29  LEU LEU A . n 
A 1 30  LYS 30  22  30  LYS LYS A . n 
A 1 31  GLU 31  23  31  GLU GLU A . n 
A 1 32  LEU 32  24  32  LEU LEU A . n 
A 1 33  TYR 33  25  33  TYR TYR A . n 
A 1 34  GLU 34  26  34  GLU GLU A . n 
A 1 35  LEU 35  27  35  LEU LEU A . n 
A 1 36  PHE 36  28  36  PHE PHE A . n 
A 1 37  ASP 37  29  37  ASP ASP A . n 
A 1 38  GLU 38  30  38  GLU GLU A . n 
A 1 39  GLU 39  31  39  GLU GLU A . n 
A 1 40  HIS 40  32  40  HIS HIS A . n 
A 1 41  TYR 41  33  41  TYR TYR A . n 
A 1 42  GLU 42  34  42  GLU GLU A . n 
A 1 43  SER 43  35  43  SER SER A . n 
A 1 44  MET 44  36  44  MET MET A . n 
A 1 45  VAL 45  37  45  VAL VAL A . n 
A 1 46  TYR 46  38  46  TYR TYR A . n 
A 1 47  VAL 47  39  47  VAL VAL A . n 
A 1 48  ARG 48  40  48  ARG ARG A . n 
A 1 49  LYS 49  41  49  LYS LYS A . n 
A 1 50  LYS 50  42  50  LYS LYS A . n 
A 1 51  PRO 51  43  51  PRO PRO A . n 
A 1 52  LYS 52  44  52  LYS LYS A . n 
A 1 53  VAL 53  45  53  VAL VAL A . n 
A 1 54  ASP 54  46  54  ASP ASP A . n 
A 1 55  ILE 55  47  55  ILE ILE A . n 
A 1 56  LYS 56  48  56  LYS LYS A . n 
A 1 57  VAL 57  49  57  VAL VAL A . n 
A 1 58  TYR 58  50  58  TYR TYR A . n 
A 1 59  SER 59  51  59  SER SER A . n 
A 1 60  PHE 60  52  60  PHE PHE A . n 
A 1 61  ASN 61  53  61  ASN ASN A . n 
A 1 62  PRO 62  54  62  PRO PRO A . n 
A 1 63  GLU 63  55  63  GLU GLU A . n 
A 1 64  GLU 64  56  64  GLU GLU A . n 
A 1 65  GLY 65  57  65  GLY GLY A . n 
A 1 66  LYS 66  58  66  LYS LYS A . n 
A 1 67  VAL 67  59  67  VAL VAL A . n 
A 1 68  VAL 68  60  68  VAL VAL A . n 
A 1 69  LEU 69  61  69  LEU LEU A . n 
A 1 70  THR 70  62  70  THR THR A . n 
A 1 71  ASP 71  63  71  ASP ASP A . n 
A 1 72  ILE 72  64  72  ILE ILE A . n 
A 1 73  GLU 73  65  73  GLU GLU A . n 
A 1 74  GLU 74  66  74  GLU GLU A . n 
A 1 75  VAL 75  67  75  VAL VAL A . n 
A 1 76  ILE 76  68  76  ILE ILE A . n 
A 1 77  LYS 77  69  77  LYS LYS A . n 
A 1 78  ALA 78  70  78  ALA ALA A . n 
A 1 79  PRO 79  71  79  PRO PRO A . n 
A 1 80  ALA 80  72  80  ALA ALA A . n 
A 1 81  THR 81  73  81  THR THR A . n 
A 1 82  ASP 82  74  82  ASP ASP A . n 
A 1 83  HIS 83  75  83  HIS HIS A . n 
A 1 84  LEU 84  76  84  LEU LEU A . n 
A 1 85  ILE 85  77  85  ILE ILE A . n 
A 1 86  ARG 86  78  86  ARG ARG A . n 
A 1 87  PHE 87  79  87  PHE PHE A . n 
A 1 88  GLU 88  80  88  GLU GLU A . n 
A 1 89  LEU 89  81  89  LEU LEU A . n 
A 1 90  GLU 90  82  90  GLU GLU A . n 
A 1 91  LEU 91  83  91  LEU LEU A . n 
A 1 92  GLY 92  84  92  GLY GLY A . n 
A 1 93  SER 93  85  93  SER SER A . n 
A 1 94  SER 94  86  94  SER SER A . n 
A 1 95  PHE 95  87  95  PHE PHE A . n 
A 1 96  GLU 96  88  96  GLU GLU A . n 
A 1 97  THR 97  89  97  THR THR A . n 
A 1 98  THR 98  90  98  THR THR A . n 
A 1 99  VAL 99  91  99  VAL VAL A . n 
A 1 100 ASP 100 92  100 ASP ASP A . n 
A 1 101 HIS 101 93  101 HIS HIS A . n 
A 1 102 PRO 102 94  102 PRO PRO A . n 
A 1 103 VAL 103 95  103 VAL VAL A . n 
A 1 104 LEU 104 96  104 LEU LEU A . n 
A 1 105 VAL 105 97  105 VAL VAL A . n 
A 1 106 TYR 106 98  106 TYR TYR A . n 
A 1 107 GLU 107 99  107 GLU GLU A . n 
A 1 108 ASN 108 100 108 ASN ASN A . n 
A 1 109 GLY 109 101 109 GLY GLY A . n 
A 1 110 LYS 110 102 110 LYS LYS A . n 
A 1 111 PHE 111 103 111 PHE PHE A . n 
A 1 112 VAL 112 104 112 VAL VAL A . n 
A 1 113 GLU 113 105 113 GLU GLU A . n 
A 1 114 LYS 114 106 114 LYS LYS A . n 
A 1 115 ARG 115 107 115 ARG ARG A . n 
A 1 116 ALA 116 108 116 ALA ALA A . n 
A 1 117 PHE 117 109 117 PHE PHE A . n 
A 1 118 GLU 118 110 118 GLU GLU A . n 
A 1 119 VAL 119 111 119 VAL VAL A . n 
A 1 120 ARG 120 112 120 ARG ARG A . n 
A 1 121 GLU 121 113 121 GLU GLU A . n 
A 1 122 GLY 122 114 122 GLY GLY A . n 
A 1 123 ASN 123 115 123 ASN ASN A . n 
A 1 124 ILE 124 116 124 ILE ILE A . n 
A 1 125 ILE 125 117 125 ILE ILE A . n 
A 1 126 ILE 126 118 126 ILE ILE A . n 
A 1 127 ILE 127 119 127 ILE ILE A . n 
A 1 128 ILE 128 120 128 ILE ILE A . n 
A 1 129 ASP 129 121 129 ASP ASP A . n 
A 1 130 GLU 130 122 130 GLU GLU A . n 
A 1 131 SER 131 123 131 SER SER A . n 
A 1 132 THR 132 124 132 THR THR A . n 
A 1 133 LEU 133 125 133 LEU LEU A . n 
A 1 134 GLU 134 126 134 GLU GLU A . n 
A 1 135 PRO 135 127 135 PRO PRO A . n 
A 1 136 LEU 136 128 136 LEU LEU A . n 
A 1 137 LYS 137 129 137 LYS LYS A . n 
A 1 138 VAL 138 130 138 VAL VAL A . n 
A 1 139 ALA 139 131 139 ALA ALA A . n 
A 1 140 VAL 140 132 140 VAL VAL A . n 
A 1 141 LYS 141 133 141 LYS LYS A . n 
A 1 142 LYS 142 134 142 LYS LYS A . n 
A 1 143 ILE 143 135 143 ILE ILE A . n 
A 1 144 GLU 144 136 144 GLU GLU A . n 
A 1 145 PHE 145 137 145 PHE PHE A . n 
A 1 146 ILE 146 138 146 ILE ILE A . n 
A 1 147 GLU 147 139 147 GLU GLU A . n 
A 1 148 PRO 148 140 148 PRO PRO A . n 
A 1 149 PRO 149 141 149 PRO PRO A . n 
A 1 150 GLU 150 142 150 GLU GLU A . n 
A 1 151 ASP 151 143 151 ASP ASP A . n 
A 1 152 PHE 152 144 152 PHE PHE A . n 
A 1 153 VAL 153 145 153 VAL VAL A . n 
A 1 154 PHE 154 146 154 PHE PHE A . n 
A 1 155 SER 155 147 155 SER SER A . n 
A 1 156 LEU 156 148 156 LEU LEU A . n 
A 1 157 ASN 157 149 157 ASN ASN A . n 
A 1 158 ALA 158 150 158 ALA ALA A . n 
A 1 159 LYS 159 151 159 LYS LYS A . n 
A 1 160 LYS 160 152 160 LYS LYS A . n 
A 1 161 TYR 161 153 161 TYR TYR A . n 
A 1 162 HIS 162 154 162 HIS HIS A . n 
A 1 163 THR 163 155 163 THR THR A . n 
A 1 164 VAL 164 156 164 VAL VAL A . n 
A 1 165 ILE 165 157 165 ILE ILE A . n 
A 1 166 ILE 166 158 166 ILE ILE A . n 
A 1 167 ASN 167 159 167 ASN ASN A . n 
A 1 168 GLU 168 160 168 GLU GLU A . n 
A 1 169 ASN 169 161 169 ASN ASN A . n 
A 1 170 ILE 170 162 170 ILE ILE A . n 
A 1 171 VAL 171 163 171 VAL VAL A . n 
A 1 172 THR 172 164 172 THR THR A . n 
A 1 173 HIS 173 165 173 HIS HIS A . n 
A 1 174 GLN 174 166 174 GLN GLN A . n 
A 1 175 CYS 175 167 175 CYS CYS A . n 
A 1 176 ASP 176 168 ?   ?   ?   A . n 
A 1 177 GLY 177 169 ?   ?   ?   A . n 
A 1 178 ASP 178 170 ?   ?   ?   A . n 
A 1 179 GLU 179 171 ?   ?   ?   A . n 
A 1 180 ASP 180 172 ?   ?   ?   A . n 
A 1 181 HIS 181 173 ?   ?   ?   A . n 
A 1 182 HIS 182 174 ?   ?   ?   A . n 
A 1 183 HIS 183 175 ?   ?   ?   A . n 
A 1 184 HIS 184 176 ?   ?   ?   A . n 
A 1 185 HIS 185 177 ?   ?   ?   A . n 
A 1 186 HIS 186 178 ?   ?   ?   A . n 
# 
loop_
_pdbx_nonpoly_scheme.asym_id 
_pdbx_nonpoly_scheme.entity_id 
_pdbx_nonpoly_scheme.mon_id 
_pdbx_nonpoly_scheme.ndb_seq_num 
_pdbx_nonpoly_scheme.pdb_seq_num 
_pdbx_nonpoly_scheme.auth_seq_num 
_pdbx_nonpoly_scheme.pdb_mon_id 
_pdbx_nonpoly_scheme.auth_mon_id 
_pdbx_nonpoly_scheme.pdb_strand_id 
_pdbx_nonpoly_scheme.pdb_ins_code 
B 2 HOH 1  201 10 HOH HOH A . 
B 2 HOH 2  202 4  HOH HOH A . 
B 2 HOH 3  203 5  HOH HOH A . 
B 2 HOH 4  204 8  HOH HOH A . 
B 2 HOH 5  205 11 HOH HOH A . 
B 2 HOH 6  206 15 HOH HOH A . 
B 2 HOH 7  207 3  HOH HOH A . 
B 2 HOH 8  208 7  HOH HOH A . 
B 2 HOH 9  209 1  HOH HOH A . 
B 2 HOH 10 210 21 HOH HOH A . 
B 2 HOH 11 211 16 HOH HOH A . 
B 2 HOH 12 212 2  HOH HOH A . 
B 2 HOH 13 213 6  HOH HOH A . 
B 2 HOH 14 214 24 HOH HOH A . 
B 2 HOH 15 215 9  HOH HOH A . 
B 2 HOH 16 216 14 HOH HOH A . 
B 2 HOH 17 217 12 HOH HOH A . 
B 2 HOH 18 218 18 HOH HOH A . 
B 2 HOH 19 219 19 HOH HOH A . 
B 2 HOH 20 220 22 HOH HOH A . 
B 2 HOH 21 221 20 HOH HOH A . 
B 2 HOH 22 222 13 HOH HOH A . 
B 2 HOH 23 223 23 HOH HOH A . 
B 2 HOH 24 224 17 HOH HOH A . 
# 
loop_
_software.citation_id 
_software.classification 
_software.compiler_name 
_software.compiler_version 
_software.contact_author 
_software.contact_author_email 
_software.date 
_software.description 
_software.dependencies 
_software.hardware 
_software.language 
_software.location 
_software.mods 
_software.name 
_software.os 
_software.os_version 
_software.type 
_software.version 
_software.pdbx_ordinal 
? 'data reduction'  ? ? ? ? ? ? ? ? ? ? ? DENZO       ? ? ? .     1 
? 'data scaling'    ? ? ? ? ? ? ? ? ? ? ? SCALEPACK   ? ? ? .     2 
? phasing           ? ? ? ? ? ? ? ? ? ? ? SOLVE       ? ? ? .     3 
? refinement        ? ? ? ? ? ? ? ? ? ? ? PHENIX      ? ? ? v1.19 4 
? 'data extraction' ? ? ? ? ? ? ? ? ? ? ? PDB_EXTRACT ? ? ? 3.27  5 
# 
_cell.angle_alpha                  90.000 
_cell.angle_alpha_esd              ? 
_cell.angle_beta                   90.000 
_cell.angle_beta_esd               ? 
_cell.angle_gamma                  120.000 
_cell.angle_gamma_esd              ? 
_cell.entry_id                     5BKH 
_cell.details                      ? 
_cell.formula_units_Z              ? 
_cell.length_a                     128.931 
_cell.length_a_esd                 ? 
_cell.length_b                     128.931 
_cell.length_b_esd                 ? 
_cell.length_c                     79.251 
_cell.length_c_esd                 ? 
_cell.volume                       ? 
_cell.volume_esd                   ? 
_cell.Z_PDB                        12 
_cell.reciprocal_angle_alpha       ? 
_cell.reciprocal_angle_beta        ? 
_cell.reciprocal_angle_gamma       ? 
_cell.reciprocal_angle_alpha_esd   ? 
_cell.reciprocal_angle_beta_esd    ? 
_cell.reciprocal_angle_gamma_esd   ? 
_cell.reciprocal_length_a          ? 
_cell.reciprocal_length_b          ? 
_cell.reciprocal_length_c          ? 
_cell.reciprocal_length_a_esd      ? 
_cell.reciprocal_length_b_esd      ? 
_cell.reciprocal_length_c_esd      ? 
_cell.pdbx_unique_axis             ? 
# 
_symmetry.entry_id                         5BKH 
_symmetry.cell_setting                     ? 
_symmetry.Int_Tables_number                182 
_symmetry.space_group_name_Hall            ? 
_symmetry.space_group_name_H-M             'P 63 2 2' 
_symmetry.pdbx_full_space_group_name_H-M   ? 
# 
_exptl.absorpt_coefficient_mu     ? 
_exptl.absorpt_correction_T_max   ? 
_exptl.absorpt_correction_T_min   ? 
_exptl.absorpt_correction_type    ? 
_exptl.absorpt_process_details    ? 
_exptl.entry_id                   5BKH 
_exptl.crystals_number            1 
_exptl.details                    ? 
_exptl.method                     'X-RAY DIFFRACTION' 
_exptl.method_details             ? 
# 
_exptl_crystal.colour                      ? 
_exptl_crystal.density_diffrn              ? 
_exptl_crystal.density_Matthews            4.39 
_exptl_crystal.density_method              ? 
_exptl_crystal.density_percent_sol         71.95 
_exptl_crystal.description                 ? 
_exptl_crystal.F_000                       ? 
_exptl_crystal.id                          1 
_exptl_crystal.preparation                 ? 
_exptl_crystal.size_max                    ? 
_exptl_crystal.size_mid                    ? 
_exptl_crystal.size_min                    ? 
_exptl_crystal.size_rad                    ? 
_exptl_crystal.colour_lustre               ? 
_exptl_crystal.colour_modifier             ? 
_exptl_crystal.colour_primary              ? 
_exptl_crystal.density_meas                ? 
_exptl_crystal.density_meas_esd            ? 
_exptl_crystal.density_meas_gt             ? 
_exptl_crystal.density_meas_lt             ? 
_exptl_crystal.density_meas_temp           ? 
_exptl_crystal.density_meas_temp_esd       ? 
_exptl_crystal.density_meas_temp_gt        ? 
_exptl_crystal.density_meas_temp_lt        ? 
_exptl_crystal.pdbx_crystal_image_url      ? 
_exptl_crystal.pdbx_crystal_image_format   ? 
_exptl_crystal.pdbx_mosaicity              ? 
_exptl_crystal.pdbx_mosaicity_esd          ? 
# 
_exptl_crystal_grow.apparatus       ? 
_exptl_crystal_grow.atmosphere      ? 
_exptl_crystal_grow.crystal_id      1 
_exptl_crystal_grow.details         ? 
_exptl_crystal_grow.method          'VAPOR DIFFUSION, HANGING DROP' 
_exptl_crystal_grow.method_ref      ? 
_exptl_crystal_grow.pH              8.5 
_exptl_crystal_grow.pressure        ? 
_exptl_crystal_grow.pressure_esd    ? 
_exptl_crystal_grow.seeding         ? 
_exptl_crystal_grow.seeding_ref     ? 
_exptl_crystal_grow.temp            298 
_exptl_crystal_grow.temp_details    ? 
_exptl_crystal_grow.temp_esd        ? 
_exptl_crystal_grow.time            ? 
_exptl_crystal_grow.pdbx_details    '0.1 M Tris HCl, pH 8.5, with 1.8 M ammonium sulfate, 0.1 M sodium chloride, and 1% glycerol' 
_exptl_crystal_grow.pdbx_pH_range   ? 
# 
_diffrn.ambient_environment              ? 
_diffrn.ambient_temp                     100 
_diffrn.ambient_temp_details             ? 
_diffrn.ambient_temp_esd                 ? 
_diffrn.crystal_id                       1 
_diffrn.crystal_support                  ? 
_diffrn.crystal_treatment                ? 
_diffrn.details                          ? 
_diffrn.id                               1 
_diffrn.ambient_pressure                 ? 
_diffrn.ambient_pressure_esd             ? 
_diffrn.ambient_pressure_gt              ? 
_diffrn.ambient_pressure_lt              ? 
_diffrn.ambient_temp_gt                  ? 
_diffrn.ambient_temp_lt                  ? 
_diffrn.pdbx_serial_crystal_experiment   N 
# 
_diffrn_detector.details                      ? 
_diffrn_detector.detector                     CCD 
_diffrn_detector.diffrn_id                    1 
_diffrn_detector.type                         'MARMOSAIC 325 mm CCD' 
_diffrn_detector.area_resol_mean              ? 
_diffrn_detector.dtime                        ? 
_diffrn_detector.pdbx_frames_total            ? 
_diffrn_detector.pdbx_collection_time_total   ? 
_diffrn_detector.pdbx_collection_date         2015-03-13 
_diffrn_detector.pdbx_frequency               ? 
# 
_diffrn_radiation.collimation                      ? 
_diffrn_radiation.diffrn_id                        1 
_diffrn_radiation.filter_edge                      ? 
_diffrn_radiation.inhomogeneity                    ? 
_diffrn_radiation.monochromator                    ? 
_diffrn_radiation.polarisn_norm                    ? 
_diffrn_radiation.polarisn_ratio                   ? 
_diffrn_radiation.probe                            ? 
_diffrn_radiation.type                             ? 
_diffrn_radiation.xray_symbol                      ? 
_diffrn_radiation.wavelength_id                    1 
_diffrn_radiation.pdbx_monochromatic_or_laue_m_l   M 
_diffrn_radiation.pdbx_wavelength_list             ? 
_diffrn_radiation.pdbx_wavelength                  ? 
_diffrn_radiation.pdbx_diffrn_protocol             'SINGLE WAVELENGTH' 
_diffrn_radiation.pdbx_analyzer                    ? 
_diffrn_radiation.pdbx_scattering_type             x-ray 
# 
_diffrn_radiation_wavelength.id           1 
_diffrn_radiation_wavelength.wavelength   0.9791 
_diffrn_radiation_wavelength.wt           1.0 
# 
_diffrn_source.current                     ? 
_diffrn_source.details                     ? 
_diffrn_source.diffrn_id                   1 
_diffrn_source.power                       ? 
_diffrn_source.size                        ? 
_diffrn_source.source                      SYNCHROTRON 
_diffrn_source.target                      ? 
_diffrn_source.type                        'SSRL BEAMLINE BL14-1' 
_diffrn_source.voltage                     ? 
_diffrn_source.take-off_angle              ? 
_diffrn_source.pdbx_wavelength_list        0.9791 
_diffrn_source.pdbx_wavelength             ? 
_diffrn_source.pdbx_synchrotron_beamline   BL14-1 
_diffrn_source.pdbx_synchrotron_site       SSRL 
# 
_reflns.B_iso_Wilson_estimate            57.280 
_reflns.entry_id                         5BKH 
_reflns.data_reduction_details           ? 
_reflns.data_reduction_method            ? 
_reflns.d_resolution_high                2.270 
_reflns.d_resolution_low                 50.000 
_reflns.details                          ? 
_reflns.limit_h_max                      ? 
_reflns.limit_h_min                      ? 
_reflns.limit_k_max                      ? 
_reflns.limit_k_min                      ? 
_reflns.limit_l_max                      ? 
_reflns.limit_l_min                      ? 
_reflns.number_all                       ? 
_reflns.number_obs                       16787 
_reflns.observed_criterion               ? 
_reflns.observed_criterion_F_max         ? 
_reflns.observed_criterion_F_min         ? 
_reflns.observed_criterion_I_max         ? 
_reflns.observed_criterion_I_min         ? 
_reflns.observed_criterion_sigma_F       ? 
_reflns.observed_criterion_sigma_I       ? 
_reflns.percent_possible_obs             91.000 
_reflns.R_free_details                   ? 
_reflns.Rmerge_F_all                     ? 
_reflns.Rmerge_F_obs                     ? 
_reflns.Friedel_coverage                 ? 
_reflns.number_gt                        ? 
_reflns.threshold_expression             ? 
_reflns.pdbx_redundancy                  13.500 
_reflns.pdbx_Rmerge_I_obs                0.074 
_reflns.pdbx_Rmerge_I_all                ? 
_reflns.pdbx_Rsym_value                  ? 
_reflns.pdbx_netI_over_av_sigmaI         ? 
_reflns.pdbx_netI_over_sigmaI            8.800 
_reflns.pdbx_res_netI_over_av_sigmaI_2   ? 
_reflns.pdbx_res_netI_over_sigmaI_2      ? 
_reflns.pdbx_chi_squared                 1.024 
_reflns.pdbx_scaling_rejects             ? 
_reflns.pdbx_d_res_high_opt              ? 
_reflns.pdbx_d_res_low_opt               ? 
_reflns.pdbx_d_res_opt_method            ? 
_reflns.phase_calculation_details        ? 
_reflns.pdbx_Rrim_I_all                  0.077 
_reflns.pdbx_Rpim_I_all                  0.023 
_reflns.pdbx_d_opt                       ? 
_reflns.pdbx_number_measured_all         227296 
_reflns.pdbx_diffrn_id                   1 
_reflns.pdbx_ordinal                     1 
_reflns.pdbx_CC_half                     ? 
_reflns.pdbx_CC_star                     ? 
_reflns.pdbx_R_split                     ? 
# 
loop_
_reflns_shell.d_res_high 
_reflns_shell.d_res_low 
_reflns_shell.meanI_over_sigI_all 
_reflns_shell.meanI_over_sigI_obs 
_reflns_shell.number_measured_all 
_reflns_shell.number_measured_obs 
_reflns_shell.number_possible 
_reflns_shell.number_unique_all 
_reflns_shell.number_unique_obs 
_reflns_shell.percent_possible_all 
_reflns_shell.percent_possible_obs 
_reflns_shell.Rmerge_F_all 
_reflns_shell.Rmerge_F_obs 
_reflns_shell.Rmerge_I_all 
_reflns_shell.Rmerge_I_obs 
_reflns_shell.meanI_over_sigI_gt 
_reflns_shell.meanI_over_uI_all 
_reflns_shell.meanI_over_uI_gt 
_reflns_shell.number_measured_gt 
_reflns_shell.number_unique_gt 
_reflns_shell.percent_possible_gt 
_reflns_shell.Rmerge_F_gt 
_reflns_shell.Rmerge_I_gt 
_reflns_shell.pdbx_redundancy 
_reflns_shell.pdbx_Rsym_value 
_reflns_shell.pdbx_chi_squared 
_reflns_shell.pdbx_netI_over_sigmaI_all 
_reflns_shell.pdbx_netI_over_sigmaI_obs 
_reflns_shell.pdbx_Rrim_I_all 
_reflns_shell.pdbx_Rpim_I_all 
_reflns_shell.pdbx_rejects 
_reflns_shell.pdbx_ordinal 
_reflns_shell.pdbx_diffrn_id 
_reflns_shell.pdbx_CC_half 
_reflns_shell.pdbx_CC_star 
_reflns_shell.pdbx_R_split 
2.270 2.310  ? ? ? ? ? ? 839 93.500 ? ? ? ? ?     ? ? ? ? ? ? ? ? 12.900 ? 0.833 ? ? ?     0.435 ? 1  1 0.676 ? ? 
2.310 2.350  ? ? ? ? ? ? 840 93.000 ? ? ? ? ?     ? ? ? ? ? ? ? ? 13.500 ? 0.848 ? ? ?     0.400 ? 2  1 0.737 ? ? 
2.350 2.400  ? ? ? ? ? ? 840 92.600 ? ? ? ? ?     ? ? ? ? ? ? ? ? 13.400 ? 0.830 ? ? ?     0.334 ? 3  1 0.778 ? ? 
2.400 2.450  ? ? ? ? ? ? 838 93.300 ? ? ? ? ?     ? ? ? ? ? ? ? ? 13.500 ? 0.846 ? ? ?     0.313 ? 4  1 0.781 ? ? 
2.450 2.500  ? ? ? ? ? ? 831 92.700 ? ? ? ? 0.884 ? ? ? ? ? ? ? ? 13.500 ? 0.885 ? ? 0.918 0.242 ? 5  1 0.869 ? ? 
2.500 2.560  ? ? ? ? ? ? 837 92.600 ? ? ? ? 0.735 ? ? ? ? ? ? ? ? 13.600 ? 0.846 ? ? 0.762 0.201 ? 6  1 0.901 ? ? 
2.560 2.620  ? ? ? ? ? ? 839 92.600 ? ? ? ? 0.644 ? ? ? ? ? ? ? ? 13.500 ? 0.859 ? ? 0.670 0.178 ? 7  1 0.907 ? ? 
2.620 2.690  ? ? ? ? ? ? 845 92.500 ? ? ? ? 0.435 ? ? ? ? ? ? ? ? 13.600 ? 0.897 ? ? 0.451 0.119 ? 8  1 0.960 ? ? 
2.690 2.770  ? ? ? ? ? ? 816 91.300 ? ? ? ? 0.395 ? ? ? ? ? ? ? ? 13.700 ? 0.886 ? ? 0.410 0.108 ? 9  1 0.962 ? ? 
2.770 2.860  ? ? ? ? ? ? 838 92.000 ? ? ? ? 0.274 ? ? ? ? ? ? ? ? 13.700 ? 0.928 ? ? 0.285 0.075 ? 10 1 0.986 ? ? 
2.860 2.960  ? ? ? ? ? ? 844 91.300 ? ? ? ? 0.234 ? ? ? ? ? ? ? ? 13.700 ? 1.009 ? ? 0.243 0.064 ? 11 1 0.989 ? ? 
2.960 3.080  ? ? ? ? ? ? 831 91.200 ? ? ? ? 0.176 ? ? ? ? ? ? ? ? 13.700 ? 1.064 ? ? 0.183 0.048 ? 12 1 0.990 ? ? 
3.080 3.220  ? ? ? ? ? ? 835 91.100 ? ? ? ? 0.137 ? ? ? ? ? ? ? ? 13.700 ? 1.145 ? ? 0.142 0.037 ? 13 1 0.995 ? ? 
3.220 3.390  ? ? ? ? ? ? 833 90.600 ? ? ? ? 0.103 ? ? ? ? ? ? ? ? 13.800 ? 1.256 ? ? 0.107 0.028 ? 14 1 0.997 ? ? 
3.390 3.600  ? ? ? ? ? ? 841 90.000 ? ? ? ? 0.081 ? ? ? ? ? ? ? ? 13.600 ? 1.271 ? ? 0.084 0.022 ? 15 1 0.998 ? ? 
3.600 3.880  ? ? ? ? ? ? 826 89.900 ? ? ? ? 0.067 ? ? ? ? ? ? ? ? 13.700 ? 1.275 ? ? 0.069 0.018 ? 16 1 0.999 ? ? 
3.880 4.270  ? ? ? ? ? ? 836 89.400 ? ? ? ? 0.064 ? ? ? ? ? ? ? ? 13.700 ? 1.613 ? ? 0.067 0.017 ? 17 1 0.999 ? ? 
4.270 4.890  ? ? ? ? ? ? 841 88.300 ? ? ? ? 0.052 ? ? ? ? ? ? ? ? 13.700 ? 1.438 ? ? 0.053 0.014 ? 18 1 0.999 ? ? 
4.890 6.160  ? ? ? ? ? ? 841 87.400 ? ? ? ? 0.040 ? ? ? ? ? ? ? ? 13.600 ? 1.001 ? ? 0.042 0.011 ? 19 1 1.000 ? ? 
6.160 50.000 ? ? ? ? ? ? 896 85.100 ? ? ? ? 0.032 ? ? ? ? ? ? ? ? 12.800 ? 0.725 ? ? 0.033 0.009 ? 20 1 1.000 ? ? 
# 
_refine.aniso_B[1][1]                            ? 
_refine.aniso_B[1][2]                            ? 
_refine.aniso_B[1][3]                            ? 
_refine.aniso_B[2][2]                            ? 
_refine.aniso_B[2][3]                            ? 
_refine.aniso_B[3][3]                            ? 
_refine.B_iso_max                                136.770 
_refine.B_iso_mean                               65.2142 
_refine.B_iso_min                                27.660 
_refine.correlation_coeff_Fo_to_Fc               ? 
_refine.correlation_coeff_Fo_to_Fc_free          ? 
_refine.details                                  ? 
_refine.diff_density_max                         ? 
_refine.diff_density_max_esd                     ? 
_refine.diff_density_min                         ? 
_refine.diff_density_min_esd                     ? 
_refine.diff_density_rms                         ? 
_refine.diff_density_rms_esd                     ? 
_refine.entry_id                                 5BKH 
_refine.pdbx_refine_id                           'X-RAY DIFFRACTION' 
_refine.ls_abs_structure_details                 ? 
_refine.ls_abs_structure_Flack                   ? 
_refine.ls_abs_structure_Flack_esd               ? 
_refine.ls_abs_structure_Rogers                  ? 
_refine.ls_abs_structure_Rogers_esd              ? 
_refine.ls_d_res_high                            2.4300 
_refine.ls_d_res_low                             42.2000 
_refine.ls_extinction_coef                       ? 
_refine.ls_extinction_coef_esd                   ? 
_refine.ls_extinction_expression                 ? 
_refine.ls_extinction_method                     ? 
_refine.ls_goodness_of_fit_all                   ? 
_refine.ls_goodness_of_fit_all_esd               ? 
_refine.ls_goodness_of_fit_obs                   ? 
_refine.ls_goodness_of_fit_obs_esd               ? 
_refine.ls_hydrogen_treatment                    ? 
_refine.ls_matrix_type                           ? 
_refine.ls_number_constraints                    ? 
_refine.ls_number_parameters                     ? 
_refine.ls_number_reflns_all                     ? 
_refine.ls_number_reflns_obs                     13651 
_refine.ls_number_reflns_R_free                  1366 
_refine.ls_number_reflns_R_work                  12285 
_refine.ls_number_restraints                     ? 
_refine.ls_percent_reflns_obs                    90.0800 
_refine.ls_percent_reflns_R_free                 10.0100 
_refine.ls_R_factor_all                          ? 
_refine.ls_R_factor_obs                          0.2426 
_refine.ls_R_factor_R_free                       0.2744 
_refine.ls_R_factor_R_free_error                 ? 
_refine.ls_R_factor_R_free_error_details         ? 
_refine.ls_R_factor_R_work                       0.2392 
_refine.ls_R_Fsqd_factor_obs                     ? 
_refine.ls_R_I_factor_obs                        ? 
_refine.ls_redundancy_reflns_all                 ? 
_refine.ls_redundancy_reflns_obs                 ? 
_refine.ls_restrained_S_all                      ? 
_refine.ls_restrained_S_obs                      ? 
_refine.ls_shift_over_esd_max                    ? 
_refine.ls_shift_over_esd_mean                   ? 
_refine.ls_structure_factor_coef                 ? 
_refine.ls_weighting_details                     ? 
_refine.ls_weighting_scheme                      ? 
_refine.ls_wR_factor_all                         ? 
_refine.ls_wR_factor_obs                         ? 
_refine.ls_wR_factor_R_free                      ? 
_refine.ls_wR_factor_R_work                      ? 
_refine.occupancy_max                            ? 
_refine.occupancy_min                            ? 
_refine.solvent_model_details                    'FLAT BULK SOLVENT MODEL' 
_refine.solvent_model_param_bsol                 ? 
_refine.solvent_model_param_ksol                 ? 
_refine.pdbx_R_complete                          ? 
_refine.ls_R_factor_gt                           ? 
_refine.ls_goodness_of_fit_gt                    ? 
_refine.ls_goodness_of_fit_ref                   ? 
_refine.ls_shift_over_su_max                     ? 
_refine.ls_shift_over_su_max_lt                  ? 
_refine.ls_shift_over_su_mean                    ? 
_refine.ls_shift_over_su_mean_lt                 ? 
_refine.pdbx_ls_sigma_I                          ? 
_refine.pdbx_ls_sigma_F                          1.340 
_refine.pdbx_ls_sigma_Fsqd                       ? 
_refine.pdbx_data_cutoff_high_absF               ? 
_refine.pdbx_data_cutoff_high_rms_absF           ? 
_refine.pdbx_data_cutoff_low_absF                ? 
_refine.pdbx_isotropic_thermal_model             ? 
_refine.pdbx_ls_cross_valid_method               THROUGHOUT 
_refine.pdbx_method_to_determine_struct          SAD 
_refine.pdbx_starting_model                      ? 
_refine.pdbx_stereochemistry_target_values       ML 
_refine.pdbx_R_Free_selection_details            ? 
_refine.pdbx_stereochem_target_val_spec_case     ? 
_refine.pdbx_overall_ESU_R                       ? 
_refine.pdbx_overall_ESU_R_Free                  ? 
_refine.pdbx_solvent_vdw_probe_radii             1.1100 
_refine.pdbx_solvent_ion_probe_radii             ? 
_refine.pdbx_solvent_shrinkage_radii             0.9000 
_refine.pdbx_real_space_R                        ? 
_refine.pdbx_density_correlation                 ? 
_refine.pdbx_pd_number_of_powder_patterns        ? 
_refine.pdbx_pd_number_of_points                 ? 
_refine.pdbx_pd_meas_number_of_points            ? 
_refine.pdbx_pd_proc_ls_prof_R_factor            ? 
_refine.pdbx_pd_proc_ls_prof_wR_factor           ? 
_refine.pdbx_pd_Marquardt_correlation_coeff      ? 
_refine.pdbx_pd_Fsqrd_R_factor                   ? 
_refine.pdbx_pd_ls_matrix_band_width             ? 
_refine.pdbx_overall_phase_error                 29.2400 
_refine.pdbx_overall_SU_R_free_Cruickshank_DPI   ? 
_refine.pdbx_overall_SU_R_free_Blow_DPI          ? 
_refine.pdbx_overall_SU_R_Blow_DPI               ? 
_refine.pdbx_TLS_residual_ADP_flag               ? 
_refine.pdbx_diffrn_id                           1 
_refine.overall_SU_B                             ? 
_refine.overall_SU_ML                            0.3900 
_refine.overall_SU_R_Cruickshank_DPI             ? 
_refine.overall_SU_R_free                        ? 
_refine.overall_FOM_free_R_set                   ? 
_refine.overall_FOM_work_R_set                   ? 
_refine.pdbx_average_fsc_overall                 ? 
_refine.pdbx_average_fsc_work                    ? 
_refine.pdbx_average_fsc_free                    ? 
# 
_refine_hist.pdbx_refine_id                   'X-RAY DIFFRACTION' 
_refine_hist.cycle_id                         final 
_refine_hist.details                          ? 
_refine_hist.d_res_high                       2.4300 
_refine_hist.d_res_low                        42.2000 
_refine_hist.number_atoms_solvent             24 
_refine_hist.number_atoms_total               1418 
_refine_hist.number_reflns_all                ? 
_refine_hist.number_reflns_obs                ? 
_refine_hist.number_reflns_R_free             ? 
_refine_hist.number_reflns_R_work             ? 
_refine_hist.R_factor_all                     ? 
_refine_hist.R_factor_obs                     ? 
_refine_hist.R_factor_R_free                  ? 
_refine_hist.R_factor_R_work                  ? 
_refine_hist.pdbx_number_residues_total       170 
_refine_hist.pdbx_B_iso_mean_ligand           ? 
_refine_hist.pdbx_B_iso_mean_solvent          61.67 
_refine_hist.pdbx_number_atoms_protein        1394 
_refine_hist.pdbx_number_atoms_nucleic_acid   0 
_refine_hist.pdbx_number_atoms_ligand         0 
_refine_hist.pdbx_number_atoms_lipid          ? 
_refine_hist.pdbx_number_atoms_carb           ? 
_refine_hist.pdbx_pseudo_atom_details         ? 
# 
loop_
_refine_ls_shell.pdbx_refine_id 
_refine_ls_shell.d_res_high 
_refine_ls_shell.d_res_low 
_refine_ls_shell.number_reflns_all 
_refine_ls_shell.number_reflns_obs 
_refine_ls_shell.number_reflns_R_free 
_refine_ls_shell.number_reflns_R_work 
_refine_ls_shell.percent_reflns_obs 
_refine_ls_shell.percent_reflns_R_free 
_refine_ls_shell.R_factor_all 
_refine_ls_shell.R_factor_obs 
_refine_ls_shell.R_factor_R_free 
_refine_ls_shell.R_factor_R_free_error 
_refine_ls_shell.R_factor_R_work 
_refine_ls_shell.redundancy_reflns_all 
_refine_ls_shell.redundancy_reflns_obs 
_refine_ls_shell.wR_factor_all 
_refine_ls_shell.wR_factor_obs 
_refine_ls_shell.wR_factor_R_free 
_refine_ls_shell.wR_factor_R_work 
_refine_ls_shell.pdbx_R_complete 
_refine_ls_shell.pdbx_total_number_of_bins_used 
_refine_ls_shell.pdbx_phase_error 
_refine_ls_shell.pdbx_fsc_work 
_refine_ls_shell.pdbx_fsc_free 
'X-RAY DIFFRACTION' 2.4300 2.5200  1293 . 130 1163 88.0000 . . . 0.4400 0.0000 0.3965 . . . . . . . 10 . . . 
'X-RAY DIFFRACTION' 2.5200 2.6200  1372 . 137 1235 93.0000 . . . 0.4130 0.0000 0.3488 . . . . . . . 10 . . . 
'X-RAY DIFFRACTION' 2.6200 2.7400  1367 . 137 1230 92.0000 . . . 0.3174 0.0000 0.2962 . . . . . . . 10 . . . 
'X-RAY DIFFRACTION' 2.7400 2.8800  1356 . 135 1221 92.0000 . . . 0.3199 0.0000 0.3036 . . . . . . . 10 . . . 
'X-RAY DIFFRACTION' 2.8800 3.0600  1365 . 137 1228 91.0000 . . . 0.3478 0.0000 0.3194 . . . . . . . 10 . . . 
'X-RAY DIFFRACTION' 3.0600 3.3000  1379 . 137 1242 91.0000 . . . 0.3753 0.0000 0.2713 . . . . . . . 10 . . . 
'X-RAY DIFFRACTION' 3.3000 3.6300  1348 . 135 1213 90.0000 . . . 0.3277 0.0000 0.2673 . . . . . . . 10 . . . 
'X-RAY DIFFRACTION' 3.6300 4.1500  1368 . 137 1231 90.0000 . . . 0.2534 0.0000 0.2326 . . . . . . . 10 . . . 
'X-RAY DIFFRACTION' 4.1500 5.2300  1374 . 138 1236 89.0000 . . . 0.1993 0.0000 0.1691 . . . . . . . 10 . . . 
'X-RAY DIFFRACTION' 5.2300 42.2000 1429 . 143 1286 86.0000 . . . 0.2278 0.0000 0.2104 . . . . . . . 10 . . . 
# 
_struct.entry_id                     5BKH 
_struct.title                        
'The splicing activity and an alternative domain-swapped structure of the Pyrococcus horikoshii PolII mini-intein' 
_struct.pdbx_model_details           ? 
_struct.pdbx_formula_weight          ? 
_struct.pdbx_formula_weight_method   ? 
_struct.pdbx_model_type_details      ? 
_struct.pdbx_CASP_flag               N 
# 
_struct_keywords.entry_id        5BKH 
_struct_keywords.text            'Intein, HYDROLASE' 
_struct_keywords.pdbx_keywords   HYDROLASE 
# 
loop_
_struct_asym.id 
_struct_asym.pdbx_blank_PDB_chainid_flag 
_struct_asym.pdbx_modified 
_struct_asym.entity_id 
_struct_asym.details 
A N N 1 ? 
B N N 2 ? 
# 
_struct_ref.id                         1 
_struct_ref.db_name                    UNP 
_struct_ref.db_code                    DP2L_PYRHO 
_struct_ref.pdbx_db_accession          O57861 
_struct_ref.pdbx_db_isoform            ? 
_struct_ref.entity_id                  1 
_struct_ref.pdbx_seq_one_letter_code   
;HAAKRRNCFPGDTRILVQINGTPQRVTLKELYELFDEEHYESMVYVRKKPKVDIKVYSFNPEEGKVVLTDIEEVIKAPAT
DHLIRFELELGSSFETTVDHPVLVYENGKFVEKRAFEVREGNIIIIIDESTLEPLKVAVKKIEFIEPPEDFVFSLNAKKY
HTVIINENIVTHQCDGDED
;
_struct_ref.pdbx_align_begin           945 
# 
_struct_ref_seq.align_id                      1 
_struct_ref_seq.ref_id                        1 
_struct_ref_seq.pdbx_PDB_id_code              5BKH 
_struct_ref_seq.pdbx_strand_id                A 
_struct_ref_seq.seq_align_beg                 2 
_struct_ref_seq.pdbx_seq_align_beg_ins_code   ? 
_struct_ref_seq.seq_align_end                 180 
_struct_ref_seq.pdbx_seq_align_end_ins_code   ? 
_struct_ref_seq.pdbx_db_accession             O57861 
_struct_ref_seq.db_align_beg                  945 
_struct_ref_seq.pdbx_db_align_beg_ins_code    ? 
_struct_ref_seq.db_align_end                  1123 
_struct_ref_seq.pdbx_db_align_end_ins_code    ? 
_struct_ref_seq.pdbx_auth_seq_align_beg       -7 
_struct_ref_seq.pdbx_auth_seq_align_end       172 
# 
loop_
_struct_ref_seq_dif.align_id 
_struct_ref_seq_dif.pdbx_pdb_id_code 
_struct_ref_seq_dif.mon_id 
_struct_ref_seq_dif.pdbx_pdb_strand_id 
_struct_ref_seq_dif.seq_num 
_struct_ref_seq_dif.pdbx_pdb_ins_code 
_struct_ref_seq_dif.pdbx_seq_db_name 
_struct_ref_seq_dif.pdbx_seq_db_accession_code 
_struct_ref_seq_dif.db_mon_id 
_struct_ref_seq_dif.pdbx_seq_db_seq_num 
_struct_ref_seq_dif.details 
_struct_ref_seq_dif.pdbx_auth_seq_num 
_struct_ref_seq_dif.pdbx_ordinal 
1 5BKH MET A 1   ? UNP O57861 ? ? 'initiating methionine' -8  1 
1 5BKH HIS A 181 ? UNP O57861 ? ? 'expression tag'        173 2 
1 5BKH HIS A 182 ? UNP O57861 ? ? 'expression tag'        174 3 
1 5BKH HIS A 183 ? UNP O57861 ? ? 'expression tag'        175 4 
1 5BKH HIS A 184 ? UNP O57861 ? ? 'expression tag'        176 5 
1 5BKH HIS A 185 ? UNP O57861 ? ? 'expression tag'        177 6 
1 5BKH HIS A 186 ? UNP O57861 ? ? 'expression tag'        178 7 
# 
_pdbx_struct_assembly.id                   1 
_pdbx_struct_assembly.details              author_and_software_defined_assembly 
_pdbx_struct_assembly.method_details       PISA 
_pdbx_struct_assembly.oligomeric_details   hexameric 
_pdbx_struct_assembly.oligomeric_count     6 
# 
loop_
_pdbx_struct_assembly_prop.biol_id 
_pdbx_struct_assembly_prop.type 
_pdbx_struct_assembly_prop.value 
_pdbx_struct_assembly_prop.details 
1 'ABSA (A^2)' 13580 ? 
1 MORE         -75   ? 
1 'SSA (A^2)'  49080 ? 
# 
_pdbx_struct_assembly_gen.assembly_id       1 
_pdbx_struct_assembly_gen.oper_expression   1,2,3,4,5,6 
_pdbx_struct_assembly_gen.asym_id_list      A,B 
# 
_pdbx_struct_assembly_auth_evidence.id                     1 
_pdbx_struct_assembly_auth_evidence.assembly_id            1 
_pdbx_struct_assembly_auth_evidence.experimental_support   none 
_pdbx_struct_assembly_auth_evidence.details                ? 
# 
loop_
_pdbx_struct_oper_list.id 
_pdbx_struct_oper_list.type 
_pdbx_struct_oper_list.name 
_pdbx_struct_oper_list.symmetry_operation 
_pdbx_struct_oper_list.matrix[1][1] 
_pdbx_struct_oper_list.matrix[1][2] 
_pdbx_struct_oper_list.matrix[1][3] 
_pdbx_struct_oper_list.vector[1] 
_pdbx_struct_oper_list.matrix[2][1] 
_pdbx_struct_oper_list.matrix[2][2] 
_pdbx_struct_oper_list.matrix[2][3] 
_pdbx_struct_oper_list.vector[2] 
_pdbx_struct_oper_list.matrix[3][1] 
_pdbx_struct_oper_list.matrix[3][2] 
_pdbx_struct_oper_list.matrix[3][3] 
_pdbx_struct_oper_list.vector[3] 
1 'identity operation'         1_555  x,y,z            1.0000000000  0.0000000000  0.0000000000  0.0000000000   0.0000000000  1.0000000000  0.0000000000  0.0000000000   0.0000000000  0.0000000000  1.0000000000  0.0000000000   
2 'crystal symmetry operation' 2_665  -y+1,x-y+1,z     -0.4823511003 0.1935742398  0.8543222049  -35.8637001697 -0.4904449984 0.7484099412  -0.4464820976 -9.9025131295  -0.7258106637 -0.6343591834 -0.2660588409 -13.0249538383 
3 'crystal symmetry operation' 3_565  -x+y,-x+1,z      -0.4823511003 -0.4904449984 -0.7258106637 -31.6091836655 0.1935742398  0.7484099412  -0.6343591834 6.0909286841   0.8543222049  -0.4464820976 -0.2660588409 22.7524564488  
4 'crystal symmetry operation' 10_665 -y+1,-x+1,-z+1/2 -0.9938212411 -0.0434736651 -0.1021243417 -42.9820192026 -0.0434736651 -0.6941198722 0.7185455055  -18.7909370234 -0.1021243417 0.7185455055  0.6879411134  5.3986675564   
5 'crystal symmetry operation' 11_555 -x+y,y,-z+1/2    0.5748151470  -0.1601308004 -0.8024622567 -5.5792488125  -0.1601308004 -0.9837175345 0.0815961948  -19.7173014228 -0.8024622567 0.0815961948  -0.5910976125 -7.0145832198  
6 'crystal symmetry operation' 12_565 x,x-y+1,-z+1/2   0.3837082947  0.5004752241  0.7760750573  -14.1565156944 0.5004752241  -0.8189824756 0.2806995808  -5.2959292785  0.7760750573  0.2806995808  -0.5647258191 28.6556942804 
# 
loop_
_struct_conf.conf_type_id 
_struct_conf.id 
_struct_conf.pdbx_PDB_helix_id 
_struct_conf.beg_label_comp_id 
_struct_conf.beg_label_asym_id 
_struct_conf.beg_label_seq_id 
_struct_conf.pdbx_beg_PDB_ins_code 
_struct_conf.end_label_comp_id 
_struct_conf.end_label_asym_id 
_struct_conf.end_label_seq_id 
_struct_conf.pdbx_end_PDB_ins_code 
_struct_conf.beg_auth_comp_id 
_struct_conf.beg_auth_asym_id 
_struct_conf.beg_auth_seq_id 
_struct_conf.end_auth_comp_id 
_struct_conf.end_auth_asym_id 
_struct_conf.end_auth_seq_id 
_struct_conf.pdbx_PDB_helix_class 
_struct_conf.details 
_struct_conf.pdbx_PDB_helix_length 
HELX_P HELX_P1 AA1 LEU A 29  ? LEU A 35  ? LEU A 21  LEU A 27  1 ? 7 
HELX_P HELX_P2 AA2 PHE A 117 ? VAL A 119 ? PHE A 109 VAL A 111 5 ? 3 
HELX_P HELX_P3 AA3 PRO A 148 ? ASP A 151 ? PRO A 140 ASP A 143 5 ? 4 
# 
_struct_conf_type.id          HELX_P 
_struct_conf_type.criteria    ? 
_struct_conf_type.reference   ? 
# 
loop_
_struct_sheet.id 
_struct_sheet.type 
_struct_sheet.number_strands 
_struct_sheet.details 
AA1 ? 5 ? 
AA2 ? 4 ? 
AA3 ? 2 ? 
AA4 ? 6 ? 
AA5 ? 2 ? 
# 
loop_
_struct_sheet_order.sheet_id 
_struct_sheet_order.range_id_1 
_struct_sheet_order.range_id_2 
_struct_sheet_order.offset 
_struct_sheet_order.sense 
AA1 1 2 ? anti-parallel 
AA1 2 3 ? anti-parallel 
AA1 3 4 ? anti-parallel 
AA1 4 5 ? anti-parallel 
AA2 1 2 ? anti-parallel 
AA2 2 3 ? anti-parallel 
AA2 3 4 ? anti-parallel 
AA3 1 2 ? anti-parallel 
AA4 1 2 ? anti-parallel 
AA4 2 3 ? anti-parallel 
AA4 3 4 ? anti-parallel 
AA4 4 5 ? anti-parallel 
AA4 5 6 ? anti-parallel 
AA5 1 2 ? anti-parallel 
# 
loop_
_struct_sheet_range.sheet_id 
_struct_sheet_range.id 
_struct_sheet_range.beg_label_comp_id 
_struct_sheet_range.beg_label_asym_id 
_struct_sheet_range.beg_label_seq_id 
_struct_sheet_range.pdbx_beg_PDB_ins_code 
_struct_sheet_range.end_label_comp_id 
_struct_sheet_range.end_label_asym_id 
_struct_sheet_range.end_label_seq_id 
_struct_sheet_range.pdbx_end_PDB_ins_code 
_struct_sheet_range.beg_auth_comp_id 
_struct_sheet_range.beg_auth_asym_id 
_struct_sheet_range.beg_auth_seq_id 
_struct_sheet_range.end_auth_comp_id 
_struct_sheet_range.end_auth_asym_id 
_struct_sheet_range.end_auth_seq_id 
AA1 1 PHE A 10  ? PRO A 11  ? PHE A 2   PRO A 3   
AA1 2 VAL A 153 ? ALA A 158 ? VAL A 145 ALA A 150 
AA1 3 ILE A 72  ? ALA A 78  ? ILE A 64  ALA A 70  
AA1 4 VAL A 45  ? ARG A 48  ? VAL A 37  ARG A 40  
AA1 5 HIS A 40  ? GLU A 42  ? HIS A 32  GLU A 34  
AA2 1 THR A 23  ? THR A 28  ? THR A 15  THR A 20  
AA2 2 ARG A 15  ? ILE A 20  ? ARG A 7   ILE A 12  
AA2 3 ILE A 55  ? ASN A 61  ? ILE A 47  ASN A 53  
AA2 4 LYS A 66  ? THR A 70  ? LYS A 58  THR A 62  
AA3 1 PHE A 36  ? ASP A 37  ? PHE A 28  ASP A 29  
AA3 2 LYS A 50  ? PRO A 51  ? LYS A 42  PRO A 43  
AA4 1 SER A 94  ? THR A 97  ? SER A 86  THR A 89  
AA4 2 LEU A 84  ? LEU A 89  ? LEU A 76  LEU A 81  
AA4 3 PRO A 135 ? ILE A 146 ? PRO A 127 ILE A 138 
AA4 4 ILE A 124 ? ILE A 128 ? ILE A 116 ILE A 120 
AA4 5 PRO A 102 ? GLU A 107 ? PRO A 94  GLU A 99  
AA4 6 LYS A 110 ? ARG A 115 ? LYS A 102 ARG A 107 
AA5 1 VAL A 164 ? ILE A 166 ? VAL A 156 ILE A 158 
AA5 2 ASN A 169 ? VAL A 171 ? ASN A 161 VAL A 163 
# 
loop_
_pdbx_struct_sheet_hbond.sheet_id 
_pdbx_struct_sheet_hbond.range_id_1 
_pdbx_struct_sheet_hbond.range_id_2 
_pdbx_struct_sheet_hbond.range_1_label_atom_id 
_pdbx_struct_sheet_hbond.range_1_label_comp_id 
_pdbx_struct_sheet_hbond.range_1_label_asym_id 
_pdbx_struct_sheet_hbond.range_1_label_seq_id 
_pdbx_struct_sheet_hbond.range_1_PDB_ins_code 
_pdbx_struct_sheet_hbond.range_1_auth_atom_id 
_pdbx_struct_sheet_hbond.range_1_auth_comp_id 
_pdbx_struct_sheet_hbond.range_1_auth_asym_id 
_pdbx_struct_sheet_hbond.range_1_auth_seq_id 
_pdbx_struct_sheet_hbond.range_2_label_atom_id 
_pdbx_struct_sheet_hbond.range_2_label_comp_id 
_pdbx_struct_sheet_hbond.range_2_label_asym_id 
_pdbx_struct_sheet_hbond.range_2_label_seq_id 
_pdbx_struct_sheet_hbond.range_2_PDB_ins_code 
_pdbx_struct_sheet_hbond.range_2_auth_atom_id 
_pdbx_struct_sheet_hbond.range_2_auth_comp_id 
_pdbx_struct_sheet_hbond.range_2_auth_asym_id 
_pdbx_struct_sheet_hbond.range_2_auth_seq_id 
AA1 1 2 N PHE A 10  ? N PHE A 2   O PHE A 154 ? O PHE A 146 
AA1 2 3 O VAL A 153 ? O VAL A 145 N ALA A 78  ? N ALA A 70  
AA1 3 4 O LYS A 77  ? O LYS A 69  N TYR A 46  ? N TYR A 38  
AA1 4 5 O VAL A 47  ? O VAL A 39  N HIS A 40  ? N HIS A 32  
AA2 1 2 O GLN A 25  ? O GLN A 17  N VAL A 18  ? N VAL A 10  
AA2 2 3 N GLN A 19  ? N GLN A 11  O LYS A 56  ? O LYS A 48  
AA2 3 4 N SER A 59  ? N SER A 51  O VAL A 68  ? O VAL A 60  
AA3 1 2 N ASP A 37  ? N ASP A 29  O LYS A 50  ? O LYS A 42  
AA4 1 2 O PHE A 95  ? O PHE A 87  N PHE A 87  ? N PHE A 79  
AA4 2 3 N GLU A 88  ? N GLU A 80  O LYS A 142 ? O LYS A 134 
AA4 3 4 O LEU A 136 ? O LEU A 128 N ILE A 127 ? N ILE A 119 
AA4 4 5 O ILE A 124 ? O ILE A 116 N TYR A 106 ? N TYR A 98  
AA4 5 6 N VAL A 103 ? N VAL A 95  O LYS A 114 ? O LYS A 106 
AA5 1 2 N VAL A 164 ? N VAL A 156 O VAL A 171 ? O VAL A 163 
# 
loop_
_pdbx_validate_torsion.id 
_pdbx_validate_torsion.PDB_model_num 
_pdbx_validate_torsion.auth_comp_id 
_pdbx_validate_torsion.auth_asym_id 
_pdbx_validate_torsion.auth_seq_id 
_pdbx_validate_torsion.PDB_ins_code 
_pdbx_validate_torsion.label_alt_id 
_pdbx_validate_torsion.phi 
_pdbx_validate_torsion.psi 
1 1 ASP A 29  ? ? -151.56 -157.38 
2 1 SER A 35  ? ? 53.41   -110.11 
3 1 ASP A 46  ? ? -54.32  106.13  
4 1 LYS A 152 ? ? 64.96   -73.79  
5 1 ASN A 159 ? ? 55.54   -111.67 
6 1 GLN A 166 ? ? -140.32 41.82   
# 
_pdbx_struct_special_symmetry.id              1 
_pdbx_struct_special_symmetry.PDB_model_num   1 
_pdbx_struct_special_symmetry.auth_asym_id    A 
_pdbx_struct_special_symmetry.auth_comp_id    HOH 
_pdbx_struct_special_symmetry.auth_seq_id     219 
_pdbx_struct_special_symmetry.PDB_ins_code    ? 
_pdbx_struct_special_symmetry.label_asym_id   B 
_pdbx_struct_special_symmetry.label_comp_id   HOH 
_pdbx_struct_special_symmetry.label_seq_id    . 
# 
_phasing.method   SAD 
# 
loop_
_pdbx_unobs_or_zero_occ_residues.id 
_pdbx_unobs_or_zero_occ_residues.PDB_model_num 
_pdbx_unobs_or_zero_occ_residues.polymer_flag 
_pdbx_unobs_or_zero_occ_residues.occupancy_flag 
_pdbx_unobs_or_zero_occ_residues.auth_asym_id 
_pdbx_unobs_or_zero_occ_residues.auth_comp_id 
_pdbx_unobs_or_zero_occ_residues.auth_seq_id 
_pdbx_unobs_or_zero_occ_residues.PDB_ins_code 
_pdbx_unobs_or_zero_occ_residues.label_asym_id 
_pdbx_unobs_or_zero_occ_residues.label_comp_id 
_pdbx_unobs_or_zero_occ_residues.label_seq_id 
1  1 Y 1 A MET -8  ? A MET 1   
2  1 Y 1 A HIS -7  ? A HIS 2   
3  1 Y 1 A ALA -6  ? A ALA 3   
4  1 Y 1 A ALA -5  ? A ALA 4   
5  1 Y 1 A LYS -4  ? A LYS 5   
6  1 Y 1 A ASP 168 ? A ASP 176 
7  1 Y 1 A GLY 169 ? A GLY 177 
8  1 Y 1 A ASP 170 ? A ASP 178 
9  1 Y 1 A GLU 171 ? A GLU 179 
10 1 Y 1 A ASP 172 ? A ASP 180 
11 1 Y 1 A HIS 173 ? A HIS 181 
12 1 Y 1 A HIS 174 ? A HIS 182 
13 1 Y 1 A HIS 175 ? A HIS 183 
14 1 Y 1 A HIS 176 ? A HIS 184 
15 1 Y 1 A HIS 177 ? A HIS 185 
16 1 Y 1 A HIS 178 ? A HIS 186 
# 
loop_
_chem_comp_atom.comp_id 
_chem_comp_atom.atom_id 
_chem_comp_atom.type_symbol 
_chem_comp_atom.pdbx_aromatic_flag 
_chem_comp_atom.pdbx_stereo_config 
_chem_comp_atom.pdbx_ordinal 
ALA N    N N N 1   
ALA CA   C N S 2   
ALA C    C N N 3   
ALA O    O N N 4   
ALA CB   C N N 5   
ALA OXT  O N N 6   
ALA H    H N N 7   
ALA H2   H N N 8   
ALA HA   H N N 9   
ALA HB1  H N N 10  
ALA HB2  H N N 11  
ALA HB3  H N N 12  
ALA HXT  H N N 13  
ARG N    N N N 14  
ARG CA   C N S 15  
ARG C    C N N 16  
ARG O    O N N 17  
ARG CB   C N N 18  
ARG CG   C N N 19  
ARG CD   C N N 20  
ARG NE   N N N 21  
ARG CZ   C N N 22  
ARG NH1  N N N 23  
ARG NH2  N N N 24  
ARG OXT  O N N 25  
ARG H    H N N 26  
ARG H2   H N N 27  
ARG HA   H N N 28  
ARG HB2  H N N 29  
ARG HB3  H N N 30  
ARG HG2  H N N 31  
ARG HG3  H N N 32  
ARG HD2  H N N 33  
ARG HD3  H N N 34  
ARG HE   H N N 35  
ARG HH11 H N N 36  
ARG HH12 H N N 37  
ARG HH21 H N N 38  
ARG HH22 H N N 39  
ARG HXT  H N N 40  
ASN N    N N N 41  
ASN CA   C N S 42  
ASN C    C N N 43  
ASN O    O N N 44  
ASN CB   C N N 45  
ASN CG   C N N 46  
ASN OD1  O N N 47  
ASN ND2  N N N 48  
ASN OXT  O N N 49  
ASN H    H N N 50  
ASN H2   H N N 51  
ASN HA   H N N 52  
ASN HB2  H N N 53  
ASN HB3  H N N 54  
ASN HD21 H N N 55  
ASN HD22 H N N 56  
ASN HXT  H N N 57  
ASP N    N N N 58  
ASP CA   C N S 59  
ASP C    C N N 60  
ASP O    O N N 61  
ASP CB   C N N 62  
ASP CG   C N N 63  
ASP OD1  O N N 64  
ASP OD2  O N N 65  
ASP OXT  O N N 66  
ASP H    H N N 67  
ASP H2   H N N 68  
ASP HA   H N N 69  
ASP HB2  H N N 70  
ASP HB3  H N N 71  
ASP HD2  H N N 72  
ASP HXT  H N N 73  
CYS N    N N N 74  
CYS CA   C N R 75  
CYS C    C N N 76  
CYS O    O N N 77  
CYS CB   C N N 78  
CYS SG   S N N 79  
CYS OXT  O N N 80  
CYS H    H N N 81  
CYS H2   H N N 82  
CYS HA   H N N 83  
CYS HB2  H N N 84  
CYS HB3  H N N 85  
CYS HG   H N N 86  
CYS HXT  H N N 87  
GLN N    N N N 88  
GLN CA   C N S 89  
GLN C    C N N 90  
GLN O    O N N 91  
GLN CB   C N N 92  
GLN CG   C N N 93  
GLN CD   C N N 94  
GLN OE1  O N N 95  
GLN NE2  N N N 96  
GLN OXT  O N N 97  
GLN H    H N N 98  
GLN H2   H N N 99  
GLN HA   H N N 100 
GLN HB2  H N N 101 
GLN HB3  H N N 102 
GLN HG2  H N N 103 
GLN HG3  H N N 104 
GLN HE21 H N N 105 
GLN HE22 H N N 106 
GLN HXT  H N N 107 
GLU N    N N N 108 
GLU CA   C N S 109 
GLU C    C N N 110 
GLU O    O N N 111 
GLU CB   C N N 112 
GLU CG   C N N 113 
GLU CD   C N N 114 
GLU OE1  O N N 115 
GLU OE2  O N N 116 
GLU OXT  O N N 117 
GLU H    H N N 118 
GLU H2   H N N 119 
GLU HA   H N N 120 
GLU HB2  H N N 121 
GLU HB3  H N N 122 
GLU HG2  H N N 123 
GLU HG3  H N N 124 
GLU HE2  H N N 125 
GLU HXT  H N N 126 
GLY N    N N N 127 
GLY CA   C N N 128 
GLY C    C N N 129 
GLY O    O N N 130 
GLY OXT  O N N 131 
GLY H    H N N 132 
GLY H2   H N N 133 
GLY HA2  H N N 134 
GLY HA3  H N N 135 
GLY HXT  H N N 136 
HIS N    N N N 137 
HIS CA   C N S 138 
HIS C    C N N 139 
HIS O    O N N 140 
HIS CB   C N N 141 
HIS CG   C Y N 142 
HIS ND1  N Y N 143 
HIS CD2  C Y N 144 
HIS CE1  C Y N 145 
HIS NE2  N Y N 146 
HIS OXT  O N N 147 
HIS H    H N N 148 
HIS H2   H N N 149 
HIS HA   H N N 150 
HIS HB2  H N N 151 
HIS HB3  H N N 152 
HIS HD1  H N N 153 
HIS HD2  H N N 154 
HIS HE1  H N N 155 
HIS HE2  H N N 156 
HIS HXT  H N N 157 
HOH O    O N N 158 
HOH H1   H N N 159 
HOH H2   H N N 160 
ILE N    N N N 161 
ILE CA   C N S 162 
ILE C    C N N 163 
ILE O    O N N 164 
ILE CB   C N S 165 
ILE CG1  C N N 166 
ILE CG2  C N N 167 
ILE CD1  C N N 168 
ILE OXT  O N N 169 
ILE H    H N N 170 
ILE H2   H N N 171 
ILE HA   H N N 172 
ILE HB   H N N 173 
ILE HG12 H N N 174 
ILE HG13 H N N 175 
ILE HG21 H N N 176 
ILE HG22 H N N 177 
ILE HG23 H N N 178 
ILE HD11 H N N 179 
ILE HD12 H N N 180 
ILE HD13 H N N 181 
ILE HXT  H N N 182 
LEU N    N N N 183 
LEU CA   C N S 184 
LEU C    C N N 185 
LEU O    O N N 186 
LEU CB   C N N 187 
LEU CG   C N N 188 
LEU CD1  C N N 189 
LEU CD2  C N N 190 
LEU OXT  O N N 191 
LEU H    H N N 192 
LEU H2   H N N 193 
LEU HA   H N N 194 
LEU HB2  H N N 195 
LEU HB3  H N N 196 
LEU HG   H N N 197 
LEU HD11 H N N 198 
LEU HD12 H N N 199 
LEU HD13 H N N 200 
LEU HD21 H N N 201 
LEU HD22 H N N 202 
LEU HD23 H N N 203 
LEU HXT  H N N 204 
LYS N    N N N 205 
LYS CA   C N S 206 
LYS C    C N N 207 
LYS O    O N N 208 
LYS CB   C N N 209 
LYS CG   C N N 210 
LYS CD   C N N 211 
LYS CE   C N N 212 
LYS NZ   N N N 213 
LYS OXT  O N N 214 
LYS H    H N N 215 
LYS H2   H N N 216 
LYS HA   H N N 217 
LYS HB2  H N N 218 
LYS HB3  H N N 219 
LYS HG2  H N N 220 
LYS HG3  H N N 221 
LYS HD2  H N N 222 
LYS HD3  H N N 223 
LYS HE2  H N N 224 
LYS HE3  H N N 225 
LYS HZ1  H N N 226 
LYS HZ2  H N N 227 
LYS HZ3  H N N 228 
LYS HXT  H N N 229 
MET N    N N N 230 
MET CA   C N S 231 
MET C    C N N 232 
MET O    O N N 233 
MET CB   C N N 234 
MET CG   C N N 235 
MET SD   S N N 236 
MET CE   C N N 237 
MET OXT  O N N 238 
MET H    H N N 239 
MET H2   H N N 240 
MET HA   H N N 241 
MET HB2  H N N 242 
MET HB3  H N N 243 
MET HG2  H N N 244 
MET HG3  H N N 245 
MET HE1  H N N 246 
MET HE2  H N N 247 
MET HE3  H N N 248 
MET HXT  H N N 249 
PHE N    N N N 250 
PHE CA   C N S 251 
PHE C    C N N 252 
PHE O    O N N 253 
PHE CB   C N N 254 
PHE CG   C Y N 255 
PHE CD1  C Y N 256 
PHE CD2  C Y N 257 
PHE CE1  C Y N 258 
PHE CE2  C Y N 259 
PHE CZ   C Y N 260 
PHE OXT  O N N 261 
PHE H    H N N 262 
PHE H2   H N N 263 
PHE HA   H N N 264 
PHE HB2  H N N 265 
PHE HB3  H N N 266 
PHE HD1  H N N 267 
PHE HD2  H N N 268 
PHE HE1  H N N 269 
PHE HE2  H N N 270 
PHE HZ   H N N 271 
PHE HXT  H N N 272 
PRO N    N N N 273 
PRO CA   C N S 274 
PRO C    C N N 275 
PRO O    O N N 276 
PRO CB   C N N 277 
PRO CG   C N N 278 
PRO CD   C N N 279 
PRO OXT  O N N 280 
PRO H    H N N 281 
PRO HA   H N N 282 
PRO HB2  H N N 283 
PRO HB3  H N N 284 
PRO HG2  H N N 285 
PRO HG3  H N N 286 
PRO HD2  H N N 287 
PRO HD3  H N N 288 
PRO HXT  H N N 289 
SER N    N N N 290 
SER CA   C N S 291 
SER C    C N N 292 
SER O    O N N 293 
SER CB   C N N 294 
SER OG   O N N 295 
SER OXT  O N N 296 
SER H    H N N 297 
SER H2   H N N 298 
SER HA   H N N 299 
SER HB2  H N N 300 
SER HB3  H N N 301 
SER HG   H N N 302 
SER HXT  H N N 303 
THR N    N N N 304 
THR CA   C N S 305 
THR C    C N N 306 
THR O    O N N 307 
THR CB   C N R 308 
THR OG1  O N N 309 
THR CG2  C N N 310 
THR OXT  O N N 311 
THR H    H N N 312 
THR H2   H N N 313 
THR HA   H N N 314 
THR HB   H N N 315 
THR HG1  H N N 316 
THR HG21 H N N 317 
THR HG22 H N N 318 
THR HG23 H N N 319 
THR HXT  H N N 320 
TYR N    N N N 321 
TYR CA   C N S 322 
TYR C    C N N 323 
TYR O    O N N 324 
TYR CB   C N N 325 
TYR CG   C Y N 326 
TYR CD1  C Y N 327 
TYR CD2  C Y N 328 
TYR CE1  C Y N 329 
TYR CE2  C Y N 330 
TYR CZ   C Y N 331 
TYR OH   O N N 332 
TYR OXT  O N N 333 
TYR H    H N N 334 
TYR H2   H N N 335 
TYR HA   H N N 336 
TYR HB2  H N N 337 
TYR HB3  H N N 338 
TYR HD1  H N N 339 
TYR HD2  H N N 340 
TYR HE1  H N N 341 
TYR HE2  H N N 342 
TYR HH   H N N 343 
TYR HXT  H N N 344 
VAL N    N N N 345 
VAL CA   C N S 346 
VAL C    C N N 347 
VAL O    O N N 348 
VAL CB   C N N 349 
VAL CG1  C N N 350 
VAL CG2  C N N 351 
VAL OXT  O N N 352 
VAL H    H N N 353 
VAL H2   H N N 354 
VAL HA   H N N 355 
VAL HB   H N N 356 
VAL HG11 H N N 357 
VAL HG12 H N N 358 
VAL HG13 H N N 359 
VAL HG21 H N N 360 
VAL HG22 H N N 361 
VAL HG23 H N N 362 
VAL HXT  H N N 363 
# 
loop_
_chem_comp_bond.comp_id 
_chem_comp_bond.atom_id_1 
_chem_comp_bond.atom_id_2 
_chem_comp_bond.value_order 
_chem_comp_bond.pdbx_aromatic_flag 
_chem_comp_bond.pdbx_stereo_config 
_chem_comp_bond.pdbx_ordinal 
ALA N   CA   sing N N 1   
ALA N   H    sing N N 2   
ALA N   H2   sing N N 3   
ALA CA  C    sing N N 4   
ALA CA  CB   sing N N 5   
ALA CA  HA   sing N N 6   
ALA C   O    doub N N 7   
ALA C   OXT  sing N N 8   
ALA CB  HB1  sing N N 9   
ALA CB  HB2  sing N N 10  
ALA CB  HB3  sing N N 11  
ALA OXT HXT  sing N N 12  
ARG N   CA   sing N N 13  
ARG N   H    sing N N 14  
ARG N   H2   sing N N 15  
ARG CA  C    sing N N 16  
ARG CA  CB   sing N N 17  
ARG CA  HA   sing N N 18  
ARG C   O    doub N N 19  
ARG C   OXT  sing N N 20  
ARG CB  CG   sing N N 21  
ARG CB  HB2  sing N N 22  
ARG CB  HB3  sing N N 23  
ARG CG  CD   sing N N 24  
ARG CG  HG2  sing N N 25  
ARG CG  HG3  sing N N 26  
ARG CD  NE   sing N N 27  
ARG CD  HD2  sing N N 28  
ARG CD  HD3  sing N N 29  
ARG NE  CZ   sing N N 30  
ARG NE  HE   sing N N 31  
ARG CZ  NH1  sing N N 32  
ARG CZ  NH2  doub N N 33  
ARG NH1 HH11 sing N N 34  
ARG NH1 HH12 sing N N 35  
ARG NH2 HH21 sing N N 36  
ARG NH2 HH22 sing N N 37  
ARG OXT HXT  sing N N 38  
ASN N   CA   sing N N 39  
ASN N   H    sing N N 40  
ASN N   H2   sing N N 41  
ASN CA  C    sing N N 42  
ASN CA  CB   sing N N 43  
ASN CA  HA   sing N N 44  
ASN C   O    doub N N 45  
ASN C   OXT  sing N N 46  
ASN CB  CG   sing N N 47  
ASN CB  HB2  sing N N 48  
ASN CB  HB3  sing N N 49  
ASN CG  OD1  doub N N 50  
ASN CG  ND2  sing N N 51  
ASN ND2 HD21 sing N N 52  
ASN ND2 HD22 sing N N 53  
ASN OXT HXT  sing N N 54  
ASP N   CA   sing N N 55  
ASP N   H    sing N N 56  
ASP N   H2   sing N N 57  
ASP CA  C    sing N N 58  
ASP CA  CB   sing N N 59  
ASP CA  HA   sing N N 60  
ASP C   O    doub N N 61  
ASP C   OXT  sing N N 62  
ASP CB  CG   sing N N 63  
ASP CB  HB2  sing N N 64  
ASP CB  HB3  sing N N 65  
ASP CG  OD1  doub N N 66  
ASP CG  OD2  sing N N 67  
ASP OD2 HD2  sing N N 68  
ASP OXT HXT  sing N N 69  
CYS N   CA   sing N N 70  
CYS N   H    sing N N 71  
CYS N   H2   sing N N 72  
CYS CA  C    sing N N 73  
CYS CA  CB   sing N N 74  
CYS CA  HA   sing N N 75  
CYS C   O    doub N N 76  
CYS C   OXT  sing N N 77  
CYS CB  SG   sing N N 78  
CYS CB  HB2  sing N N 79  
CYS CB  HB3  sing N N 80  
CYS SG  HG   sing N N 81  
CYS OXT HXT  sing N N 82  
GLN N   CA   sing N N 83  
GLN N   H    sing N N 84  
GLN N   H2   sing N N 85  
GLN CA  C    sing N N 86  
GLN CA  CB   sing N N 87  
GLN CA  HA   sing N N 88  
GLN C   O    doub N N 89  
GLN C   OXT  sing N N 90  
GLN CB  CG   sing N N 91  
GLN CB  HB2  sing N N 92  
GLN CB  HB3  sing N N 93  
GLN CG  CD   sing N N 94  
GLN CG  HG2  sing N N 95  
GLN CG  HG3  sing N N 96  
GLN CD  OE1  doub N N 97  
GLN CD  NE2  sing N N 98  
GLN NE2 HE21 sing N N 99  
GLN NE2 HE22 sing N N 100 
GLN OXT HXT  sing N N 101 
GLU N   CA   sing N N 102 
GLU N   H    sing N N 103 
GLU N   H2   sing N N 104 
GLU CA  C    sing N N 105 
GLU CA  CB   sing N N 106 
GLU CA  HA   sing N N 107 
GLU C   O    doub N N 108 
GLU C   OXT  sing N N 109 
GLU CB  CG   sing N N 110 
GLU CB  HB2  sing N N 111 
GLU CB  HB3  sing N N 112 
GLU CG  CD   sing N N 113 
GLU CG  HG2  sing N N 114 
GLU CG  HG3  sing N N 115 
GLU CD  OE1  doub N N 116 
GLU CD  OE2  sing N N 117 
GLU OE2 HE2  sing N N 118 
GLU OXT HXT  sing N N 119 
GLY N   CA   sing N N 120 
GLY N   H    sing N N 121 
GLY N   H2   sing N N 122 
GLY CA  C    sing N N 123 
GLY CA  HA2  sing N N 124 
GLY CA  HA3  sing N N 125 
GLY C   O    doub N N 126 
GLY C   OXT  sing N N 127 
GLY OXT HXT  sing N N 128 
HIS N   CA   sing N N 129 
HIS N   H    sing N N 130 
HIS N   H2   sing N N 131 
HIS CA  C    sing N N 132 
HIS CA  CB   sing N N 133 
HIS CA  HA   sing N N 134 
HIS C   O    doub N N 135 
HIS C   OXT  sing N N 136 
HIS CB  CG   sing N N 137 
HIS CB  HB2  sing N N 138 
HIS CB  HB3  sing N N 139 
HIS CG  ND1  sing Y N 140 
HIS CG  CD2  doub Y N 141 
HIS ND1 CE1  doub Y N 142 
HIS ND1 HD1  sing N N 143 
HIS CD2 NE2  sing Y N 144 
HIS CD2 HD2  sing N N 145 
HIS CE1 NE2  sing Y N 146 
HIS CE1 HE1  sing N N 147 
HIS NE2 HE2  sing N N 148 
HIS OXT HXT  sing N N 149 
HOH O   H1   sing N N 150 
HOH O   H2   sing N N 151 
ILE N   CA   sing N N 152 
ILE N   H    sing N N 153 
ILE N   H2   sing N N 154 
ILE CA  C    sing N N 155 
ILE CA  CB   sing N N 156 
ILE CA  HA   sing N N 157 
ILE C   O    doub N N 158 
ILE C   OXT  sing N N 159 
ILE CB  CG1  sing N N 160 
ILE CB  CG2  sing N N 161 
ILE CB  HB   sing N N 162 
ILE CG1 CD1  sing N N 163 
ILE CG1 HG12 sing N N 164 
ILE CG1 HG13 sing N N 165 
ILE CG2 HG21 sing N N 166 
ILE CG2 HG22 sing N N 167 
ILE CG2 HG23 sing N N 168 
ILE CD1 HD11 sing N N 169 
ILE CD1 HD12 sing N N 170 
ILE CD1 HD13 sing N N 171 
ILE OXT HXT  sing N N 172 
LEU N   CA   sing N N 173 
LEU N   H    sing N N 174 
LEU N   H2   sing N N 175 
LEU CA  C    sing N N 176 
LEU CA  CB   sing N N 177 
LEU CA  HA   sing N N 178 
LEU C   O    doub N N 179 
LEU C   OXT  sing N N 180 
LEU CB  CG   sing N N 181 
LEU CB  HB2  sing N N 182 
LEU CB  HB3  sing N N 183 
LEU CG  CD1  sing N N 184 
LEU CG  CD2  sing N N 185 
LEU CG  HG   sing N N 186 
LEU CD1 HD11 sing N N 187 
LEU CD1 HD12 sing N N 188 
LEU CD1 HD13 sing N N 189 
LEU CD2 HD21 sing N N 190 
LEU CD2 HD22 sing N N 191 
LEU CD2 HD23 sing N N 192 
LEU OXT HXT  sing N N 193 
LYS N   CA   sing N N 194 
LYS N   H    sing N N 195 
LYS N   H2   sing N N 196 
LYS CA  C    sing N N 197 
LYS CA  CB   sing N N 198 
LYS CA  HA   sing N N 199 
LYS C   O    doub N N 200 
LYS C   OXT  sing N N 201 
LYS CB  CG   sing N N 202 
LYS CB  HB2  sing N N 203 
LYS CB  HB3  sing N N 204 
LYS CG  CD   sing N N 205 
LYS CG  HG2  sing N N 206 
LYS CG  HG3  sing N N 207 
LYS CD  CE   sing N N 208 
LYS CD  HD2  sing N N 209 
LYS CD  HD3  sing N N 210 
LYS CE  NZ   sing N N 211 
LYS CE  HE2  sing N N 212 
LYS CE  HE3  sing N N 213 
LYS NZ  HZ1  sing N N 214 
LYS NZ  HZ2  sing N N 215 
LYS NZ  HZ3  sing N N 216 
LYS OXT HXT  sing N N 217 
MET N   CA   sing N N 218 
MET N   H    sing N N 219 
MET N   H2   sing N N 220 
MET CA  C    sing N N 221 
MET CA  CB   sing N N 222 
MET CA  HA   sing N N 223 
MET C   O    doub N N 224 
MET C   OXT  sing N N 225 
MET CB  CG   sing N N 226 
MET CB  HB2  sing N N 227 
MET CB  HB3  sing N N 228 
MET CG  SD   sing N N 229 
MET CG  HG2  sing N N 230 
MET CG  HG3  sing N N 231 
MET SD  CE   sing N N 232 
MET CE  HE1  sing N N 233 
MET CE  HE2  sing N N 234 
MET CE  HE3  sing N N 235 
MET OXT HXT  sing N N 236 
PHE N   CA   sing N N 237 
PHE N   H    sing N N 238 
PHE N   H2   sing N N 239 
PHE CA  C    sing N N 240 
PHE CA  CB   sing N N 241 
PHE CA  HA   sing N N 242 
PHE C   O    doub N N 243 
PHE C   OXT  sing N N 244 
PHE CB  CG   sing N N 245 
PHE CB  HB2  sing N N 246 
PHE CB  HB3  sing N N 247 
PHE CG  CD1  doub Y N 248 
PHE CG  CD2  sing Y N 249 
PHE CD1 CE1  sing Y N 250 
PHE CD1 HD1  sing N N 251 
PHE CD2 CE2  doub Y N 252 
PHE CD2 HD2  sing N N 253 
PHE CE1 CZ   doub Y N 254 
PHE CE1 HE1  sing N N 255 
PHE CE2 CZ   sing Y N 256 
PHE CE2 HE2  sing N N 257 
PHE CZ  HZ   sing N N 258 
PHE OXT HXT  sing N N 259 
PRO N   CA   sing N N 260 
PRO N   CD   sing N N 261 
PRO N   H    sing N N 262 
PRO CA  C    sing N N 263 
PRO CA  CB   sing N N 264 
PRO CA  HA   sing N N 265 
PRO C   O    doub N N 266 
PRO C   OXT  sing N N 267 
PRO CB  CG   sing N N 268 
PRO CB  HB2  sing N N 269 
PRO CB  HB3  sing N N 270 
PRO CG  CD   sing N N 271 
PRO CG  HG2  sing N N 272 
PRO CG  HG3  sing N N 273 
PRO CD  HD2  sing N N 274 
PRO CD  HD3  sing N N 275 
PRO OXT HXT  sing N N 276 
SER N   CA   sing N N 277 
SER N   H    sing N N 278 
SER N   H2   sing N N 279 
SER CA  C    sing N N 280 
SER CA  CB   sing N N 281 
SER CA  HA   sing N N 282 
SER C   O    doub N N 283 
SER C   OXT  sing N N 284 
SER CB  OG   sing N N 285 
SER CB  HB2  sing N N 286 
SER CB  HB3  sing N N 287 
SER OG  HG   sing N N 288 
SER OXT HXT  sing N N 289 
THR N   CA   sing N N 290 
THR N   H    sing N N 291 
THR N   H2   sing N N 292 
THR CA  C    sing N N 293 
THR CA  CB   sing N N 294 
THR CA  HA   sing N N 295 
THR C   O    doub N N 296 
THR C   OXT  sing N N 297 
THR CB  OG1  sing N N 298 
THR CB  CG2  sing N N 299 
THR CB  HB   sing N N 300 
THR OG1 HG1  sing N N 301 
THR CG2 HG21 sing N N 302 
THR CG2 HG22 sing N N 303 
THR CG2 HG23 sing N N 304 
THR OXT HXT  sing N N 305 
TYR N   CA   sing N N 306 
TYR N   H    sing N N 307 
TYR N   H2   sing N N 308 
TYR CA  C    sing N N 309 
TYR CA  CB   sing N N 310 
TYR CA  HA   sing N N 311 
TYR C   O    doub N N 312 
TYR C   OXT  sing N N 313 
TYR CB  CG   sing N N 314 
TYR CB  HB2  sing N N 315 
TYR CB  HB3  sing N N 316 
TYR CG  CD1  doub Y N 317 
TYR CG  CD2  sing Y N 318 
TYR CD1 CE1  sing Y N 319 
TYR CD1 HD1  sing N N 320 
TYR CD2 CE2  doub Y N 321 
TYR CD2 HD2  sing N N 322 
TYR CE1 CZ   doub Y N 323 
TYR CE1 HE1  sing N N 324 
TYR CE2 CZ   sing Y N 325 
TYR CE2 HE2  sing N N 326 
TYR CZ  OH   sing N N 327 
TYR OH  HH   sing N N 328 
TYR OXT HXT  sing N N 329 
VAL N   CA   sing N N 330 
VAL N   H    sing N N 331 
VAL N   H2   sing N N 332 
VAL CA  C    sing N N 333 
VAL CA  CB   sing N N 334 
VAL CA  HA   sing N N 335 
VAL C   O    doub N N 336 
VAL C   OXT  sing N N 337 
VAL CB  CG1  sing N N 338 
VAL CB  CG2  sing N N 339 
VAL CB  HB   sing N N 340 
VAL CG1 HG11 sing N N 341 
VAL CG1 HG12 sing N N 342 
VAL CG1 HG13 sing N N 343 
VAL CG2 HG21 sing N N 344 
VAL CG2 HG22 sing N N 345 
VAL CG2 HG23 sing N N 346 
VAL OXT HXT  sing N N 347 
# 
loop_
_pdbx_audit_support.funding_organization 
_pdbx_audit_support.country 
_pdbx_audit_support.grant_number 
_pdbx_audit_support.ordinal 
'National Science Foundation (NSF, United States)'                                                'United States' MCB-1517138 1 
'National Institutes of Health/National Institute Of Allergy and Infectious Diseases (NIH/NIAID)' 'United States' AI140726    2 
'National Institutes of Health/National Institute Of Allergy and Infectious Diseases (NIH/NIAID)' 'United States' AI141178    3 
'National Institutes of Health/National Cancer Institute (NIH/NCI)'                               'United States' CA206592    4 
'National Institutes of Health/National Institute of General Medical Sciences (NIH/NIGMS)'        'United States' GM132817    5 
# 
_atom_sites.entry_id                    5BKH 
_atom_sites.Cartn_transf_matrix[1][1]   ? 
_atom_sites.Cartn_transf_matrix[1][2]   ? 
_atom_sites.Cartn_transf_matrix[1][3]   ? 
_atom_sites.Cartn_transf_matrix[2][1]   ? 
_atom_sites.Cartn_transf_matrix[2][2]   ? 
_atom_sites.Cartn_transf_matrix[2][3]   ? 
_atom_sites.Cartn_transf_matrix[3][1]   ? 
_atom_sites.Cartn_transf_matrix[3][2]   ? 
_atom_sites.Cartn_transf_matrix[3][3]   ? 
_atom_sites.Cartn_transf_vector[1]      ? 
_atom_sites.Cartn_transf_vector[2]      ? 
_atom_sites.Cartn_transf_vector[3]      ? 
_atom_sites.fract_transf_matrix[1][1]   -0.00744935 
_atom_sites.fract_transf_matrix[1][2]   -0.00269433 
_atom_sites.fract_transf_matrix[1][3]   -0.00417802 
_atom_sites.fract_transf_matrix[2][1]   -0.00794720 
_atom_sites.fract_transf_matrix[2][2]   0.00080809 
_atom_sites.fract_transf_matrix[2][3]   0.00404957 
_atom_sites.fract_transf_matrix[3][1]   -0.00136869 
_atom_sites.fract_transf_matrix[3][2]   0.01151128 
_atom_sites.fract_transf_matrix[3][3]   -0.00498308 
_atom_sites.fract_transf_vector[1]      0.175916 
_atom_sites.fract_transf_vector[2]      0.475826 
_atom_sites.fract_transf_vector[3]      0.342188 
_atom_sites.solution_primary            ? 
_atom_sites.solution_secondary          ? 
_atom_sites.solution_hydrogens          ? 
_atom_sites.special_details             ? 
# 
loop_
_atom_type.symbol 
C 
N 
O 
S 
# 
loop_
_atom_site.group_PDB 
_atom_site.id 
_atom_site.type_symbol 
_atom_site.label_atom_id 
_atom_site.label_alt_id 
_atom_site.label_comp_id 
_atom_site.label_asym_id 
_atom_site.label_entity_id 
_atom_site.label_seq_id 
_atom_site.pdbx_PDB_ins_code 
_atom_site.Cartn_x 
_atom_site.Cartn_y 
_atom_site.Cartn_z 
_atom_site.occupancy 
_atom_site.B_iso_or_equiv 
_atom_site.pdbx_formal_charge 
_atom_site.auth_seq_id 
_atom_site.auth_comp_id 
_atom_site.auth_asym_id 
_atom_site.auth_atom_id 
_atom_site.pdbx_PDB_model_num 
ATOM   1    N N   . ARG A 1 6   ? -17.303 9.624   -10.863 1.00 110.32 ? -3  ARG A N   1 
ATOM   2    C CA  . ARG A 1 6   ? -15.902 9.564   -11.265 1.00 94.35  ? -3  ARG A CA  1 
ATOM   3    C C   . ARG A 1 6   ? -15.048 8.882   -10.199 1.00 89.85  ? -3  ARG A C   1 
ATOM   4    O O   . ARG A 1 6   ? -13.819 8.942   -10.252 1.00 101.65 ? -3  ARG A O   1 
ATOM   5    C CB  . ARG A 1 6   ? -15.365 10.971  -11.546 1.00 95.64  ? -3  ARG A CB  1 
ATOM   6    C CG  . ARG A 1 6   ? -15.875 12.028  -10.579 1.00 98.07  ? -3  ARG A CG  1 
ATOM   7    C CD  . ARG A 1 6   ? -14.946 13.227  -10.516 1.00 104.41 ? -3  ARG A CD  1 
ATOM   8    N NE  . ARG A 1 6   ? -15.150 14.002  -9.298  1.00 133.15 ? -3  ARG A NE  1 
ATOM   9    C CZ  . ARG A 1 6   ? -14.435 15.066  -8.956  1.00 136.77 ? -3  ARG A CZ  1 
ATOM   10   N NH1 . ARG A 1 6   ? -13.457 15.518  -9.724  1.00 133.71 ? -3  ARG A NH1 1 
ATOM   11   N NH2 . ARG A 1 6   ? -14.708 15.693  -7.814  1.00 104.82 ? -3  ARG A NH2 1 
ATOM   12   N N   . ARG A 1 7   ? -15.703 8.237   -9.234  1.00 78.13  ? -2  ARG A N   1 
ATOM   13   C CA  . ARG A 1 7   ? -15.002 7.567   -8.147  1.00 72.33  ? -2  ARG A CA  1 
ATOM   14   C C   . ARG A 1 7   ? -14.588 6.164   -8.575  1.00 62.09  ? -2  ARG A C   1 
ATOM   15   O O   . ARG A 1 7   ? -15.385 5.424   -9.159  1.00 63.40  ? -2  ARG A O   1 
ATOM   16   C CB  . ARG A 1 7   ? -15.884 7.509   -6.899  1.00 75.03  ? -2  ARG A CB  1 
ATOM   17   C CG  . ARG A 1 7   ? -15.153 7.075   -5.636  1.00 72.27  ? -2  ARG A CG  1 
ATOM   18   C CD  . ARG A 1 7   ? -13.968 7.982   -5.331  1.00 72.57  ? -2  ARG A CD  1 
ATOM   19   N NE  . ARG A 1 7   ? -14.319 9.057   -4.411  1.00 89.26  ? -2  ARG A NE  1 
ATOM   20   C CZ  . ARG A 1 7   ? -14.410 10.335  -4.751  1.00 96.31  ? -2  ARG A CZ  1 
ATOM   21   N NH1 . ARG A 1 7   ? -14.180 10.739  -5.991  1.00 96.36  ? -2  ARG A NH1 1 
ATOM   22   N NH2 . ARG A 1 7   ? -14.742 11.232  -3.826  1.00 95.46  ? -2  ARG A NH2 1 
ATOM   23   N N   . ASN A 1 8   ? -13.342 5.799   -8.279  1.00 62.83  ? -1  ASN A N   1 
ATOM   24   C CA  . ASN A 1 8   ? -12.772 4.530   -8.708  1.00 62.68  ? -1  ASN A CA  1 
ATOM   25   C C   . ASN A 1 8   ? -11.839 4.004   -7.626  1.00 56.70  ? -1  ASN A C   1 
ATOM   26   O O   . ASN A 1 8   ? -11.499 4.707   -6.673  1.00 71.91  ? -1  ASN A O   1 
ATOM   27   C CB  . ASN A 1 8   ? -12.018 4.678   -10.037 1.00 50.96  ? -1  ASN A CB  1 
ATOM   28   C CG  . ASN A 1 8   ? -11.191 5.946   -10.097 1.00 56.02  ? -1  ASN A CG  1 
ATOM   29   O OD1 . ASN A 1 8   ? -10.204 6.090   -9.375  1.00 61.08  ? -1  ASN A OD1 1 
ATOM   30   N ND2 . ASN A 1 8   ? -11.587 6.872   -10.959 1.00 58.85  ? -1  ASN A ND2 1 
ATOM   31   N N   . CYS A 1 9   ? -11.426 2.749   -7.780  1.00 67.10  ? 1   CYS A N   1 
ATOM   32   C CA  . CYS A 1 9   ? -10.482 2.111   -6.872  1.00 67.76  ? 1   CYS A CA  1 
ATOM   33   C C   . CYS A 1 9   ? -9.435  1.364   -7.680  1.00 74.02  ? 1   CYS A C   1 
ATOM   34   O O   . CYS A 1 9   ? -9.767  0.664   -8.640  1.00 75.69  ? 1   CYS A O   1 
ATOM   35   C CB  . CYS A 1 9   ? -11.178 1.132   -5.910  1.00 68.46  ? 1   CYS A CB  1 
ATOM   36   S SG  . CYS A 1 9   ? -12.817 1.634   -5.350  1.00 117.99 ? 1   CYS A SG  1 
ATOM   37   N N   . PHE A 1 10  ? -8.171  1.513   -7.288  1.00 47.24  ? 2   PHE A N   1 
ATOM   38   C CA  . PHE A 1 10  ? -7.084  0.811   -7.945  1.00 65.22  ? 2   PHE A CA  1 
ATOM   39   C C   . PHE A 1 10  ? -6.084  0.337   -6.902  1.00 55.59  ? 2   PHE A C   1 
ATOM   40   O O   . PHE A 1 10  ? -5.835  1.044   -5.914  1.00 61.96  ? 2   PHE A O   1 
ATOM   41   C CB  . PHE A 1 10  ? -6.347  1.692   -8.964  1.00 61.04  ? 2   PHE A CB  1 
ATOM   42   C CG  . PHE A 1 10  ? -7.208  2.196   -10.085 1.00 58.04  ? 2   PHE A CG  1 
ATOM   43   C CD1 . PHE A 1 10  ? -7.570  1.361   -11.128 1.00 64.64  ? 2   PHE A CD1 1 
ATOM   44   C CD2 . PHE A 1 10  ? -7.632  3.516   -10.108 1.00 52.86  ? 2   PHE A CD2 1 
ATOM   45   C CE1 . PHE A 1 10  ? -8.354  1.830   -12.166 1.00 63.75  ? 2   PHE A CE1 1 
ATOM   46   C CE2 . PHE A 1 10  ? -8.412  3.990   -11.143 1.00 61.99  ? 2   PHE A CE2 1 
ATOM   47   C CZ  . PHE A 1 10  ? -8.773  3.146   -12.173 1.00 61.40  ? 2   PHE A CZ  1 
ATOM   48   N N   . PRO A 1 11  ? -5.494  -0.839  -7.094  1.00 59.83  ? 3   PRO A N   1 
ATOM   49   C CA  . PRO A 1 11  ? -4.338  -1.222  -6.280  1.00 57.92  ? 3   PRO A CA  1 
ATOM   50   C C   . PRO A 1 11  ? -3.180  -0.263  -6.506  1.00 53.21  ? 3   PRO A C   1 
ATOM   51   O O   . PRO A 1 11  ? -3.131  0.479   -7.488  1.00 62.50  ? 3   PRO A O   1 
ATOM   52   C CB  . PRO A 1 11  ? -4.000  -2.632  -6.777  1.00 59.34  ? 3   PRO A CB  1 
ATOM   53   C CG  . PRO A 1 11  ? -5.264  -3.124  -7.408  1.00 58.44  ? 3   PRO A CG  1 
ATOM   54   C CD  . PRO A 1 11  ? -5.906  -1.914  -8.009  1.00 58.41  ? 3   PRO A CD  1 
ATOM   55   N N   . GLY A 1 12  ? -2.234  -0.284  -5.567  1.00 70.03  ? 4   GLY A N   1 
ATOM   56   C CA  . GLY A 1 12  ? -1.090  0.605   -5.666  1.00 39.20  ? 4   GLY A CA  1 
ATOM   57   C C   . GLY A 1 12  ? -0.181  0.292   -6.839  1.00 51.15  ? 4   GLY A C   1 
ATOM   58   O O   . GLY A 1 12  ? 0.430   1.200   -7.408  1.00 54.67  ? 4   GLY A O   1 
ATOM   59   N N   . ASP A 1 13  ? -0.086  -0.979  -7.227  1.00 53.71  ? 5   ASP A N   1 
ATOM   60   C CA  . ASP A 1 13  ? 0.860   -1.402  -8.255  1.00 72.21  ? 5   ASP A CA  1 
ATOM   61   C C   . ASP A 1 13  ? 0.285   -1.382  -9.669  1.00 70.72  ? 5   ASP A C   1 
ATOM   62   O O   . ASP A 1 13  ? 0.970   -1.811  -10.604 1.00 74.77  ? 5   ASP A O   1 
ATOM   63   C CB  . ASP A 1 13  ? 1.391   -2.807  -7.942  1.00 53.87  ? 5   ASP A CB  1 
ATOM   64   C CG  . ASP A 1 13  ? 0.286   -3.839  -7.846  1.00 66.95  ? 5   ASP A CG  1 
ATOM   65   O OD1 . ASP A 1 13  ? -0.898  -3.448  -7.792  1.00 80.32  ? 5   ASP A OD1 1 
ATOM   66   O OD2 . ASP A 1 13  ? 0.604   -5.046  -7.819  1.00 77.24  ? 5   ASP A OD2 1 
ATOM   67   N N   . THR A 1 14  ? -0.943  -0.901  -9.856  1.00 62.79  ? 6   THR A N   1 
ATOM   68   C CA  . THR A 1 14  ? -1.542  -0.838  -11.183 1.00 54.76  ? 6   THR A CA  1 
ATOM   69   C C   . THR A 1 14  ? -0.933  0.309   -11.983 1.00 58.46  ? 6   THR A C   1 
ATOM   70   O O   . THR A 1 14  ? -0.871  1.445   -11.504 1.00 63.08  ? 6   THR A O   1 
ATOM   71   C CB  . THR A 1 14  ? -3.055  -0.673  -11.067 1.00 54.64  ? 6   THR A CB  1 
ATOM   72   O OG1 . THR A 1 14  ? -3.659  -1.956  -10.865 1.00 60.84  ? 6   THR A OG1 1 
ATOM   73   C CG2 . THR A 1 14  ? -3.631  -0.035  -12.315 1.00 54.27  ? 6   THR A CG2 1 
ATOM   74   N N   . ARG A 1 15  ? -0.481  0.011   -13.201 1.00 56.24  ? 7   ARG A N   1 
ATOM   75   C CA  . ARG A 1 15  ? 0.188   0.988   -14.054 1.00 53.97  ? 7   ARG A CA  1 
ATOM   76   C C   . ARG A 1 15  ? -0.801  1.608   -15.032 1.00 54.39  ? 7   ARG A C   1 
ATOM   77   O O   . ARG A 1 15  ? -1.470  0.894   -15.786 1.00 48.21  ? 7   ARG A O   1 
ATOM   78   C CB  . ARG A 1 15  ? 1.342   0.347   -14.824 1.00 52.16  ? 7   ARG A CB  1 
ATOM   79   C CG  . ARG A 1 15  ? 2.262   -0.507  -13.976 1.00 69.47  ? 7   ARG A CG  1 
ATOM   80   C CD  . ARG A 1 15  ? 3.387   -1.083  -14.813 1.00 84.85  ? 7   ARG A CD  1 
ATOM   81   N NE  . ARG A 1 15  ? 4.529   -0.178  -14.857 1.00 92.17  ? 7   ARG A NE  1 
ATOM   82   C CZ  . ARG A 1 15  ? 5.490   -0.148  -13.945 1.00 93.48  ? 7   ARG A CZ  1 
ATOM   83   N NH1 . ARG A 1 15  ? 5.478   -0.961  -12.902 1.00 89.96  ? 7   ARG A NH1 1 
ATOM   84   N NH2 . ARG A 1 15  ? 6.485   0.724   -14.081 1.00 110.35 ? 7   ARG A NH2 1 
ATOM   85   N N   . ILE A 1 16  ? -0.886  2.933   -15.020 1.00 46.41  ? 8   ILE A N   1 
ATOM   86   C CA  . ILE A 1 16  ? -1.735  3.667   -15.942 1.00 34.25  ? 8   ILE A CA  1 
ATOM   87   C C   . ILE A 1 16  ? -0.848  4.602   -16.745 1.00 55.22  ? 8   ILE A C   1 
ATOM   88   O O   . ILE A 1 16  ? 0.265   4.949   -16.339 1.00 62.42  ? 8   ILE A O   1 
ATOM   89   C CB  . ILE A 1 16  ? -2.857  4.449   -15.229 1.00 54.58  ? 8   ILE A CB  1 
ATOM   90   C CG1 . ILE A 1 16  ? -2.308  5.731   -14.599 1.00 48.23  ? 8   ILE A CG1 1 
ATOM   91   C CG2 . ILE A 1 16  ? -3.534  3.579   -14.181 1.00 50.64  ? 8   ILE A CG2 1 
ATOM   92   C CD1 . ILE A 1 16  ? -3.382  6.713   -14.199 1.00 45.23  ? 8   ILE A CD1 1 
ATOM   93   N N   . LEU A 1 17  ? -1.361  5.021   -17.894 1.00 66.74  ? 9   LEU A N   1 
ATOM   94   C CA  . LEU A 1 17  ? -0.553  5.732   -18.869 1.00 65.76  ? 9   LEU A CA  1 
ATOM   95   C C   . LEU A 1 17  ? -0.866  7.228   -18.890 1.00 64.16  ? 9   LEU A C   1 
ATOM   96   O O   . LEU A 1 17  ? -2.027  7.654   -19.017 1.00 55.50  ? 9   LEU A O   1 
ATOM   97   C CB  . LEU A 1 17  ? -0.683  5.054   -20.238 1.00 65.18  ? 9   LEU A CB  1 
ATOM   98   C CG  . LEU A 1 17  ? -0.313  5.627   -21.599 1.00 72.91  ? 9   LEU A CG  1 
ATOM   99   C CD1 . LEU A 1 17  ? 0.145   4.538   -22.506 1.00 73.06  ? 9   LEU A CD1 1 
ATOM   100  C CD2 . LEU A 1 17  ? -1.610  6.057   -22.199 1.00 73.34  ? 9   LEU A CD2 1 
ATOM   101  N N   . VAL A 1 18  ? 0.197   8.018   -18.739 1.00 77.54  ? 10  VAL A N   1 
ATOM   102  C CA  . VAL A 1 18  ? 0.125   9.454   -18.533 1.00 77.16  ? 10  VAL A CA  1 
ATOM   103  C C   . VAL A 1 18  ? 1.179   10.107  -19.414 1.00 71.77  ? 10  VAL A C   1 
ATOM   104  O O   . VAL A 1 18  ? 2.039   9.446   -19.996 1.00 63.20  ? 10  VAL A O   1 
ATOM   105  C CB  . VAL A 1 18  ? 0.357   9.847   -17.056 1.00 66.60  ? 10  VAL A CB  1 
ATOM   106  C CG1 . VAL A 1 18  ? -0.860  9.517   -16.207 1.00 61.77  ? 10  VAL A CG1 1 
ATOM   107  C CG2 . VAL A 1 18  ? 1.616   9.176   -16.501 1.00 67.24  ? 10  VAL A CG2 1 
ATOM   108  N N   . GLN A 1 19  ? 1.093   11.426  -19.505 1.00 71.30  ? 11  GLN A N   1 
ATOM   109  C CA  . GLN A 1 19  ? 2.098   12.250  -20.153 1.00 84.90  ? 11  GLN A CA  1 
ATOM   110  C C   . GLN A 1 19  ? 2.669   13.192  -19.104 1.00 85.47  ? 11  GLN A C   1 
ATOM   111  O O   . GLN A 1 19  ? 1.931   14.000  -18.522 1.00 80.63  ? 11  GLN A O   1 
ATOM   112  C CB  . GLN A 1 19  ? 1.496   13.023  -21.327 1.00 91.14  ? 11  GLN A CB  1 
ATOM   113  C CG  . GLN A 1 19  ? 2.399   14.085  -21.913 1.00 91.32  ? 11  GLN A CG  1 
ATOM   114  C CD  . GLN A 1 19  ? 1.826   14.681  -23.181 1.00 79.75  ? 11  GLN A CD  1 
ATOM   115  O OE1 . GLN A 1 19  ? 1.335   13.961  -24.047 1.00 92.44  ? 11  GLN A OE1 1 
ATOM   116  N NE2 . GLN A 1 19  ? 1.879   16.003  -23.293 1.00 98.55  ? 11  GLN A NE2 1 
ATOM   117  N N   . ILE A 1 20  ? 3.967   13.055  -18.837 1.00 95.39  ? 12  ILE A N   1 
ATOM   118  C CA  . ILE A 1 20  ? 4.693   13.952  -17.947 1.00 99.25  ? 12  ILE A CA  1 
ATOM   119  C C   . ILE A 1 20  ? 5.731   14.692  -18.781 1.00 100.99 ? 12  ILE A C   1 
ATOM   120  O O   . ILE A 1 20  ? 6.470   14.075  -19.560 1.00 89.85  ? 12  ILE A O   1 
ATOM   121  C CB  . ILE A 1 20  ? 5.333   13.204  -16.756 1.00 99.83  ? 12  ILE A CB  1 
ATOM   122  C CG1 . ILE A 1 20  ? 6.620   12.473  -17.143 1.00 100.52 ? 12  ILE A CG1 1 
ATOM   123  C CG2 . ILE A 1 20  ? 4.368   12.185  -16.187 1.00 68.39  ? 12  ILE A CG2 1 
ATOM   124  C CD1 . ILE A 1 20  ? 7.131   11.526  -16.075 1.00 88.56  ? 12  ILE A CD1 1 
ATOM   125  N N   . ASN A 1 21  ? 5.747   16.021  -18.653 1.00 108.14 ? 13  ASN A N   1 
ATOM   126  C CA  . ASN A 1 21  ? 6.670   16.888  -19.392 1.00 110.43 ? 13  ASN A CA  1 
ATOM   127  C C   . ASN A 1 21  ? 6.723   16.522  -20.876 1.00 109.46 ? 13  ASN A C   1 
ATOM   128  O O   . ASN A 1 21  ? 7.792   16.467  -21.487 1.00 112.75 ? 13  ASN A O   1 
ATOM   129  C CB  . ASN A 1 21  ? 8.068   16.857  -18.771 1.00 111.64 ? 13  ASN A CB  1 
ATOM   130  C CG  . ASN A 1 21  ? 8.094   17.430  -17.363 1.00 113.26 ? 13  ASN A CG  1 
ATOM   131  O OD1 . ASN A 1 21  ? 7.497   18.473  -17.094 1.00 111.91 ? 13  ASN A OD1 1 
ATOM   132  N ND2 . ASN A 1 21  ? 8.794   16.753  -16.459 1.00 103.38 ? 13  ASN A ND2 1 
ATOM   133  N N   . GLY A 1 22  ? 5.553   16.257  -21.458 1.00 108.37 ? 14  GLY A N   1 
ATOM   134  C CA  . GLY A 1 22  ? 5.428   15.957  -22.868 1.00 97.36  ? 14  GLY A CA  1 
ATOM   135  C C   . GLY A 1 22  ? 5.626   14.500  -23.240 1.00 85.76  ? 14  GLY A C   1 
ATOM   136  O O   . GLY A 1 22  ? 5.085   14.051  -24.256 1.00 88.30  ? 14  GLY A O   1 
ATOM   137  N N   . THR A 1 23  ? 6.386   13.750  -22.447 1.00 97.58  ? 15  THR A N   1 
ATOM   138  C CA  . THR A 1 23  ? 6.557   12.375  -22.898 1.00 91.59  ? 15  THR A CA  1 
ATOM   139  C C   . THR A 1 23  ? 5.563   11.451  -22.206 1.00 101.11 ? 15  THR A C   1 
ATOM   140  O O   . THR A 1 23  ? 5.280   11.620  -21.011 1.00 103.48 ? 15  THR A O   1 
ATOM   141  C CB  . THR A 1 23  ? 7.979   11.881  -22.621 1.00 85.25  ? 15  THR A CB  1 
ATOM   142  O OG1 . THR A 1 23  ? 8.201   11.820  -21.208 1.00 107.95 ? 15  THR A OG1 1 
ATOM   143  C CG2 . THR A 1 23  ? 8.998   12.820  -23.247 1.00 96.79  ? 15  THR A CG2 1 
ATOM   144  N N   . PRO A 1 24  ? 5.014   10.483  -22.938 1.00 87.24  ? 16  PRO A N   1 
ATOM   145  C CA  . PRO A 1 24  ? 4.090   9.521   -22.331 1.00 80.68  ? 16  PRO A CA  1 
ATOM   146  C C   . PRO A 1 24  ? 4.797   8.283   -21.802 1.00 90.25  ? 16  PRO A C   1 
ATOM   147  O O   . PRO A 1 24  ? 5.764   7.784   -22.381 1.00 78.93  ? 16  PRO A O   1 
ATOM   148  C CB  . PRO A 1 24  ? 3.167   9.165   -23.502 1.00 96.87  ? 16  PRO A CB  1 
ATOM   149  C CG  . PRO A 1 24  ? 4.065   9.247   -24.696 1.00 84.02  ? 16  PRO A CG  1 
ATOM   150  C CD  . PRO A 1 24  ? 5.085   10.332  -24.402 1.00 84.93  ? 16  PRO A CD  1 
ATOM   151  N N   . GLN A 1 25  ? 4.291   7.785   -20.675 1.00 93.42  ? 17  GLN A N   1 
ATOM   152  C CA  . GLN A 1 25  ? 4.791   6.551   -20.084 1.00 97.64  ? 17  GLN A CA  1 
ATOM   153  C C   . GLN A 1 25  ? 3.779   6.016   -19.081 1.00 76.48  ? 17  GLN A C   1 
ATOM   154  O O   . GLN A 1 25  ? 2.784   6.667   -18.745 1.00 64.51  ? 17  GLN A O   1 
ATOM   155  C CB  . GLN A 1 25  ? 6.149   6.752   -19.413 1.00 83.17  ? 17  GLN A CB  1 
ATOM   156  C CG  . GLN A 1 25  ? 6.247   8.019   -18.608 1.00 75.44  ? 17  GLN A CG  1 
ATOM   157  C CD  . GLN A 1 25  ? 7.529   8.758   -18.890 1.00 86.68  ? 17  GLN A CD  1 
ATOM   158  O OE1 . GLN A 1 25  ? 7.571   9.984   -18.857 1.00 95.47  ? 17  GLN A OE1 1 
ATOM   159  N NE2 . GLN A 1 25  ? 8.591   8.011   -19.173 1.00 98.83  ? 17  GLN A NE2 1 
ATOM   160  N N   . ARG A 1 26  ? 4.072   4.817   -18.592 1.00 60.60  ? 18  ARG A N   1 
ATOM   161  C CA  . ARG A 1 26  ? 3.203   4.081   -17.688 1.00 76.12  ? 18  ARG A CA  1 
ATOM   162  C C   . ARG A 1 26  ? 3.757   4.188   -16.273 1.00 82.21  ? 18  ARG A C   1 
ATOM   163  O O   . ARG A 1 26  ? 4.868   3.721   -15.999 1.00 74.27  ? 18  ARG A O   1 
ATOM   164  C CB  . ARG A 1 26  ? 3.105   2.623   -18.136 1.00 64.33  ? 18  ARG A CB  1 
ATOM   165  C CG  . ARG A 1 26  ? 2.954   2.470   -19.644 1.00 65.01  ? 18  ARG A CG  1 
ATOM   166  C CD  . ARG A 1 26  ? 2.100   1.265   -19.996 1.00 77.47  ? 18  ARG A CD  1 
ATOM   167  N NE  . ARG A 1 26  ? 1.923   1.117   -21.436 1.00 74.81  ? 18  ARG A NE  1 
ATOM   168  C CZ  . ARG A 1 26  ? 0.767   1.280   -22.067 1.00 66.00  ? 18  ARG A CZ  1 
ATOM   169  N NH1 . ARG A 1 26  ? -0.347  1.554   -21.408 1.00 62.64  ? 18  ARG A NH1 1 
ATOM   170  N NH2 . ARG A 1 26  ? 0.728   1.160   -23.390 1.00 77.04  ? 18  ARG A NH2 1 
ATOM   171  N N   . VAL A 1 27  ? 2.993   4.814   -15.385 1.00 72.96  ? 19  VAL A N   1 
ATOM   172  C CA  . VAL A 1 27  ? 3.394   4.966   -13.994 1.00 71.03  ? 19  VAL A CA  1 
ATOM   173  C C   . VAL A 1 27  ? 2.417   4.207   -13.110 1.00 65.94  ? 19  VAL A C   1 
ATOM   174  O O   . VAL A 1 27  ? 1.220   4.109   -13.400 1.00 63.59  ? 19  VAL A O   1 
ATOM   175  C CB  . VAL A 1 27  ? 3.478   6.449   -13.564 1.00 69.97  ? 19  VAL A CB  1 
ATOM   176  C CG1 . VAL A 1 27  ? 4.426   7.213   -14.474 1.00 77.49  ? 19  VAL A CG1 1 
ATOM   177  C CG2 . VAL A 1 27  ? 2.101   7.089   -13.553 1.00 59.83  ? 19  VAL A CG2 1 
ATOM   178  N N   . THR A 1 28  ? 2.952   3.641   -12.035 1.00 71.68  ? 20  THR A N   1 
ATOM   179  C CA  . THR A 1 28  ? 2.127   3.002   -11.023 1.00 65.25  ? 20  THR A CA  1 
ATOM   180  C C   . THR A 1 28  ? 1.358   4.064   -10.239 1.00 57.76  ? 20  THR A C   1 
ATOM   181  O O   . THR A 1 28  ? 1.807   5.205   -10.097 1.00 61.27  ? 20  THR A O   1 
ATOM   182  C CB  . THR A 1 28  ? 3.011   2.140   -10.110 1.00 67.40  ? 20  THR A CB  1 
ATOM   183  O OG1 . THR A 1 28  ? 2.610   0.768   -10.202 1.00 72.94  ? 20  THR A OG1 1 
ATOM   184  C CG2 . THR A 1 28  ? 2.958   2.587   -8.669  1.00 66.50  ? 20  THR A CG2 1 
ATOM   185  N N   . LEU A 1 29  ? 0.166   3.691   -9.757  1.00 52.08  ? 21  LEU A N   1 
ATOM   186  C CA  . LEU A 1 29  ? -0.680  4.671   -9.080  1.00 45.78  ? 21  LEU A CA  1 
ATOM   187  C C   . LEU A 1 29  ? -0.047  5.164   -7.785  1.00 55.58  ? 21  LEU A C   1 
ATOM   188  O O   . LEU A 1 29  ? -0.272  6.312   -7.386  1.00 58.33  ? 21  LEU A O   1 
ATOM   189  C CB  . LEU A 1 29  ? -2.068  4.094   -8.809  1.00 47.09  ? 21  LEU A CB  1 
ATOM   190  C CG  . LEU A 1 29  ? -3.147  5.092   -9.237  1.00 56.81  ? 21  LEU A CG  1 
ATOM   191  C CD1 . LEU A 1 29  ? -3.052  5.352   -10.730 1.00 78.95  ? 21  LEU A CD1 1 
ATOM   192  C CD2 . LEU A 1 29  ? -4.525  4.622   -8.889  1.00 74.71  ? 21  LEU A CD2 1 
ATOM   193  N N   . LYS A 1 30  ? 0.745   4.319   -7.121  1.00 55.58  ? 22  LYS A N   1 
ATOM   194  C CA  . LYS A 1 30  ? 1.535   4.782   -5.984  1.00 62.81  ? 22  LYS A CA  1 
ATOM   195  C C   . LYS A 1 30  ? 2.544   5.841   -6.415  1.00 60.85  ? 22  LYS A C   1 
ATOM   196  O O   . LYS A 1 30  ? 2.719   6.860   -5.734  1.00 62.91  ? 22  LYS A O   1 
ATOM   197  C CB  . LYS A 1 30  ? 2.234   3.590   -5.326  1.00 64.51  ? 22  LYS A CB  1 
ATOM   198  C CG  . LYS A 1 30  ? 3.257   3.943   -4.264  1.00 63.22  ? 22  LYS A CG  1 
ATOM   199  C CD  . LYS A 1 30  ? 3.552   2.731   -3.389  1.00 64.19  ? 22  LYS A CD  1 
ATOM   200  C CE  . LYS A 1 30  ? 4.324   3.119   -2.138  1.00 84.13  ? 22  LYS A CE  1 
ATOM   201  N NZ  . LYS A 1 30  ? 5.538   3.920   -2.463  1.00 95.52  ? 22  LYS A NZ  1 
ATOM   202  N N   . GLU A 1 31  ? 3.212   5.624   -7.552  1.00 59.69  ? 23  GLU A N   1 
ATOM   203  C CA  . GLU A 1 31  ? 4.097   6.650   -8.095  1.00 54.12  ? 23  GLU A CA  1 
ATOM   204  C C   . GLU A 1 31  ? 3.319   7.903   -8.465  1.00 58.53  ? 23  GLU A C   1 
ATOM   205  O O   . GLU A 1 31  ? 3.779   9.022   -8.221  1.00 65.33  ? 23  GLU A O   1 
ATOM   206  C CB  . GLU A 1 31  ? 4.848   6.118   -9.314  1.00 46.09  ? 23  GLU A CB  1 
ATOM   207  C CG  . GLU A 1 31  ? 5.647   4.856   -9.059  1.00 77.75  ? 23  GLU A CG  1 
ATOM   208  C CD  . GLU A 1 31  ? 6.455   4.421   -10.267 1.00 76.80  ? 23  GLU A CD  1 
ATOM   209  O OE1 . GLU A 1 31  ? 7.231   5.244   -10.795 1.00 79.16  ? 23  GLU A OE1 1 
ATOM   210  O OE2 . GLU A 1 31  ? 6.315   3.255   -10.690 1.00 80.55  ? 23  GLU A OE2 1 
ATOM   211  N N   . LEU A 1 32  ? 2.136   7.735   -9.060  1.00 60.90  ? 24  LEU A N   1 
ATOM   212  C CA  . LEU A 1 32  ? 1.338   8.896   -9.436  1.00 60.27  ? 24  LEU A CA  1 
ATOM   213  C C   . LEU A 1 32  ? 0.965   9.719   -8.208  1.00 66.01  ? 24  LEU A C   1 
ATOM   214  O O   . LEU A 1 32  ? 0.964   10.955  -8.252  1.00 57.13  ? 24  LEU A O   1 
ATOM   215  C CB  . LEU A 1 32  ? 0.090   8.446   -10.190 1.00 48.67  ? 24  LEU A CB  1 
ATOM   216  C CG  . LEU A 1 32  ? -0.884  9.556   -10.582 1.00 64.49  ? 24  LEU A CG  1 
ATOM   217  C CD1 . LEU A 1 32  ? -0.168  10.608  -11.413 1.00 73.19  ? 24  LEU A CD1 1 
ATOM   218  C CD2 . LEU A 1 32  ? -2.078  8.988   -11.332 1.00 54.14  ? 24  LEU A CD2 1 
ATOM   219  N N   . TYR A 1 33  ? 0.652   9.045   -7.101  1.00 59.48  ? 25  TYR A N   1 
ATOM   220  C CA  . TYR A 1 33  ? 0.397   9.750   -5.851  1.00 57.38  ? 25  TYR A CA  1 
ATOM   221  C C   . TYR A 1 33  ? 1.648   10.478  -5.373  1.00 70.43  ? 25  TYR A C   1 
ATOM   222  O O   . TYR A 1 33  ? 1.606   11.673  -5.061  1.00 58.08  ? 25  TYR A O   1 
ATOM   223  C CB  . TYR A 1 33  ? -0.094  8.769   -4.786  1.00 55.59  ? 25  TYR A CB  1 
ATOM   224  C CG  . TYR A 1 33  ? -0.575  9.450   -3.530  1.00 58.58  ? 25  TYR A CG  1 
ATOM   225  C CD1 . TYR A 1 33  ? -1.665  10.308  -3.557  1.00 61.09  ? 25  TYR A CD1 1 
ATOM   226  C CD2 . TYR A 1 33  ? 0.081   9.260   -2.321  1.00 63.30  ? 25  TYR A CD2 1 
ATOM   227  C CE1 . TYR A 1 33  ? -2.102  10.943  -2.411  1.00 66.17  ? 25  TYR A CE1 1 
ATOM   228  C CE2 . TYR A 1 33  ? -0.347  9.893   -1.169  1.00 50.10  ? 25  TYR A CE2 1 
ATOM   229  C CZ  . TYR A 1 33  ? -1.436  10.734  -1.222  1.00 53.11  ? 25  TYR A CZ  1 
ATOM   230  O OH  . TYR A 1 33  ? -1.864  11.365  -0.082  1.00 58.90  ? 25  TYR A OH  1 
ATOM   231  N N   . GLU A 1 34  ? 2.780   9.773   -5.326  1.00 60.10  ? 26  GLU A N   1 
ATOM   232  C CA  . GLU A 1 34  ? 4.023   10.400  -4.893  1.00 72.46  ? 26  GLU A CA  1 
ATOM   233  C C   . GLU A 1 34  ? 4.543   11.442  -5.877  1.00 68.57  ? 26  GLU A C   1 
ATOM   234  O O   . GLU A 1 34  ? 5.571   12.068  -5.601  1.00 69.92  ? 26  GLU A O   1 
ATOM   235  C CB  . GLU A 1 34  ? 5.086   9.331   -4.639  1.00 64.49  ? 26  GLU A CB  1 
ATOM   236  C CG  . GLU A 1 34  ? 5.015   8.753   -3.233  1.00 74.14  ? 26  GLU A CG  1 
ATOM   237  C CD  . GLU A 1 34  ? 5.279   7.264   -3.190  1.00 90.57  ? 26  GLU A CD  1 
ATOM   238  O OE1 . GLU A 1 34  ? 5.758   6.709   -4.203  1.00 84.75  ? 26  GLU A OE1 1 
ATOM   239  O OE2 . GLU A 1 34  ? 4.999   6.646   -2.140  1.00 97.04  ? 26  GLU A OE2 1 
ATOM   240  N N   . LEU A 1 35  ? 3.871   11.636  -7.008  1.00 70.76  ? 27  LEU A N   1 
ATOM   241  C CA  . LEU A 1 35  ? 4.174   12.710  -7.945  1.00 63.48  ? 27  LEU A CA  1 
ATOM   242  C C   . LEU A 1 35  ? 3.377   13.975  -7.662  1.00 62.99  ? 27  LEU A C   1 
ATOM   243  O O   . LEU A 1 35  ? 3.526   14.962  -8.390  1.00 64.82  ? 27  LEU A O   1 
ATOM   244  C CB  . LEU A 1 35  ? 3.909   12.245  -9.380  1.00 66.82  ? 27  LEU A CB  1 
ATOM   245  C CG  . LEU A 1 35  ? 5.117   11.881  -10.242 1.00 71.18  ? 27  LEU A CG  1 
ATOM   246  C CD1 . LEU A 1 35  ? 5.928   10.757  -9.621  1.00 65.64  ? 27  LEU A CD1 1 
ATOM   247  C CD2 . LEU A 1 35  ? 4.635   11.488  -11.629 1.00 65.80  ? 27  LEU A CD2 1 
ATOM   248  N N   . PHE A 1 36  ? 2.527   13.962  -6.644  1.00 65.18  ? 28  PHE A N   1 
ATOM   249  C CA  . PHE A 1 36  ? 1.797   15.133  -6.187  1.00 72.00  ? 28  PHE A CA  1 
ATOM   250  C C   . PHE A 1 36  ? 2.256   15.471  -4.774  1.00 73.74  ? 28  PHE A C   1 
ATOM   251  O O   . PHE A 1 36  ? 3.048   14.745  -4.167  1.00 78.65  ? 28  PHE A O   1 
ATOM   252  C CB  . PHE A 1 36  ? 0.280   14.890  -6.221  1.00 63.36  ? 28  PHE A CB  1 
ATOM   253  C CG  . PHE A 1 36  ? -0.323  14.986  -7.597  1.00 65.17  ? 28  PHE A CG  1 
ATOM   254  C CD1 . PHE A 1 36  ? 0.060   14.113  -8.603  1.00 61.10  ? 28  PHE A CD1 1 
ATOM   255  C CD2 . PHE A 1 36  ? -1.278  15.948  -7.882  1.00 57.71  ? 28  PHE A CD2 1 
ATOM   256  C CE1 . PHE A 1 36  ? -0.490  14.205  -9.864  1.00 46.47  ? 28  PHE A CE1 1 
ATOM   257  C CE2 . PHE A 1 36  ? -1.834  16.043  -9.142  1.00 55.65  ? 28  PHE A CE2 1 
ATOM   258  C CZ  . PHE A 1 36  ? -1.438  15.172  -10.133 1.00 51.53  ? 28  PHE A CZ  1 
ATOM   259  N N   . ASP A 1 37  ? 1.761   16.584  -4.247  1.00 66.04  ? 29  ASP A N   1 
ATOM   260  C CA  . ASP A 1 37  ? 2.030   16.935  -2.854  1.00 78.83  ? 29  ASP A CA  1 
ATOM   261  C C   . ASP A 1 37  ? 0.865   17.767  -2.329  1.00 73.50  ? 29  ASP A C   1 
ATOM   262  O O   . ASP A 1 37  ? -0.249  17.705  -2.866  1.00 78.52  ? 29  ASP A O   1 
ATOM   263  C CB  . ASP A 1 37  ? 3.396   17.639  -2.717  1.00 88.33  ? 29  ASP A CB  1 
ATOM   264  C CG  . ASP A 1 37  ? 3.503   18.902  -3.551  1.00 95.67  ? 29  ASP A CG  1 
ATOM   265  O OD1 . ASP A 1 37  ? 2.498   19.315  -4.171  1.00 93.61  ? 29  ASP A OD1 1 
ATOM   266  O OD2 . ASP A 1 37  ? 4.605   19.491  -3.578  1.00 87.92  ? 29  ASP A OD2 1 
ATOM   267  N N   . GLU A 1 38  ? 1.122   18.552  -1.282  1.00 86.16  ? 30  GLU A N   1 
ATOM   268  C CA  . GLU A 1 38  ? 0.083   19.276  -0.550  1.00 80.91  ? 30  GLU A CA  1 
ATOM   269  C C   . GLU A 1 38  ? -0.964  18.304  -0.005  1.00 62.33  ? 30  GLU A C   1 
ATOM   270  O O   . GLU A 1 38  ? -2.169  18.471  -0.199  1.00 59.75  ? 30  GLU A O   1 
ATOM   271  C CB  . GLU A 1 38  ? -0.557  20.363  -1.419  1.00 72.27  ? 30  GLU A CB  1 
ATOM   272  C CG  . GLU A 1 38  ? -0.118  21.769  -1.051  1.00 80.13  ? 30  GLU A CG  1 
ATOM   273  C CD  . GLU A 1 38  ? -1.087  22.832  -1.527  1.00 100.87 ? 30  GLU A CD  1 
ATOM   274  O OE1 . GLU A 1 38  ? -2.257  22.806  -1.088  1.00 104.27 ? 30  GLU A OE1 1 
ATOM   275  O OE2 . GLU A 1 38  ? -0.675  23.695  -2.332  1.00 91.76  ? 30  GLU A OE2 1 
ATOM   276  N N   . GLU A 1 39  ? -0.478  17.278  0.692   1.00 61.48  ? 31  GLU A N   1 
ATOM   277  C CA  . GLU A 1 39  ? -1.338  16.234  1.227   1.00 59.55  ? 31  GLU A CA  1 
ATOM   278  C C   . GLU A 1 39  ? -2.345  16.812  2.215   1.00 66.08  ? 31  GLU A C   1 
ATOM   279  O O   . GLU A 1 39  ? -2.089  17.812  2.891   1.00 79.29  ? 31  GLU A O   1 
ATOM   280  C CB  . GLU A 1 39  ? -0.495  15.156  1.909   1.00 49.47  ? 31  GLU A CB  1 
ATOM   281  C CG  . GLU A 1 39  ? -1.156  13.790  1.973   1.00 55.66  ? 31  GLU A CG  1 
ATOM   282  C CD  . GLU A 1 39  ? -0.288  12.751  2.656   1.00 58.71  ? 31  GLU A CD  1 
ATOM   283  O OE1 . GLU A 1 39  ? -0.082  12.857  3.883   1.00 68.93  ? 31  GLU A OE1 1 
ATOM   284  O OE2 . GLU A 1 39  ? 0.192   11.827  1.967   1.00 64.73  ? 31  GLU A OE2 1 
ATOM   285  N N   . HIS A 1 40  ? -3.507  16.168  2.291   1.00 55.78  ? 32  HIS A N   1 
ATOM   286  C CA  . HIS A 1 40  ? -4.568  16.589  3.202   1.00 54.96  ? 32  HIS A CA  1 
ATOM   287  C C   . HIS A 1 40  ? -5.351  15.354  3.614   1.00 53.60  ? 32  HIS A C   1 
ATOM   288  O O   . HIS A 1 40  ? -5.829  14.614  2.752   1.00 60.32  ? 32  HIS A O   1 
ATOM   289  C CB  . HIS A 1 40  ? -5.496  17.608  2.538   1.00 70.29  ? 32  HIS A CB  1 
ATOM   290  C CG  . HIS A 1 40  ? -5.028  19.024  2.655   1.00 90.04  ? 32  HIS A CG  1 
ATOM   291  N ND1 . HIS A 1 40  ? -4.172  19.601  1.742   1.00 94.15  ? 32  HIS A ND1 1 
ATOM   292  C CD2 . HIS A 1 40  ? -5.313  19.985  3.566   1.00 93.48  ? 32  HIS A CD2 1 
ATOM   293  C CE1 . HIS A 1 40  ? -3.939  20.854  2.091   1.00 94.62  ? 32  HIS A CE1 1 
ATOM   294  N NE2 . HIS A 1 40  ? -4.620  21.112  3.194   1.00 100.50 ? 32  HIS A NE2 1 
ATOM   295  N N   . TYR A 1 41  ? -5.483  15.126  4.914   1.00 51.78  ? 33  TYR A N   1 
ATOM   296  C CA  . TYR A 1 41  ? -6.320  14.037  5.410   1.00 49.82  ? 33  TYR A CA  1 
ATOM   297  C C   . TYR A 1 41  ? -7.742  14.563  5.511   1.00 40.70  ? 33  TYR A C   1 
ATOM   298  O O   . TYR A 1 41  ? -8.091  15.267  6.461   1.00 58.36  ? 33  TYR A O   1 
ATOM   299  C CB  . TYR A 1 41  ? -5.823  13.521  6.752   1.00 54.49  ? 33  TYR A CB  1 
ATOM   300  C CG  . TYR A 1 41  ? -6.508  12.249  7.202   1.00 59.49  ? 33  TYR A CG  1 
ATOM   301  C CD1 . TYR A 1 41  ? -6.277  11.046  6.549   1.00 45.15  ? 33  TYR A CD1 1 
ATOM   302  C CD2 . TYR A 1 41  ? -7.386  12.252  8.279   1.00 39.43  ? 33  TYR A CD2 1 
ATOM   303  C CE1 . TYR A 1 41  ? -6.895  9.883   6.960   1.00 49.94  ? 33  TYR A CE1 1 
ATOM   304  C CE2 . TYR A 1 41  ? -8.004  11.093  8.698   1.00 42.69  ? 33  TYR A CE2 1 
ATOM   305  C CZ  . TYR A 1 41  ? -7.756  9.911   8.033   1.00 46.78  ? 33  TYR A CZ  1 
ATOM   306  O OH  . TYR A 1 41  ? -8.366  8.750   8.445   1.00 49.38  ? 33  TYR A OH  1 
ATOM   307  N N   . GLU A 1 42  ? -8.562  14.227  4.523   1.00 59.50  ? 34  GLU A N   1 
ATOM   308  C CA  . GLU A 1 42  ? -9.952  14.649  4.484   1.00 61.86  ? 34  GLU A CA  1 
ATOM   309  C C   . GLU A 1 42  ? -10.838 13.416  4.512   1.00 61.24  ? 34  GLU A C   1 
ATOM   310  O O   . GLU A 1 42  ? -10.514 12.393  3.893   1.00 59.68  ? 34  GLU A O   1 
ATOM   311  C CB  . GLU A 1 42  ? -10.249 15.496  3.242   1.00 59.64  ? 34  GLU A CB  1 
ATOM   312  C CG  . GLU A 1 42  ? -9.292  16.662  3.052   1.00 69.44  ? 34  GLU A CG  1 
ATOM   313  C CD  . GLU A 1 42  ? -9.607  17.483  1.817   1.00 93.09  ? 34  GLU A CD  1 
ATOM   314  O OE1 . GLU A 1 42  ? -10.575 17.137  1.105   1.00 89.91  ? 34  GLU A OE1 1 
ATOM   315  O OE2 . GLU A 1 42  ? -8.886  18.470  1.556   1.00 95.41  ? 34  GLU A OE2 1 
ATOM   316  N N   . SER A 1 43  ? -11.950 13.525  5.236   1.00 70.74  ? 35  SER A N   1 
ATOM   317  C CA  . SER A 1 43  ? -12.802 12.381  5.526   1.00 75.16  ? 35  SER A CA  1 
ATOM   318  C C   . SER A 1 43  ? -11.959 11.275  6.145   1.00 85.92  ? 35  SER A C   1 
ATOM   319  O O   . SER A 1 43  ? -11.480 11.410  7.277   1.00 83.96  ? 35  SER A O   1 
ATOM   320  C CB  . SER A 1 43  ? -13.510 11.896  4.262   1.00 61.52  ? 35  SER A CB  1 
ATOM   321  O OG  . SER A 1 43  ? -14.471 12.851  3.850   1.00 68.41  ? 35  SER A OG  1 
ATOM   322  N N   . MET A 1 44  ? -11.749 10.189  5.407   1.00 65.24  ? 36  MET A N   1 
ATOM   323  C CA  . MET A 1 44  ? -10.923 9.092   5.894   1.00 51.27  ? 36  MET A CA  1 
ATOM   324  C C   . MET A 1 44  ? -9.861  8.716   4.871   1.00 54.38  ? 36  MET A C   1 
ATOM   325  O O   . MET A 1 44  ? -9.414  7.567   4.830   1.00 53.50  ? 36  MET A O   1 
ATOM   326  C CB  . MET A 1 44  ? -11.785 7.882   6.246   1.00 66.74  ? 36  MET A CB  1 
ATOM   327  C CG  . MET A 1 44  ? -12.797 8.174   7.345   1.00 82.03  ? 36  MET A CG  1 
ATOM   328  S SD  . MET A 1 44  ? -12.332 7.457   8.928   1.00 101.91 ? 36  MET A SD  1 
ATOM   329  C CE  . MET A 1 44  ? -12.882 8.722   10.065  1.00 59.15  ? 36  MET A CE  1 
ATOM   330  N N   . VAL A 1 45  ? -9.440  9.675   4.038   1.00 40.46  ? 37  VAL A N   1 
ATOM   331  C CA  . VAL A 1 45  ? -8.490  9.409   2.965   1.00 56.17  ? 37  VAL A CA  1 
ATOM   332  C C   . VAL A 1 45  ? -7.495  10.558  2.859   1.00 56.92  ? 37  VAL A C   1 
ATOM   333  O O   . VAL A 1 45  ? -7.709  11.654  3.385   1.00 48.89  ? 37  VAL A O   1 
ATOM   334  C CB  . VAL A 1 45  ? -9.190  9.195   1.601   1.00 61.45  ? 37  VAL A CB  1 
ATOM   335  C CG1 . VAL A 1 45  ? -10.021 7.917   1.617   1.00 58.17  ? 37  VAL A CG1 1 
ATOM   336  C CG2 . VAL A 1 45  ? -10.053 10.399  1.243   1.00 52.50  ? 37  VAL A CG2 1 
ATOM   337  N N   . TYR A 1 46  ? -6.391  10.292  2.163   1.00 57.90  ? 38  TYR A N   1 
ATOM   338  C CA  . TYR A 1 46  ? -5.360  11.285  1.903   1.00 53.81  ? 38  TYR A CA  1 
ATOM   339  C C   . TYR A 1 46  ? -5.530  11.795  0.478   1.00 55.16  ? 38  TYR A C   1 
ATOM   340  O O   . TYR A 1 46  ? -5.511  11.007  -0.472  1.00 64.49  ? 38  TYR A O   1 
ATOM   341  C CB  . TYR A 1 46  ? -3.970  10.683  2.093   1.00 54.82  ? 38  TYR A CB  1 
ATOM   342  C CG  . TYR A 1 46  ? -3.623  10.345  3.526   1.00 61.62  ? 38  TYR A CG  1 
ATOM   343  C CD1 . TYR A 1 46  ? -3.223  11.335  4.419   1.00 55.99  ? 38  TYR A CD1 1 
ATOM   344  C CD2 . TYR A 1 46  ? -3.682  9.034   3.983   1.00 46.45  ? 38  TYR A CD2 1 
ATOM   345  C CE1 . TYR A 1 46  ? -2.895  11.026  5.728   1.00 45.65  ? 38  TYR A CE1 1 
ATOM   346  C CE2 . TYR A 1 46  ? -3.357  8.717   5.289   1.00 57.08  ? 38  TYR A CE2 1 
ATOM   347  C CZ  . TYR A 1 46  ? -2.965  9.716   6.157   1.00 59.77  ? 38  TYR A CZ  1 
ATOM   348  O OH  . TYR A 1 46  ? -2.644  9.398   7.456   1.00 58.65  ? 38  TYR A OH  1 
ATOM   349  N N   . VAL A 1 47  ? -5.702  13.106  0.332   1.00 48.38  ? 39  VAL A N   1 
ATOM   350  C CA  . VAL A 1 47  ? -5.902  13.753  -0.958  1.00 46.70  ? 39  VAL A CA  1 
ATOM   351  C C   . VAL A 1 47  ? -4.670  14.589  -1.273  1.00 67.98  ? 39  VAL A C   1 
ATOM   352  O O   . VAL A 1 47  ? -4.181  15.333  -0.414  1.00 61.20  ? 39  VAL A O   1 
ATOM   353  C CB  . VAL A 1 47  ? -7.167  14.626  -0.956  1.00 52.66  ? 39  VAL A CB  1 
ATOM   354  C CG1 . VAL A 1 47  ? -7.535  15.032  -2.372  1.00 57.78  ? 39  VAL A CG1 1 
ATOM   355  C CG2 . VAL A 1 47  ? -8.321  13.891  -0.281  1.00 48.74  ? 39  VAL A CG2 1 
ATOM   356  N N   . ARG A 1 48  ? -4.167  14.463  -2.498  1.00 54.00  ? 40  ARG A N   1 
ATOM   357  C CA  . ARG A 1 48  ? -3.095  15.307  -3.003  1.00 54.67  ? 40  ARG A CA  1 
ATOM   358  C C   . ARG A 1 48  ? -3.600  16.012  -4.252  1.00 64.16  ? 40  ARG A C   1 
ATOM   359  O O   . ARG A 1 48  ? -4.087  15.360  -5.185  1.00 72.86  ? 40  ARG A O   1 
ATOM   360  C CB  . ARG A 1 48  ? -1.839  14.487  -3.304  1.00 55.67  ? 40  ARG A CB  1 
ATOM   361  C CG  . ARG A 1 48  ? -0.966  14.232  -2.087  1.00 59.74  ? 40  ARG A CG  1 
ATOM   362  C CD  . ARG A 1 48  ? 0.396   13.678  -2.478  1.00 66.85  ? 40  ARG A CD  1 
ATOM   363  N NE  . ARG A 1 48  ? 0.968   12.839  -1.429  1.00 68.89  ? 40  ARG A NE  1 
ATOM   364  C CZ  . ARG A 1 48  ? 2.265   12.690  -1.205  1.00 63.12  ? 40  ARG A CZ  1 
ATOM   365  N NH1 . ARG A 1 48  ? 3.171   13.303  -1.949  1.00 86.50  ? 40  ARG A NH1 1 
ATOM   366  N NH2 . ARG A 1 48  ? 2.665   11.900  -0.212  1.00 67.03  ? 40  ARG A NH2 1 
ATOM   367  N N   . LYS A 1 49  ? -3.496  17.344  -4.259  1.00 70.49  ? 41  LYS A N   1 
ATOM   368  C CA  . LYS A 1 49  ? -4.093  18.168  -5.299  1.00 71.94  ? 41  LYS A CA  1 
ATOM   369  C C   . LYS A 1 49  ? -3.093  18.970  -6.121  1.00 75.33  ? 41  LYS A C   1 
ATOM   370  O O   . LYS A 1 49  ? -3.440  19.394  -7.230  1.00 85.08  ? 41  LYS A O   1 
ATOM   371  C CB  . LYS A 1 49  ? -5.111  19.143  -4.687  1.00 62.81  ? 41  LYS A CB  1 
ATOM   372  C CG  . LYS A 1 49  ? -6.386  18.477  -4.204  1.00 73.99  ? 41  LYS A CG  1 
ATOM   373  C CD  . LYS A 1 49  ? -7.498  19.487  -3.978  1.00 75.28  ? 41  LYS A CD  1 
ATOM   374  C CE  . LYS A 1 49  ? -8.078  19.363  -2.577  1.00 82.55  ? 41  LYS A CE  1 
ATOM   375  N NZ  . LYS A 1 49  ? -9.246  20.263  -2.374  1.00 80.77  ? 41  LYS A NZ  1 
ATOM   376  N N   . LYS A 1 50  ? -1.878  19.196  -5.626  1.00 70.45  ? 42  LYS A N   1 
ATOM   377  C CA  . LYS A 1 50  ? -0.903  19.988  -6.358  1.00 69.45  ? 42  LYS A CA  1 
ATOM   378  C C   . LYS A 1 50  ? 0.139   19.076  -6.975  1.00 65.10  ? 42  LYS A C   1 
ATOM   379  O O   . LYS A 1 50  ? 0.779   18.301  -6.247  1.00 63.95  ? 42  LYS A O   1 
ATOM   380  C CB  . LYS A 1 50  ? -0.233  21.006  -5.443  1.00 80.43  ? 42  LYS A CB  1 
ATOM   381  C CG  . LYS A 1 50  ? -0.554  22.451  -5.793  1.00 92.53  ? 42  LYS A CG  1 
ATOM   382  C CD  . LYS A 1 50  ? 0.557   23.390  -5.344  1.00 107.17 ? 42  LYS A CD  1 
ATOM   383  C CE  . LYS A 1 50  ? 1.788   23.257  -6.228  1.00 98.77  ? 42  LYS A CE  1 
ATOM   384  N NZ  . LYS A 1 50  ? 2.713   24.416  -6.079  1.00 103.62 ? 42  LYS A NZ  1 
ATOM   385  N N   . PRO A 1 51  ? 0.336   19.112  -8.292  1.00 61.64  ? 43  PRO A N   1 
ATOM   386  C CA  . PRO A 1 51  ? 1.407   18.320  -8.904  1.00 73.14  ? 43  PRO A CA  1 
ATOM   387  C C   . PRO A 1 51  ? 2.724   19.078  -8.895  1.00 70.75  ? 43  PRO A C   1 
ATOM   388  O O   . PRO A 1 51  ? 2.768   20.304  -9.022  1.00 79.01  ? 43  PRO A O   1 
ATOM   389  C CB  . PRO A 1 51  ? 0.897   18.114  -10.337 1.00 74.13  ? 43  PRO A CB  1 
ATOM   390  C CG  . PRO A 1 51  ? 0.114   19.357  -10.616 1.00 65.98  ? 43  PRO A CG  1 
ATOM   391  C CD  . PRO A 1 51  ? -0.501  19.789  -9.300  1.00 68.76  ? 43  PRO A CD  1 
ATOM   392  N N   . LYS A 1 52  ? 3.812   18.332  -8.727  1.00 51.04  ? 44  LYS A N   1 
ATOM   393  C CA  . LYS A 1 52  ? 5.150   18.901  -8.798  1.00 82.58  ? 44  LYS A CA  1 
ATOM   394  C C   . LYS A 1 52  ? 5.837   18.594  -10.121 1.00 93.95  ? 44  LYS A C   1 
ATOM   395  O O   . LYS A 1 52  ? 7.028   18.883  -10.276 1.00 95.38  ? 44  LYS A O   1 
ATOM   396  C CB  . LYS A 1 52  ? 6.001   18.417  -7.623  1.00 95.35  ? 44  LYS A CB  1 
ATOM   397  C CG  . LYS A 1 52  ? 5.823   16.958  -7.249  1.00 82.96  ? 44  LYS A CG  1 
ATOM   398  C CD  . LYS A 1 52  ? 6.357   16.706  -5.844  1.00 71.74  ? 44  LYS A CD  1 
ATOM   399  C CE  . LYS A 1 52  ? 6.375   15.228  -5.508  1.00 77.81  ? 44  LYS A CE  1 
ATOM   400  N NZ  . LYS A 1 52  ? 6.735   14.997  -4.081  1.00 80.00  ? 44  LYS A NZ  1 
ATOM   401  N N   . VAL A 1 53  ? 5.108   18.019  -11.073 1.00 95.46  ? 45  VAL A N   1 
ATOM   402  C CA  . VAL A 1 53  ? 5.587   17.784  -12.430 1.00 76.25  ? 45  VAL A CA  1 
ATOM   403  C C   . VAL A 1 53  ? 4.396   17.964  -13.361 1.00 82.90  ? 45  VAL A C   1 
ATOM   404  O O   . VAL A 1 53  ? 3.263   17.635  -12.999 1.00 89.56  ? 45  VAL A O   1 
ATOM   405  C CB  . VAL A 1 53  ? 6.226   16.382  -12.565 1.00 83.28  ? 45  VAL A CB  1 
ATOM   406  C CG1 . VAL A 1 53  ? 6.206   15.898  -14.009 1.00 90.48  ? 45  VAL A CG1 1 
ATOM   407  C CG2 . VAL A 1 53  ? 7.652   16.382  -12.023 1.00 62.27  ? 45  VAL A CG2 1 
ATOM   408  N N   . ASP A 1 54  ? 4.644   18.526  -14.546 1.00 97.94  ? 46  ASP A N   1 
ATOM   409  C CA  . ASP A 1 54  ? 3.597   18.674  -15.552 1.00 100.86 ? 46  ASP A CA  1 
ATOM   410  C C   . ASP A 1 54  ? 2.938   17.330  -15.840 1.00 94.12  ? 46  ASP A C   1 
ATOM   411  O O   . ASP A 1 54  ? 3.531   16.468  -16.497 1.00 81.99  ? 46  ASP A O   1 
ATOM   412  C CB  . ASP A 1 54  ? 4.166   19.278  -16.836 1.00 101.87 ? 46  ASP A CB  1 
ATOM   413  C CG  . ASP A 1 54  ? 4.161   20.793  -16.817 1.00 114.97 ? 46  ASP A CG  1 
ATOM   414  O OD1 . ASP A 1 54  ? 5.190   21.389  -16.430 1.00 118.65 ? 46  ASP A OD1 1 
ATOM   415  O OD2 . ASP A 1 54  ? 3.128   21.387  -17.192 1.00 116.52 ? 46  ASP A OD2 1 
ATOM   416  N N   . ILE A 1 55  ? 1.717   17.146  -15.348 1.00 93.62  ? 47  ILE A N   1 
ATOM   417  C CA  . ILE A 1 55  ? 1.026   15.862  -15.372 1.00 75.45  ? 47  ILE A CA  1 
ATOM   418  C C   . ILE A 1 55  ? -0.205  15.971  -16.260 1.00 85.76  ? 47  ILE A C   1 
ATOM   419  O O   . ILE A 1 55  ? -0.885  17.005  -16.274 1.00 79.62  ? 47  ILE A O   1 
ATOM   420  C CB  . ILE A 1 55  ? 0.643   15.411  -13.945 1.00 86.26  ? 47  ILE A CB  1 
ATOM   421  C CG1 . ILE A 1 55  ? 0.470   13.893  -13.871 1.00 82.89  ? 47  ILE A CG1 1 
ATOM   422  C CG2 . ILE A 1 55  ? -0.617  16.121  -13.448 1.00 81.09  ? 47  ILE A CG2 1 
ATOM   423  C CD1 . ILE A 1 55  ? 1.682   13.120  -14.280 1.00 69.03  ? 47  ILE A CD1 1 
ATOM   424  N N   . LYS A 1 56  ? -0.468  14.913  -17.027 1.00 82.71  ? 48  LYS A N   1 
ATOM   425  C CA  . LYS A 1 56  ? -1.775  14.717  -17.640 1.00 72.39  ? 48  LYS A CA  1 
ATOM   426  C C   . LYS A 1 56  ? -2.006  13.220  -17.774 1.00 67.56  ? 48  LYS A C   1 
ATOM   427  O O   . LYS A 1 56  ? -1.064  12.452  -17.974 1.00 46.69  ? 48  LYS A O   1 
ATOM   428  C CB  . LYS A 1 56  ? -1.885  15.418  -19.000 1.00 69.56  ? 48  LYS A CB  1 
ATOM   429  C CG  . LYS A 1 56  ? -2.355  16.868  -18.908 1.00 68.87  ? 48  LYS A CG  1 
ATOM   430  C CD  . LYS A 1 56  ? -3.361  17.221  -19.985 1.00 73.66  ? 48  LYS A CD  1 
ATOM   431  C CE  . LYS A 1 56  ? -3.242  18.685  -20.378 1.00 69.62  ? 48  LYS A CE  1 
ATOM   432  N NZ  . LYS A 1 56  ? -4.387  19.125  -21.223 1.00 82.09  ? 48  LYS A NZ  1 
ATOM   433  N N   . VAL A 1 57  ? -3.260  12.801  -17.631 1.00 63.95  ? 49  VAL A N   1 
ATOM   434  C CA  . VAL A 1 57  ? -3.604  11.385  -17.719 1.00 69.10  ? 49  VAL A CA  1 
ATOM   435  C C   . VAL A 1 57  ? -4.256  11.127  -19.070 1.00 53.56  ? 49  VAL A C   1 
ATOM   436  O O   . VAL A 1 57  ? -5.043  11.954  -19.563 1.00 60.01  ? 49  VAL A O   1 
ATOM   437  C CB  . VAL A 1 57  ? -4.516  10.951  -16.549 1.00 48.36  ? 49  VAL A CB  1 
ATOM   438  C CG1 . VAL A 1 57  ? -5.748  11.801  -16.487 1.00 50.07  ? 49  VAL A CG1 1 
ATOM   439  C CG2 . VAL A 1 57  ? -4.890  9.484   -16.652 1.00 46.40  ? 49  VAL A CG2 1 
ATOM   440  N N   . TYR A 1 58  ? -3.919  9.988   -19.689 1.00 53.06  ? 50  TYR A N   1 
ATOM   441  C CA  . TYR A 1 58  ? -4.519  9.618   -20.966 1.00 58.62  ? 50  TYR A CA  1 
ATOM   442  C C   . TYR A 1 58  ? -5.864  8.936   -20.725 1.00 64.89  ? 50  TYR A C   1 
ATOM   443  O O   . TYR A 1 58  ? -5.939  7.919   -20.022 1.00 65.48  ? 50  TYR A O   1 
ATOM   444  C CB  . TYR A 1 58  ? -3.564  8.699   -21.717 1.00 56.34  ? 50  TYR A CB  1 
ATOM   445  C CG  . TYR A 1 58  ? -2.518  9.395   -22.566 1.00 73.95  ? 50  TYR A CG  1 
ATOM   446  C CD1 . TYR A 1 58  ? -1.158  9.298   -22.258 1.00 66.79  ? 50  TYR A CD1 1 
ATOM   447  C CD2 . TYR A 1 58  ? -2.871  10.029  -23.750 1.00 75.52  ? 50  TYR A CD2 1 
ATOM   448  C CE1 . TYR A 1 58  ? -0.207  9.915   -23.037 1.00 80.17  ? 50  TYR A CE1 1 
ATOM   449  C CE2 . TYR A 1 58  ? -1.911  10.629  -24.553 1.00 80.79  ? 50  TYR A CE2 1 
ATOM   450  C CZ  . TYR A 1 58  ? -0.578  10.562  -24.190 1.00 85.27  ? 50  TYR A CZ  1 
ATOM   451  O OH  . TYR A 1 58  ? 0.380   11.154  -24.986 1.00 81.64  ? 50  TYR A OH  1 
ATOM   452  N N   . SER A 1 59  ? -6.924  9.507   -21.297 1.00 55.73  ? 51  SER A N   1 
ATOM   453  C CA  . SER A 1 59  ? -8.267  8.953   -21.216 1.00 53.90  ? 51  SER A CA  1 
ATOM   454  C C   . SER A 1 59  ? -8.845  8.760   -22.617 1.00 66.34  ? 51  SER A C   1 
ATOM   455  O O   . SER A 1 59  ? -8.144  8.957   -23.618 1.00 59.38  ? 51  SER A O   1 
ATOM   456  C CB  . SER A 1 59  ? -9.158  9.871   -20.379 1.00 47.01  ? 51  SER A CB  1 
ATOM   457  O OG  . SER A 1 59  ? -10.353 9.225   -19.987 1.00 59.72  ? 51  SER A OG  1 
ATOM   458  N N   . PHE A 1 60  ? -10.128 8.404   -22.705 1.00 57.36  ? 52  PHE A N   1 
ATOM   459  C CA  . PHE A 1 60  ? -10.774 8.126   -23.980 1.00 53.36  ? 52  PHE A CA  1 
ATOM   460  C C   . PHE A 1 60  ? -12.049 8.944   -24.118 1.00 65.04  ? 52  PHE A C   1 
ATOM   461  O O   . PHE A 1 60  ? -12.826 9.066   -23.165 1.00 70.78  ? 52  PHE A O   1 
ATOM   462  C CB  . PHE A 1 60  ? -11.104 6.632   -24.125 1.00 66.83  ? 52  PHE A CB  1 
ATOM   463  C CG  . PHE A 1 60  ? -11.471 6.223   -25.527 1.00 65.21  ? 52  PHE A CG  1 
ATOM   464  C CD1 . PHE A 1 60  ? -10.487 5.941   -26.459 1.00 61.90  ? 52  PHE A CD1 1 
ATOM   465  C CD2 . PHE A 1 60  ? -12.797 6.124   -25.912 1.00 71.41  ? 52  PHE A CD2 1 
ATOM   466  C CE1 . PHE A 1 60  ? -10.815 5.569   -27.747 1.00 63.27  ? 52  PHE A CE1 1 
ATOM   467  C CE2 . PHE A 1 60  ? -13.134 5.749   -27.202 1.00 65.42  ? 52  PHE A CE2 1 
ATOM   468  C CZ  . PHE A 1 60  ? -12.143 5.470   -28.118 1.00 66.88  ? 52  PHE A CZ  1 
ATOM   469  N N   . ASN A 1 61  ? -12.262 9.498   -25.316 1.00 66.04  ? 53  ASN A N   1 
ATOM   470  C CA  . ASN A 1 61  ? -13.466 10.234  -25.672 1.00 75.45  ? 53  ASN A CA  1 
ATOM   471  C C   . ASN A 1 61  ? -14.349 9.319   -26.504 1.00 70.61  ? 53  ASN A C   1 
ATOM   472  O O   . ASN A 1 61  ? -14.061 9.097   -27.693 1.00 79.93  ? 53  ASN A O   1 
ATOM   473  C CB  . ASN A 1 61  ? -13.111 11.502  -26.456 1.00 73.25  ? 53  ASN A CB  1 
ATOM   474  C CG  . ASN A 1 61  ? -14.274 12.470  -26.560 1.00 76.66  ? 53  ASN A CG  1 
ATOM   475  O OD1 . ASN A 1 61  ? -15.414 12.132  -26.243 1.00 72.23  ? 53  ASN A OD1 1 
ATOM   476  N ND2 . ASN A 1 61  ? -13.987 13.686  -27.012 1.00 75.32  ? 53  ASN A ND2 1 
ATOM   477  N N   . PRO A 1 62  ? -15.418 8.749   -25.935 1.00 66.18  ? 54  PRO A N   1 
ATOM   478  C CA  . PRO A 1 62  ? -16.281 7.845   -26.705 1.00 67.49  ? 54  PRO A CA  1 
ATOM   479  C C   . PRO A 1 62  ? -17.240 8.550   -27.649 1.00 75.35  ? 54  PRO A C   1 
ATOM   480  O O   . PRO A 1 62  ? -17.882 7.873   -28.463 1.00 78.33  ? 54  PRO A O   1 
ATOM   481  C CB  . PRO A 1 62  ? -17.052 7.094   -25.613 1.00 62.57  ? 54  PRO A CB  1 
ATOM   482  C CG  . PRO A 1 62  ? -17.118 8.060   -24.487 1.00 59.03  ? 54  PRO A CG  1 
ATOM   483  C CD  . PRO A 1 62  ? -15.825 8.836   -24.522 1.00 60.38  ? 54  PRO A CD  1 
ATOM   484  N N   . GLU A 1 63  ? -17.373 9.873   -27.560 1.00 79.84  ? 55  GLU A N   1 
ATOM   485  C CA  . GLU A 1 63  ? -18.206 10.595  -28.516 1.00 78.96  ? 55  GLU A CA  1 
ATOM   486  C C   . GLU A 1 63  ? -17.507 10.718  -29.864 1.00 93.60  ? 55  GLU A C   1 
ATOM   487  O O   . GLU A 1 63  ? -18.102 10.431  -30.908 1.00 107.83 ? 55  GLU A O   1 
ATOM   488  C CB  . GLU A 1 63  ? -18.570 11.974  -27.965 1.00 80.17  ? 55  GLU A CB  1 
ATOM   489  C CG  . GLU A 1 63  ? -19.711 11.951  -26.963 1.00 97.12  ? 55  GLU A CG  1 
ATOM   490  C CD  . GLU A 1 63  ? -19.246 11.627  -25.555 1.00 105.08 ? 55  GLU A CD  1 
ATOM   491  O OE1 . GLU A 1 63  ? -18.034 11.398  -25.361 1.00 104.38 ? 55  GLU A OE1 1 
ATOM   492  O OE2 . GLU A 1 63  ? -20.097 11.598  -24.641 1.00 114.96 ? 55  GLU A OE2 1 
ATOM   493  N N   . GLU A 1 64  ? -16.243 11.140  -29.858 1.00 79.25  ? 56  GLU A N   1 
ATOM   494  C CA  . GLU A 1 64  ? -15.429 11.167  -31.065 1.00 81.86  ? 56  GLU A CA  1 
ATOM   495  C C   . GLU A 1 64  ? -14.584 9.912   -31.238 1.00 88.51  ? 56  GLU A C   1 
ATOM   496  O O   . GLU A 1 64  ? -13.929 9.764   -32.276 1.00 94.70  ? 56  GLU A O   1 
ATOM   497  C CB  . GLU A 1 64  ? -14.510 12.395  -31.063 1.00 89.68  ? 56  GLU A CB  1 
ATOM   498  C CG  . GLU A 1 64  ? -15.145 13.659  -30.506 1.00 95.66  ? 56  GLU A CG  1 
ATOM   499  C CD  . GLU A 1 64  ? -14.289 14.888  -30.748 1.00 107.99 ? 56  GLU A CD  1 
ATOM   500  O OE1 . GLU A 1 64  ? -13.664 14.975  -31.827 1.00 106.36 ? 56  GLU A OE1 1 
ATOM   501  O OE2 . GLU A 1 64  ? -14.240 15.765  -29.860 1.00 108.68 ? 56  GLU A OE2 1 
ATOM   502  N N   . GLY A 1 65  ? -14.583 9.015   -30.254 1.00 81.79  ? 57  GLY A N   1 
ATOM   503  C CA  . GLY A 1 65  ? -13.773 7.815   -30.307 1.00 58.19  ? 57  GLY A CA  1 
ATOM   504  C C   . GLY A 1 65  ? -12.291 8.102   -30.422 1.00 77.20  ? 57  GLY A C   1 
ATOM   505  O O   . GLY A 1 65  ? -11.609 7.522   -31.274 1.00 74.34  ? 57  GLY A O   1 
ATOM   506  N N   . LYS A 1 66  ? -11.772 8.990   -29.572 1.00 78.22  ? 58  LYS A N   1 
ATOM   507  C CA  . LYS A 1 66  ? -10.392 9.442   -29.696 1.00 73.34  ? 58  LYS A CA  1 
ATOM   508  C C   . LYS A 1 66  ? -9.682  9.394   -28.351 1.00 67.28  ? 58  LYS A C   1 
ATOM   509  O O   . LYS A 1 66  ? -10.251 9.770   -27.324 1.00 74.71  ? 58  LYS A O   1 
ATOM   510  C CB  . LYS A 1 66  ? -10.324 10.872  -30.264 1.00 63.02  ? 58  LYS A CB  1 
ATOM   511  C CG  . LYS A 1 66  ? -11.000 11.041  -31.623 1.00 82.76  ? 58  LYS A CG  1 
ATOM   512  C CD  . LYS A 1 66  ? -10.398 12.191  -32.418 1.00 98.96  ? 58  LYS A CD  1 
ATOM   513  C CE  . LYS A 1 66  ? -10.188 11.809  -33.879 1.00 111.32 ? 58  LYS A CE  1 
ATOM   514  N NZ  . LYS A 1 66  ? -8.877  12.282  -34.410 1.00 88.85  ? 58  LYS A NZ  1 
ATOM   515  N N   . VAL A 1 67  ? -8.432  8.931   -28.363 1.00 59.62  ? 59  VAL A N   1 
ATOM   516  C CA  . VAL A 1 67  ? -7.583  9.040   -27.183 1.00 56.07  ? 59  VAL A CA  1 
ATOM   517  C C   . VAL A 1 67  ? -7.292  10.511  -26.914 1.00 68.58  ? 59  VAL A C   1 
ATOM   518  O O   . VAL A 1 67  ? -6.996  11.281  -27.838 1.00 64.99  ? 59  VAL A O   1 
ATOM   519  C CB  . VAL A 1 67  ? -6.285  8.238   -27.384 1.00 46.00  ? 59  VAL A CB  1 
ATOM   520  C CG1 . VAL A 1 67  ? -5.334  8.460   -26.227 1.00 53.43  ? 59  VAL A CG1 1 
ATOM   521  C CG2 . VAL A 1 67  ? -6.602  6.761   -27.546 1.00 65.25  ? 59  VAL A CG2 1 
ATOM   522  N N   . VAL A 1 68  ? -7.377  10.917  -25.642 1.00 68.83  ? 60  VAL A N   1 
ATOM   523  C CA  . VAL A 1 68  ? -7.307  12.327  -25.277 1.00 68.30  ? 60  VAL A CA  1 
ATOM   524  C C   . VAL A 1 68  ? -6.520  12.498  -23.981 1.00 71.42  ? 60  VAL A C   1 
ATOM   525  O O   . VAL A 1 68  ? -6.349  11.562  -23.199 1.00 72.86  ? 60  VAL A O   1 
ATOM   526  C CB  . VAL A 1 68  ? -8.726  12.933  -25.150 1.00 67.25  ? 60  VAL A CB  1 
ATOM   527  C CG1 . VAL A 1 68  ? -9.419  12.413  -23.904 1.00 69.69  ? 60  VAL A CG1 1 
ATOM   528  C CG2 . VAL A 1 68  ? -8.687  14.457  -25.183 1.00 79.10  ? 60  VAL A CG2 1 
ATOM   529  N N   . LEU A 1 69  ? -6.006  13.713  -23.779 1.00 79.84  ? 61  LEU A N   1 
ATOM   530  C CA  . LEU A 1 69  ? -5.364  14.125  -22.535 1.00 62.68  ? 61  LEU A CA  1 
ATOM   531  C C   . LEU A 1 69  ? -6.352  14.842  -21.627 1.00 71.94  ? 61  LEU A C   1 
ATOM   532  O O   . LEU A 1 69  ? -7.156  15.659  -22.088 1.00 70.64  ? 61  LEU A O   1 
ATOM   533  C CB  . LEU A 1 69  ? -4.176  15.046  -22.817 1.00 68.43  ? 61  LEU A CB  1 
ATOM   534  C CG  . LEU A 1 69  ? -3.000  14.414  -23.553 1.00 71.48  ? 61  LEU A CG  1 
ATOM   535  C CD1 . LEU A 1 69  ? -1.994  15.471  -23.920 1.00 79.87  ? 61  LEU A CD1 1 
ATOM   536  C CD2 . LEU A 1 69  ? -2.337  13.383  -22.631 1.00 74.77  ? 61  LEU A CD2 1 
ATOM   537  N N   . THR A 1 70  ? -6.280  14.550  -20.328 1.00 61.21  ? 62  THR A N   1 
ATOM   538  C CA  . THR A 1 70  ? -7.104  15.285  -19.384 1.00 64.66  ? 62  THR A CA  1 
ATOM   539  C C   . THR A 1 70  ? -6.326  15.543  -18.100 1.00 72.58  ? 62  THR A C   1 
ATOM   540  O O   . THR A 1 70  ? -5.284  14.932  -17.829 1.00 56.90  ? 62  THR A O   1 
ATOM   541  C CB  . THR A 1 70  ? -8.435  14.565  -19.097 1.00 64.76  ? 62  THR A CB  1 
ATOM   542  O OG1 . THR A 1 70  ? -9.430  15.530  -18.733 1.00 61.75  ? 62  THR A OG1 1 
ATOM   543  C CG2 . THR A 1 70  ? -8.291  13.563  -17.976 1.00 59.26  ? 62  THR A CG2 1 
ATOM   544  N N   . ASP A 1 71  ? -6.851  16.487  -17.324 1.00 71.60  ? 63  ASP A N   1 
ATOM   545  C CA  . ASP A 1 71  ? -6.172  16.984  -16.138 1.00 79.83  ? 63  ASP A CA  1 
ATOM   546  C C   . ASP A 1 71  ? -6.447  16.093  -14.937 1.00 74.20  ? 63  ASP A C   1 
ATOM   547  O O   . ASP A 1 71  ? -7.573  15.632  -14.725 1.00 75.40  ? 63  ASP A O   1 
ATOM   548  C CB  . ASP A 1 71  ? -6.615  18.416  -15.834 1.00 67.50  ? 63  ASP A CB  1 
ATOM   549  C CG  . ASP A 1 71  ? -6.091  19.415  -16.845 1.00 81.06  ? 63  ASP A CG  1 
ATOM   550  O OD1 . ASP A 1 71  ? -4.937  19.254  -17.298 1.00 88.53  ? 63  ASP A OD1 1 
ATOM   551  O OD2 . ASP A 1 71  ? -6.833  20.360  -17.187 1.00 84.42  ? 63  ASP A OD2 1 
ATOM   552  N N   . ILE A 1 72  ? -5.402  15.865  -14.145 1.00 69.06  ? 64  ILE A N   1 
ATOM   553  C CA  . ILE A 1 72  ? -5.494  15.093  -12.910 1.00 69.24  ? 64  ILE A CA  1 
ATOM   554  C C   . ILE A 1 72  ? -5.810  16.077  -11.787 1.00 67.60  ? 64  ILE A C   1 
ATOM   555  O O   . ILE A 1 72  ? -4.916  16.741  -11.264 1.00 78.03  ? 64  ILE A O   1 
ATOM   556  C CB  . ILE A 1 72  ? -4.202  14.325  -12.632 1.00 59.75  ? 64  ILE A CB  1 
ATOM   557  C CG1 . ILE A 1 72  ? -3.899  13.353  -13.771 1.00 61.93  ? 64  ILE A CG1 1 
ATOM   558  C CG2 . ILE A 1 72  ? -4.297  13.601  -11.301 1.00 76.15  ? 64  ILE A CG2 1 
ATOM   559  C CD1 . ILE A 1 72  ? -2.889  12.285  -13.405 1.00 75.00  ? 64  ILE A CD1 1 
ATOM   560  N N   . GLU A 1 73  ? -7.088  16.174  -11.412 1.00 64.72  ? 65  GLU A N   1 
ATOM   561  C CA  . GLU A 1 73  ? -7.469  17.116  -10.366 1.00 71.40  ? 65  GLU A CA  1 
ATOM   562  C C   . GLU A 1 73  ? -6.937  16.670  -9.007  1.00 71.37  ? 65  GLU A C   1 
ATOM   563  O O   . GLU A 1 73  ? -6.181  17.396  -8.352  1.00 74.85  ? 65  GLU A O   1 
ATOM   564  C CB  . GLU A 1 73  ? -8.989  17.275  -10.336 1.00 56.03  ? 65  GLU A CB  1 
ATOM   565  C CG  . GLU A 1 73  ? -9.561  17.871  -11.613 1.00 66.41  ? 65  GLU A CG  1 
ATOM   566  C CD  . GLU A 1 73  ? -11.077 17.910  -11.616 1.00 82.22  ? 65  GLU A CD  1 
ATOM   567  O OE1 . GLU A 1 73  ? -11.692 17.197  -10.795 1.00 81.44  ? 65  GLU A OE1 1 
ATOM   568  O OE2 . GLU A 1 73  ? -11.653 18.649  -12.444 1.00 86.80  ? 65  GLU A OE2 1 
ATOM   569  N N   . GLU A 1 74  ? -7.308  15.468  -8.574  1.00 63.59  ? 66  GLU A N   1 
ATOM   570  C CA  . GLU A 1 74  ? -6.876  14.935  -7.292  1.00 63.37  ? 66  GLU A CA  1 
ATOM   571  C C   . GLU A 1 74  ? -6.350  13.520  -7.466  1.00 54.09  ? 66  GLU A C   1 
ATOM   572  O O   . GLU A 1 74  ? -6.779  12.787  -8.360  1.00 74.52  ? 66  GLU A O   1 
ATOM   573  C CB  . GLU A 1 74  ? -8.024  14.925  -6.276  1.00 58.83  ? 66  GLU A CB  1 
ATOM   574  C CG  . GLU A 1 74  ? -8.644  16.281  -6.020  1.00 71.62  ? 66  GLU A CG  1 
ATOM   575  C CD  . GLU A 1 74  ? -10.041 16.174  -5.447  1.00 83.74  ? 66  GLU A CD  1 
ATOM   576  O OE1 . GLU A 1 74  ? -10.490 15.037  -5.194  1.00 67.69  ? 66  GLU A OE1 1 
ATOM   577  O OE2 . GLU A 1 74  ? -10.688 17.224  -5.247  1.00 101.69 ? 66  GLU A OE2 1 
ATOM   578  N N   . VAL A 1 75  ? -5.413  13.140  -6.602  1.00 55.91  ? 67  VAL A N   1 
ATOM   579  C CA  . VAL A 1 75  ? -5.012  11.748  -6.439  1.00 53.85  ? 67  VAL A CA  1 
ATOM   580  C C   . VAL A 1 75  ? -5.242  11.370  -4.982  1.00 61.58  ? 67  VAL A C   1 
ATOM   581  O O   . VAL A 1 75  ? -4.852  12.110  -4.071  1.00 65.16  ? 67  VAL A O   1 
ATOM   582  C CB  . VAL A 1 75  ? -3.550  11.511  -6.853  1.00 54.84  ? 67  VAL A CB  1 
ATOM   583  C CG1 . VAL A 1 75  ? -3.269  10.019  -6.980  1.00 40.68  ? 67  VAL A CG1 1 
ATOM   584  C CG2 . VAL A 1 75  ? -3.256  12.215  -8.157  1.00 52.97  ? 67  VAL A CG2 1 
ATOM   585  N N   . ILE A 1 76  ? -5.880  10.228  -4.764  1.00 52.27  ? 68  ILE A N   1 
ATOM   586  C CA  . ILE A 1 76  ? -6.395  9.853   -3.456  1.00 49.21  ? 68  ILE A CA  1 
ATOM   587  C C   . ILE A 1 76  ? -5.762  8.537   -3.027  1.00 55.97  ? 68  ILE A C   1 
ATOM   588  O O   . ILE A 1 76  ? -5.534  7.646   -3.851  1.00 51.47  ? 68  ILE A O   1 
ATOM   589  C CB  . ILE A 1 76  ? -7.933  9.754   -3.477  1.00 48.21  ? 68  ILE A CB  1 
ATOM   590  C CG1 . ILE A 1 76  ? -8.533  11.106  -3.868  1.00 50.77  ? 68  ILE A CG1 1 
ATOM   591  C CG2 . ILE A 1 76  ? -8.468  9.302   -2.130  1.00 55.63  ? 68  ILE A CG2 1 
ATOM   592  C CD1 . ILE A 1 76  ? -10.034 11.180  -3.705  1.00 61.55  ? 68  ILE A CD1 1 
ATOM   593  N N   . LYS A 1 77  ? -5.475  8.429   -1.732  1.00 49.71  ? 69  LYS A N   1 
ATOM   594  C CA  . LYS A 1 77  ? -4.867  7.245   -1.141  1.00 55.83  ? 69  LYS A CA  1 
ATOM   595  C C   . LYS A 1 77  ? -5.675  6.883   0.094   1.00 51.76  ? 69  LYS A C   1 
ATOM   596  O O   . LYS A 1 77  ? -5.761  7.678   1.037   1.00 64.10  ? 69  LYS A O   1 
ATOM   597  C CB  . LYS A 1 77  ? -3.400  7.506   -0.788  1.00 53.05  ? 69  LYS A CB  1 
ATOM   598  C CG  . LYS A 1 77  ? -2.714  6.426   0.024   1.00 51.89  ? 69  LYS A CG  1 
ATOM   599  C CD  . LYS A 1 77  ? -1.394  6.954   0.583   1.00 72.03  ? 69  LYS A CD  1 
ATOM   600  C CE  . LYS A 1 77  ? -0.645  5.901   1.382   1.00 73.51  ? 69  LYS A CE  1 
ATOM   601  N NZ  . LYS A 1 77  ? -0.203  4.769   0.523   1.00 86.36  ? 69  LYS A NZ  1 
ATOM   602  N N   . ALA A 1 78  ? -6.293  5.702   0.076   1.00 52.76  ? 70  ALA A N   1 
ATOM   603  C CA  . ALA A 1 78  ? -7.140  5.278   1.180   1.00 51.09  ? 70  ALA A CA  1 
ATOM   604  C C   . ALA A 1 78  ? -6.397  4.257   2.019   1.00 63.14  ? 70  ALA A C   1 
ATOM   605  O O   . ALA A 1 78  ? -5.995  3.211   1.487   1.00 60.26  ? 70  ALA A O   1 
ATOM   606  C CB  . ALA A 1 78  ? -8.450  4.690   0.670   1.00 38.15  ? 70  ALA A CB  1 
ATOM   607  N N   . PRO A 1 79  ? -6.184  4.518   3.306   1.00 56.13  ? 71  PRO A N   1 
ATOM   608  C CA  . PRO A 1 79  ? -5.422  3.579   4.135   1.00 72.06  ? 71  PRO A CA  1 
ATOM   609  C C   . PRO A 1 79  ? -6.132  2.241   4.260   1.00 66.38  ? 71  PRO A C   1 
ATOM   610  O O   . PRO A 1 79  ? -7.346  2.124   4.073   1.00 54.71  ? 71  PRO A O   1 
ATOM   611  C CB  . PRO A 1 79  ? -5.328  4.281   5.497   1.00 73.35  ? 71  PRO A CB  1 
ATOM   612  C CG  . PRO A 1 79  ? -6.115  5.542   5.392   1.00 75.31  ? 71  PRO A CG  1 
ATOM   613  C CD  . PRO A 1 79  ? -6.428  5.811   3.964   1.00 63.33  ? 71  PRO A CD  1 
ATOM   614  N N   . ALA A 1 80  ? -5.341  1.223   4.595   1.00 74.80  ? 72  ALA A N   1 
ATOM   615  C CA  . ALA A 1 80  ? -5.878  -0.105  4.838   1.00 74.39  ? 72  ALA A CA  1 
ATOM   616  C C   . ALA A 1 80  ? -6.958  -0.060  5.914   1.00 79.65  ? 72  ALA A C   1 
ATOM   617  O O   . ALA A 1 80  ? -6.994  0.841   6.756   1.00 86.68  ? 72  ALA A O   1 
ATOM   618  C CB  . ALA A 1 80  ? -4.755  -1.054  5.257   1.00 70.47  ? 72  ALA A CB  1 
ATOM   619  N N   . THR A 1 81  ? -7.854  -1.043  5.875   1.00 70.60  ? 73  THR A N   1 
ATOM   620  C CA  . THR A 1 81  ? -8.917  -1.123  6.869   1.00 78.17  ? 73  THR A CA  1 
ATOM   621  C C   . THR A 1 81  ? -8.338  -1.424  8.248   1.00 79.23  ? 73  THR A C   1 
ATOM   622  O O   . THR A 1 81  ? -8.390  -0.575  9.144   1.00 96.62  ? 73  THR A O   1 
ATOM   623  C CB  . THR A 1 81  ? -9.961  -2.167  6.451   1.00 86.74  ? 73  THR A CB  1 
ATOM   624  O OG1 . THR A 1 81  ? -10.767 -2.528  7.581   1.00 99.81  ? 73  THR A OG1 1 
ATOM   625  C CG2 . THR A 1 81  ? -9.309  -3.409  5.838   1.00 91.96  ? 73  THR A CG2 1 
ATOM   626  N N   . ASP A 1 82  ? -7.779  -2.615  8.427   1.00 79.46  ? 74  ASP A N   1 
ATOM   627  C CA  . ASP A 1 82  ? -7.069  -2.980  9.640   1.00 80.57  ? 74  ASP A CA  1 
ATOM   628  C C   . ASP A 1 82  ? -5.579  -3.080  9.343   1.00 69.87  ? 74  ASP A C   1 
ATOM   629  O O   . ASP A 1 82  ? -5.145  -3.037  8.190   1.00 87.91  ? 74  ASP A O   1 
ATOM   630  C CB  . ASP A 1 82  ? -7.602  -4.297  10.219  1.00 83.80  ? 74  ASP A CB  1 
ATOM   631  C CG  . ASP A 1 82  ? -7.601  -5.425  9.207   1.00 101.47 ? 74  ASP A CG  1 
ATOM   632  O OD1 . ASP A 1 82  ? -8.083  -6.526  9.550   1.00 107.01 ? 74  ASP A OD1 1 
ATOM   633  O OD2 . ASP A 1 82  ? -7.125  -5.216  8.069   1.00 107.29 ? 74  ASP A OD2 1 
ATOM   634  N N   . HIS A 1 83  ? -4.795  -3.214  10.405  1.00 63.97  ? 75  HIS A N   1 
ATOM   635  C CA  . HIS A 1 83  ? -3.346  -3.216  10.303  1.00 61.80  ? 75  HIS A CA  1 
ATOM   636  C C   . HIS A 1 83  ? -2.781  -4.485  10.926  1.00 49.72  ? 75  HIS A C   1 
ATOM   637  O O   . HIS A 1 83  ? -3.458  -5.190  11.680  1.00 60.85  ? 75  HIS A O   1 
ATOM   638  C CB  . HIS A 1 83  ? -2.757  -1.982  10.988  1.00 49.40  ? 75  HIS A CB  1 
ATOM   639  C CG  . HIS A 1 83  ? -3.532  -1.545  12.191  1.00 84.42  ? 75  HIS A CG  1 
ATOM   640  N ND1 . HIS A 1 83  ? -4.352  -0.439  12.184  1.00 92.54  ? 75  HIS A ND1 1 
ATOM   641  C CD2 . HIS A 1 83  ? -3.617  -2.071  13.437  1.00 68.81  ? 75  HIS A CD2 1 
ATOM   642  C CE1 . HIS A 1 83  ? -4.910  -0.300  13.375  1.00 92.06  ? 75  HIS A CE1 1 
ATOM   643  N NE2 . HIS A 1 83  ? -4.479  -1.277  14.152  1.00 87.40  ? 75  HIS A NE2 1 
ATOM   644  N N   . LEU A 1 84  ? -1.530  -4.774  10.600  1.00 54.26  ? 76  LEU A N   1 
ATOM   645  C CA  . LEU A 1 84  ? -0.843  -5.924  11.164  1.00 62.86  ? 76  LEU A CA  1 
ATOM   646  C C   . LEU A 1 84  ? 0.148   -5.484  12.229  1.00 58.14  ? 76  LEU A C   1 
ATOM   647  O O   . LEU A 1 84  ? 0.508   -4.309  12.337  1.00 57.81  ? 76  LEU A O   1 
ATOM   648  C CB  . LEU A 1 84  ? -0.101  -6.723  10.090  1.00 57.65  ? 76  LEU A CB  1 
ATOM   649  C CG  . LEU A 1 84  ? -0.949  -7.321  8.979   1.00 56.75  ? 76  LEU A CG  1 
ATOM   650  C CD1 . LEU A 1 84  ? -0.675  -6.579  7.699   1.00 67.44  ? 76  LEU A CD1 1 
ATOM   651  C CD2 . LEU A 1 84  ? -0.648  -8.799  8.828   1.00 59.79  ? 76  LEU A CD2 1 
ATOM   652  N N   . ILE A 1 85  ? 0.588   -6.457  13.014  1.00 54.13  ? 77  ILE A N   1 
ATOM   653  C CA  . ILE A 1 85  ? 1.637   -6.264  13.998  1.00 47.96  ? 77  ILE A CA  1 
ATOM   654  C C   . ILE A 1 85  ? 2.920   -6.844  13.422  1.00 41.11  ? 77  ILE A C   1 
ATOM   655  O O   . ILE A 1 85  ? 2.925   -7.967  12.895  1.00 46.81  ? 77  ILE A O   1 
ATOM   656  C CB  . ILE A 1 85  ? 1.272   -6.931  15.333  1.00 48.19  ? 77  ILE A CB  1 
ATOM   657  C CG1 . ILE A 1 85  ? 0.445   -5.984  16.192  1.00 55.77  ? 77  ILE A CG1 1 
ATOM   658  C CG2 . ILE A 1 85  ? 2.522   -7.267  16.101  1.00 66.93  ? 77  ILE A CG2 1 
ATOM   659  C CD1 . ILE A 1 85  ? -0.036  -6.614  17.480  1.00 55.48  ? 77  ILE A CD1 1 
ATOM   660  N N   . ARG A 1 86  ? 4.004   -6.078  13.512  1.00 54.30  ? 78  ARG A N   1 
ATOM   661  C CA  . ARG A 1 86  ? 5.318   -6.454  13.008  1.00 46.30  ? 78  ARG A CA  1 
ATOM   662  C C   . ARG A 1 86  ? 6.274   -6.571  14.187  1.00 46.60  ? 78  ARG A C   1 
ATOM   663  O O   . ARG A 1 86  ? 6.495   -5.592  14.913  1.00 46.09  ? 78  ARG A O   1 
ATOM   664  C CB  . ARG A 1 86  ? 5.835   -5.424  12.006  1.00 55.03  ? 78  ARG A CB  1 
ATOM   665  C CG  . ARG A 1 86  ? 7.054   -5.880  11.225  1.00 65.15  ? 78  ARG A CG  1 
ATOM   666  C CD  . ARG A 1 86  ? 7.263   -5.029  9.987   1.00 77.29  ? 78  ARG A CD  1 
ATOM   667  N NE  . ARG A 1 86  ? 8.629   -4.528  9.900   1.00 70.64  ? 78  ARG A NE  1 
ATOM   668  C CZ  . ARG A 1 86  ? 9.654   -5.223  9.420   1.00 81.24  ? 78  ARG A CZ  1 
ATOM   669  N NH1 . ARG A 1 86  ? 9.500   -6.451  8.954   1.00 76.28  ? 78  ARG A NH1 1 
ATOM   670  N NH2 . ARG A 1 86  ? 10.862  -4.667  9.404   1.00 84.08  ? 78  ARG A NH2 1 
ATOM   671  N N   . PHE A 1 87  ? 6.818   -7.770  14.376  1.00 41.55  ? 79  PHE A N   1 
ATOM   672  C CA  . PHE A 1 87  ? 7.830   -8.056  15.381  1.00 47.95  ? 79  PHE A CA  1 
ATOM   673  C C   . PHE A 1 87  ? 9.185   -8.102  14.683  1.00 45.50  ? 79  PHE A C   1 
ATOM   674  O O   . PHE A 1 87  ? 9.438   -8.986  13.854  1.00 51.62  ? 79  PHE A O   1 
ATOM   675  C CB  . PHE A 1 87  ? 7.549   -9.385  16.078  1.00 35.43  ? 79  PHE A CB  1 
ATOM   676  C CG  . PHE A 1 87  ? 6.224   -9.447  16.778  1.00 42.00  ? 79  PHE A CG  1 
ATOM   677  C CD1 . PHE A 1 87  ? 5.994   -8.707  17.924  1.00 39.80  ? 79  PHE A CD1 1 
ATOM   678  C CD2 . PHE A 1 87  ? 5.216   -10.278 16.307  1.00 47.73  ? 79  PHE A CD2 1 
ATOM   679  C CE1 . PHE A 1 87  ? 4.775   -8.776  18.578  1.00 39.52  ? 79  PHE A CE1 1 
ATOM   680  C CE2 . PHE A 1 87  ? 4.000   -10.352 16.957  1.00 49.17  ? 79  PHE A CE2 1 
ATOM   681  C CZ  . PHE A 1 87  ? 3.782   -9.601  18.100  1.00 49.10  ? 79  PHE A CZ  1 
ATOM   682  N N   . GLU A 1 88  ? 10.044  -7.140  15.002  1.00 53.04  ? 80  GLU A N   1 
ATOM   683  C CA  . GLU A 1 88  ? 11.446  -7.191  14.614  1.00 52.57  ? 80  GLU A CA  1 
ATOM   684  C C   . GLU A 1 88  ? 12.191  -7.906  15.732  1.00 52.18  ? 80  GLU A C   1 
ATOM   685  O O   . GLU A 1 88  ? 12.247  -7.410  16.867  1.00 56.62  ? 80  GLU A O   1 
ATOM   686  C CB  . GLU A 1 88  ? 11.995  -5.789  14.372  1.00 54.63  ? 80  GLU A CB  1 
ATOM   687  C CG  . GLU A 1 88  ? 12.259  -5.487  12.905  1.00 84.97  ? 80  GLU A CG  1 
ATOM   688  C CD  . GLU A 1 88  ? 12.258  -4.002  12.603  1.00 93.86  ? 80  GLU A CD  1 
ATOM   689  O OE1 . GLU A 1 88  ? 11.754  -3.618  11.525  1.00 91.20  ? 80  GLU A OE1 1 
ATOM   690  O OE2 . GLU A 1 88  ? 12.759  -3.221  13.440  1.00 95.37  ? 80  GLU A OE2 1 
ATOM   691  N N   . LEU A 1 89  ? 12.729  -9.080  15.413  1.00 40.66  ? 81  LEU A N   1 
ATOM   692  C CA  . LEU A 1 89  ? 13.400  -9.960  16.356  1.00 54.91  ? 81  LEU A CA  1 
ATOM   693  C C   . LEU A 1 89  ? 14.912  -9.907  16.155  1.00 55.17  ? 81  LEU A C   1 
ATOM   694  O O   . LEU A 1 89  ? 15.416  -9.407  15.146  1.00 61.44  ? 81  LEU A O   1 
ATOM   695  C CB  . LEU A 1 89  ? 12.899  -11.399 16.188  1.00 52.00  ? 81  LEU A CB  1 
ATOM   696  C CG  . LEU A 1 89  ? 11.401  -11.592 15.952  1.00 38.60  ? 81  LEU A CG  1 
ATOM   697  C CD1 . LEU A 1 89  ? 11.140  -12.921 15.264  1.00 29.70  ? 81  LEU A CD1 1 
ATOM   698  C CD2 . LEU A 1 89  ? 10.678  -11.538 17.275  1.00 34.01  ? 81  LEU A CD2 1 
ATOM   699  N N   . GLU A 1 90  ? 15.640  -10.441 17.130  1.00 58.32  ? 82  GLU A N   1 
ATOM   700  C CA  . GLU A 1 90  ? 17.084  -10.483 16.997  1.00 54.72  ? 82  GLU A CA  1 
ATOM   701  C C   . GLU A 1 90  ? 17.469  -11.542 15.970  1.00 51.30  ? 82  GLU A C   1 
ATOM   702  O O   . GLU A 1 90  ? 16.654  -12.378 15.568  1.00 65.90  ? 82  GLU A O   1 
ATOM   703  C CB  . GLU A 1 90  ? 17.750  -10.742 18.352  1.00 47.04  ? 82  GLU A CB  1 
ATOM   704  C CG  . GLU A 1 90  ? 17.700  -12.180 18.827  1.00 64.56  ? 82  GLU A CG  1 
ATOM   705  C CD  . GLU A 1 90  ? 18.340  -12.372 20.193  1.00 67.52  ? 82  GLU A CD  1 
ATOM   706  O OE1 . GLU A 1 90  ? 17.904  -11.711 21.160  1.00 57.95  ? 82  GLU A OE1 1 
ATOM   707  O OE2 . GLU A 1 90  ? 19.287  -13.183 20.296  1.00 81.72  ? 82  GLU A OE2 1 
ATOM   708  N N   . LEU A 1 91  ? 18.727  -11.479 15.530  1.00 60.03  ? 83  LEU A N   1 
ATOM   709  C CA  . LEU A 1 91  ? 19.271  -12.312 14.458  1.00 54.37  ? 83  LEU A CA  1 
ATOM   710  C C   . LEU A 1 91  ? 18.693  -11.944 13.094  1.00 62.66  ? 83  LEU A C   1 
ATOM   711  O O   . LEU A 1 91  ? 18.786  -12.729 12.145  1.00 64.82  ? 83  LEU A O   1 
ATOM   712  C CB  . LEU A 1 91  ? 19.059  -13.806 14.739  1.00 57.52  ? 83  LEU A CB  1 
ATOM   713  C CG  . LEU A 1 91  ? 19.723  -14.393 15.990  1.00 66.13  ? 83  LEU A CG  1 
ATOM   714  C CD1 . LEU A 1 91  ? 19.684  -15.913 15.952  1.00 54.99  ? 83  LEU A CD1 1 
ATOM   715  C CD2 . LEU A 1 91  ? 21.156  -13.897 16.158  1.00 51.35  ? 83  LEU A CD2 1 
ATOM   716  N N   . GLY A 1 92  ? 18.089  -10.758 12.978  1.00 57.89  ? 84  GLY A N   1 
ATOM   717  C CA  . GLY A 1 92  ? 17.587  -10.260 11.715  1.00 61.98  ? 84  GLY A CA  1 
ATOM   718  C C   . GLY A 1 92  ? 16.196  -10.714 11.322  1.00 65.58  ? 84  GLY A C   1 
ATOM   719  O O   . GLY A 1 92  ? 15.635  -10.160 10.369  1.00 64.52  ? 84  GLY A O   1 
ATOM   720  N N   . SER A 1 93  ? 15.614  -11.689 12.017  1.00 66.97  ? 85  SER A N   1 
ATOM   721  C CA  . SER A 1 93  ? 14.331  -12.243 11.603  1.00 57.37  ? 85  SER A CA  1 
ATOM   722  C C   . SER A 1 93  ? 13.188  -11.265 11.858  1.00 56.61  ? 85  SER A C   1 
ATOM   723  O O   . SER A 1 93  ? 13.201  -10.490 12.819  1.00 66.09  ? 85  SER A O   1 
ATOM   724  C CB  . SER A 1 93  ? 14.056  -13.557 12.334  1.00 62.33  ? 85  SER A CB  1 
ATOM   725  O OG  . SER A 1 93  ? 13.077  -14.323 11.655  1.00 87.42  ? 85  SER A OG  1 
ATOM   726  N N   . SER A 1 94  ? 12.185  -11.322 10.986  1.00 73.70  ? 86  SER A N   1 
ATOM   727  C CA  . SER A 1 94  ? 10.981  -10.511 11.081  1.00 62.64  ? 86  SER A CA  1 
ATOM   728  C C   . SER A 1 94  ? 9.762   -11.417 11.201  1.00 63.76  ? 86  SER A C   1 
ATOM   729  O O   . SER A 1 94  ? 9.812   -12.604 10.870  1.00 67.32  ? 86  SER A O   1 
ATOM   730  C CB  . SER A 1 94  ? 10.833  -9.596  9.859   1.00 63.45  ? 86  SER A CB  1 
ATOM   731  O OG  . SER A 1 94  ? 10.188  -8.383  10.199  1.00 88.83  ? 86  SER A OG  1 
ATOM   732  N N   . PHE A 1 95  ? 8.656   -10.848 11.681  1.00 71.03  ? 87  PHE A N   1 
ATOM   733  C CA  . PHE A 1 95  ? 7.407   -11.606 11.783  1.00 61.69  ? 87  PHE A CA  1 
ATOM   734  C C   . PHE A 1 95  ? 6.239   -10.635 11.700  1.00 58.20  ? 87  PHE A C   1 
ATOM   735  O O   . PHE A 1 95  ? 6.048   -9.828  12.608  1.00 63.21  ? 87  PHE A O   1 
ATOM   736  C CB  . PHE A 1 95  ? 7.360   -12.406 13.087  1.00 58.90  ? 87  PHE A CB  1 
ATOM   737  C CG  . PHE A 1 95  ? 6.238   -13.411 13.155  1.00 55.38  ? 87  PHE A CG  1 
ATOM   738  C CD1 . PHE A 1 95  ? 5.673   -13.927 12.000  1.00 65.38  ? 87  PHE A CD1 1 
ATOM   739  C CD2 . PHE A 1 95  ? 5.752   -13.841 14.380  1.00 51.00  ? 87  PHE A CD2 1 
ATOM   740  C CE1 . PHE A 1 95  ? 4.642   -14.854 12.065  1.00 67.06  ? 87  PHE A CE1 1 
ATOM   741  C CE2 . PHE A 1 95  ? 4.726   -14.768 14.453  1.00 70.44  ? 87  PHE A CE2 1 
ATOM   742  C CZ  . PHE A 1 95  ? 4.169   -15.275 13.295  1.00 62.85  ? 87  PHE A CZ  1 
ATOM   743  N N   . GLU A 1 96  ? 5.456   -10.710 10.628  1.00 54.89  ? 88  GLU A N   1 
ATOM   744  C CA  . GLU A 1 96  ? 4.246   -9.909  10.490  1.00 46.58  ? 88  GLU A CA  1 
ATOM   745  C C   . GLU A 1 96  ? 3.039   -10.819 10.649  1.00 50.09  ? 88  GLU A C   1 
ATOM   746  O O   . GLU A 1 96  ? 2.998   -11.908 10.066  1.00 50.67  ? 88  GLU A O   1 
ATOM   747  C CB  . GLU A 1 96  ? 4.196   -9.192  9.141   1.00 46.22  ? 88  GLU A CB  1 
ATOM   748  C CG  . GLU A 1 96  ? 5.134   -8.004  9.032   1.00 66.22  ? 88  GLU A CG  1 
ATOM   749  C CD  . GLU A 1 96  ? 4.983   -7.258  7.720   1.00 75.55  ? 88  GLU A CD  1 
ATOM   750  O OE1 . GLU A 1 96  ? 4.034   -7.566  6.967   1.00 83.07  ? 88  GLU A OE1 1 
ATOM   751  O OE2 . GLU A 1 96  ? 5.809   -6.361  7.444   1.00 78.05  ? 88  GLU A OE2 1 
ATOM   752  N N   . THR A 1 97  ? 2.063   -10.378 11.438  1.00 47.95  ? 89  THR A N   1 
ATOM   753  C CA  . THR A 1 97  ? 0.911   -11.223 11.728  1.00 39.74  ? 89  THR A CA  1 
ATOM   754  C C   . THR A 1 97  ? -0.259  -10.339 12.144  1.00 54.95  ? 89  THR A C   1 
ATOM   755  O O   . THR A 1 97  ? -0.145  -9.113  12.213  1.00 52.95  ? 89  THR A O   1 
ATOM   756  C CB  . THR A 1 97  ? 1.257   -12.259 12.803  1.00 55.70  ? 89  THR A CB  1 
ATOM   757  O OG1 . THR A 1 97  ? 0.323   -13.343 12.743  1.00 59.72  ? 89  THR A OG1 1 
ATOM   758  C CG2 . THR A 1 97  ? 1.236   -11.629 14.195  1.00 42.96  ? 89  THR A CG2 1 
ATOM   759  N N   . THR A 1 98  ? -1.400  -10.975 12.396  1.00 48.96  ? 90  THR A N   1 
ATOM   760  C CA  . THR A 1 98  ? -2.576  -10.255 12.855  1.00 51.12  ? 90  THR A CA  1 
ATOM   761  C C   . THR A 1 98  ? -2.534  -10.089 14.370  1.00 52.31  ? 90  THR A C   1 
ATOM   762  O O   . THR A 1 98  ? -1.888  -10.856 15.088  1.00 54.47  ? 90  THR A O   1 
ATOM   763  C CB  . THR A 1 98  ? -3.859  -10.982 12.447  1.00 52.26  ? 90  THR A CB  1 
ATOM   764  O OG1 . THR A 1 98  ? -3.699  -12.393 12.639  1.00 54.84  ? 90  THR A OG1 1 
ATOM   765  C CG2 . THR A 1 98  ? -4.175  -10.718 10.987  1.00 60.63  ? 90  THR A CG2 1 
ATOM   766  N N   . VAL A 1 99  ? -3.250  -9.072  14.855  1.00 40.96  ? 91  VAL A N   1 
ATOM   767  C CA  . VAL A 1 99  ? -3.243  -8.765  16.278  1.00 44.31  ? 91  VAL A CA  1 
ATOM   768  C C   . VAL A 1 99  ? -3.781  -9.920  17.111  1.00 45.46  ? 91  VAL A C   1 
ATOM   769  O O   . VAL A 1 99  ? -3.442  -10.037 18.293  1.00 48.30  ? 91  VAL A O   1 
ATOM   770  C CB  . VAL A 1 99  ? -4.041  -7.471  16.553  1.00 52.13  ? 91  VAL A CB  1 
ATOM   771  C CG1 . VAL A 1 99  ? -3.535  -6.337  15.678  1.00 48.90  ? 91  VAL A CG1 1 
ATOM   772  C CG2 . VAL A 1 99  ? -5.521  -7.701  16.331  1.00 63.31  ? 91  VAL A CG2 1 
ATOM   773  N N   . ASP A 1 100 ? -4.600  -10.790 16.524  1.00 36.36  ? 92  ASP A N   1 
ATOM   774  C CA  . ASP A 1 100 ? -5.216  -11.888 17.255  1.00 44.41  ? 92  ASP A CA  1 
ATOM   775  C C   . ASP A 1 100 ? -4.538  -13.232 17.009  1.00 38.07  ? 92  ASP A C   1 
ATOM   776  O O   . ASP A 1 100 ? -4.917  -14.225 17.636  1.00 48.97  ? 92  ASP A O   1 
ATOM   777  C CB  . ASP A 1 100 ? -6.705  -11.985 16.900  1.00 59.36  ? 92  ASP A CB  1 
ATOM   778  C CG  . ASP A 1 100 ? -7.523  -10.839 17.477  1.00 55.04  ? 92  ASP A CG  1 
ATOM   779  O OD1 . ASP A 1 100 ? -7.311  -10.482 18.656  1.00 57.93  ? 92  ASP A OD1 1 
ATOM   780  O OD2 . ASP A 1 100 ? -8.386  -10.300 16.750  1.00 57.59  ? 92  ASP A OD2 1 
ATOM   781  N N   . HIS A 1 101 ? -3.549  -13.286 16.126  1.00 41.84  ? 93  HIS A N   1 
ATOM   782  C CA  . HIS A 1 101 ? -2.883  -14.546 15.830  1.00 38.49  ? 93  HIS A CA  1 
ATOM   783  C C   . HIS A 1 101 ? -1.995  -14.961 17.003  1.00 49.26  ? 93  HIS A C   1 
ATOM   784  O O   . HIS A 1 101 ? -1.342  -14.113 17.620  1.00 40.94  ? 93  HIS A O   1 
ATOM   785  C CB  . HIS A 1 101 ? -2.055  -14.410 14.551  1.00 44.31  ? 93  HIS A CB  1 
ATOM   786  C CG  . HIS A 1 101 ? -1.320  -15.655 14.162  1.00 63.62  ? 93  HIS A CG  1 
ATOM   787  N ND1 . HIS A 1 101 ? -1.883  -16.639 13.379  1.00 74.33  ? 93  HIS A ND1 1 
ATOM   788  C CD2 . HIS A 1 101 ? -0.057  -16.066 14.431  1.00 65.58  ? 93  HIS A CD2 1 
ATOM   789  C CE1 . HIS A 1 101 ? -1.004  -17.608 13.191  1.00 80.72  ? 93  HIS A CE1 1 
ATOM   790  N NE2 . HIS A 1 101 ? 0.112   -17.285 13.818  1.00 61.71  ? 93  HIS A NE2 1 
ATOM   791  N N   . PRO A 1 102 ? -1.953  -16.250 17.341  1.00 49.84  ? 94  PRO A N   1 
ATOM   792  C CA  . PRO A 1 102 ? -1.131  -16.690 18.478  1.00 43.19  ? 94  PRO A CA  1 
ATOM   793  C C   . PRO A 1 102 ? 0.339   -16.820 18.092  1.00 42.23  ? 94  PRO A C   1 
ATOM   794  O O   . PRO A 1 102 ? 0.681   -17.390 17.053  1.00 49.94  ? 94  PRO A O   1 
ATOM   795  C CB  . PRO A 1 102 ? -1.737  -18.050 18.846  1.00 35.64  ? 94  PRO A CB  1 
ATOM   796  C CG  . PRO A 1 102 ? -2.289  -18.562 17.549  1.00 35.98  ? 94  PRO A CG  1 
ATOM   797  C CD  . PRO A 1 102 ? -2.746  -17.352 16.767  1.00 41.05  ? 94  PRO A CD  1 
ATOM   798  N N   . VAL A 1 103 ? 1.209   -16.290 18.948  1.00 42.84  ? 95  VAL A N   1 
ATOM   799  C CA  . VAL A 1 103 ? 2.654   -16.322 18.775  1.00 44.07  ? 95  VAL A CA  1 
ATOM   800  C C   . VAL A 1 103 ? 3.236   -17.249 19.833  1.00 33.15  ? 95  VAL A C   1 
ATOM   801  O O   . VAL A 1 103 ? 2.863   -17.170 21.011  1.00 47.84  ? 95  VAL A O   1 
ATOM   802  C CB  . VAL A 1 103 ? 3.258   -14.913 18.890  1.00 43.71  ? 95  VAL A CB  1 
ATOM   803  C CG1 . VAL A 1 103 ? 4.729   -14.944 18.575  1.00 49.38  ? 95  VAL A CG1 1 
ATOM   804  C CG2 . VAL A 1 103 ? 2.535   -13.946 17.962  1.00 48.26  ? 95  VAL A CG2 1 
ATOM   805  N N   . LEU A 1 104 ? 4.128   -18.137 19.411  1.00 43.55  ? 96  LEU A N   1 
ATOM   806  C CA  . LEU A 1 104 ? 4.804   -19.024 20.349  1.00 46.28  ? 96  LEU A CA  1 
ATOM   807  C C   . LEU A 1 104 ? 5.840   -18.245 21.141  1.00 53.09  ? 96  LEU A C   1 
ATOM   808  O O   . LEU A 1 104 ? 6.806   -17.724 20.574  1.00 49.65  ? 96  LEU A O   1 
ATOM   809  C CB  . LEU A 1 104 ? 5.466   -20.183 19.615  1.00 39.60  ? 96  LEU A CB  1 
ATOM   810  C CG  . LEU A 1 104 ? 4.971   -21.566 20.028  1.00 56.18  ? 96  LEU A CG  1 
ATOM   811  C CD1 . LEU A 1 104 ? 6.096   -22.549 19.829  1.00 54.00  ? 96  LEU A CD1 1 
ATOM   812  C CD2 . LEU A 1 104 ? 4.457   -21.601 21.470  1.00 43.50  ? 96  LEU A CD2 1 
ATOM   813  N N   . VAL A 1 105 ? 5.652   -18.185 22.455  1.00 45.30  ? 97  VAL A N   1 
ATOM   814  C CA  . VAL A 1 105 ? 6.479   -17.394 23.349  1.00 44.39  ? 97  VAL A CA  1 
ATOM   815  C C   . VAL A 1 105 ? 7.089   -18.330 24.382  1.00 52.93  ? 97  VAL A C   1 
ATOM   816  O O   . VAL A 1 105 ? 6.466   -19.320 24.777  1.00 53.78  ? 97  VAL A O   1 
ATOM   817  C CB  . VAL A 1 105 ? 5.645   -16.276 24.014  1.00 38.49  ? 97  VAL A CB  1 
ATOM   818  C CG1 . VAL A 1 105 ? 6.207   -15.882 25.370  1.00 48.92  ? 97  VAL A CG1 1 
ATOM   819  C CG2 . VAL A 1 105 ? 5.575   -15.071 23.096  1.00 32.74  ? 97  VAL A CG2 1 
ATOM   820  N N   . TYR A 1 106 ? 8.324   -18.046 24.780  1.00 44.31  ? 98  TYR A N   1 
ATOM   821  C CA  . TYR A 1 106 ? 8.970   -18.745 25.884  1.00 49.45  ? 98  TYR A CA  1 
ATOM   822  C C   . TYR A 1 106 ? 8.947   -17.838 27.105  1.00 40.91  ? 98  TYR A C   1 
ATOM   823  O O   . TYR A 1 106 ? 9.556   -16.764 27.096  1.00 56.67  ? 98  TYR A O   1 
ATOM   824  C CB  . TYR A 1 106 ? 10.404  -19.134 25.528  1.00 40.20  ? 98  TYR A CB  1 
ATOM   825  C CG  . TYR A 1 106 ? 11.048  -20.089 26.507  1.00 60.13  ? 98  TYR A CG  1 
ATOM   826  C CD1 . TYR A 1 106 ? 10.806  -21.455 26.433  1.00 46.00  ? 98  TYR A CD1 1 
ATOM   827  C CD2 . TYR A 1 106 ? 11.908  -19.624 27.502  1.00 58.71  ? 98  TYR A CD2 1 
ATOM   828  C CE1 . TYR A 1 106 ? 11.394  -22.335 27.323  1.00 58.80  ? 98  TYR A CE1 1 
ATOM   829  C CE2 . TYR A 1 106 ? 12.503  -20.497 28.396  1.00 39.75  ? 98  TYR A CE2 1 
ATOM   830  C CZ  . TYR A 1 106 ? 12.244  -21.850 28.301  1.00 61.42  ? 98  TYR A CZ  1 
ATOM   831  O OH  . TYR A 1 106 ? 12.831  -22.725 29.182  1.00 46.47  ? 98  TYR A OH  1 
ATOM   832  N N   . GLU A 1 107 ? 8.237   -18.258 28.144  1.00 46.50  ? 99  GLU A N   1 
ATOM   833  C CA  . GLU A 1 107 ? 8.217   -17.495 29.380  1.00 44.58  ? 99  GLU A CA  1 
ATOM   834  C C   . GLU A 1 107 ? 8.071   -18.457 30.547  1.00 54.54  ? 99  GLU A C   1 
ATOM   835  O O   . GLU A 1 107 ? 7.348   -19.452 30.452  1.00 55.94  ? 99  GLU A O   1 
ATOM   836  C CB  . GLU A 1 107 ? 7.096   -16.445 29.378  1.00 50.28  ? 99  GLU A CB  1 
ATOM   837  C CG  . GLU A 1 107 ? 5.682   -16.997 29.309  1.00 62.21  ? 99  GLU A CG  1 
ATOM   838  C CD  . GLU A 1 107 ? 4.636   -15.894 29.286  1.00 81.10  ? 99  GLU A CD  1 
ATOM   839  O OE1 . GLU A 1 107 ? 4.991   -14.745 28.937  1.00 77.48  ? 99  GLU A OE1 1 
ATOM   840  O OE2 . GLU A 1 107 ? 3.462   -16.173 29.614  1.00 75.08  ? 99  GLU A OE2 1 
ATOM   841  N N   . ASN A 1 108 ? 8.796   -18.166 31.630  1.00 74.31  ? 100 ASN A N   1 
ATOM   842  C CA  . ASN A 1 108 ? 8.785   -18.992 32.837  1.00 61.35  ? 100 ASN A CA  1 
ATOM   843  C C   . ASN A 1 108 ? 9.107   -20.449 32.516  1.00 60.87  ? 100 ASN A C   1 
ATOM   844  O O   . ASN A 1 108 ? 8.468   -21.375 33.019  1.00 59.11  ? 100 ASN A O   1 
ATOM   845  C CB  . ASN A 1 108 ? 7.448   -18.874 33.568  1.00 61.75  ? 100 ASN A CB  1 
ATOM   846  C CG  . ASN A 1 108 ? 7.444   -17.758 34.590  1.00 84.52  ? 100 ASN A CG  1 
ATOM   847  O OD1 . ASN A 1 108 ? 7.902   -16.647 34.316  1.00 85.53  ? 100 ASN A OD1 1 
ATOM   848  N ND2 . ASN A 1 108 ? 6.925   -18.047 35.779  1.00 95.86  ? 100 ASN A ND2 1 
ATOM   849  N N   . GLY A 1 109 ? 10.109  -20.652 31.664  1.00 55.18  ? 101 GLY A N   1 
ATOM   850  C CA  . GLY A 1 109 ? 10.501  -21.989 31.270  1.00 48.64  ? 101 GLY A CA  1 
ATOM   851  C C   . GLY A 1 109 ? 9.461   -22.771 30.502  1.00 62.48  ? 101 GLY A C   1 
ATOM   852  O O   . GLY A 1 109 ? 9.618   -23.986 30.342  1.00 58.95  ? 101 GLY A O   1 
ATOM   853  N N   . LYS A 1 110 ? 8.407   -22.120 30.010  1.00 49.41  ? 102 LYS A N   1 
ATOM   854  C CA  . LYS A 1 110 ? 7.336   -22.795 29.296  1.00 52.37  ? 102 LYS A CA  1 
ATOM   855  C C   . LYS A 1 110 ? 7.148   -22.182 27.915  1.00 51.32  ? 102 LYS A C   1 
ATOM   856  O O   . LYS A 1 110 ? 7.355   -20.982 27.712  1.00 44.71  ? 102 LYS A O   1 
ATOM   857  C CB  . LYS A 1 110 ? 6.009   -22.717 30.064  1.00 70.99  ? 102 LYS A CB  1 
ATOM   858  C CG  . LYS A 1 110 ? 5.713   -23.914 30.951  1.00 69.77  ? 102 LYS A CG  1 
ATOM   859  C CD  . LYS A 1 110 ? 5.850   -23.551 32.422  1.00 77.45  ? 102 LYS A CD  1 
ATOM   860  C CE  . LYS A 1 110 ? 5.652   -24.766 33.320  1.00 88.94  ? 102 LYS A CE  1 
ATOM   861  N NZ  . LYS A 1 110 ? 6.597   -24.763 34.473  1.00 87.07  ? 102 LYS A NZ  1 
ATOM   862  N N   . PHE A 1 111 ? 6.745   -23.026 26.968  1.00 60.88  ? 103 PHE A N   1 
ATOM   863  C CA  . PHE A 1 111 ? 6.275   -22.575 25.665  1.00 45.11  ? 103 PHE A CA  1 
ATOM   864  C C   . PHE A 1 111 ? 4.770   -22.346 25.749  1.00 59.51  ? 103 PHE A C   1 
ATOM   865  O O   . PHE A 1 111 ? 4.008   -23.289 25.982  1.00 73.07  ? 103 PHE A O   1 
ATOM   866  C CB  . PHE A 1 111 ? 6.604   -23.601 24.586  1.00 46.87  ? 103 PHE A CB  1 
ATOM   867  C CG  . PHE A 1 111 ? 8.075   -23.848 24.412  1.00 54.06  ? 103 PHE A CG  1 
ATOM   868  C CD1 . PHE A 1 111 ? 8.750   -24.702 25.268  1.00 59.04  ? 103 PHE A CD1 1 
ATOM   869  C CD2 . PHE A 1 111 ? 8.784   -23.236 23.391  1.00 42.67  ? 103 PHE A CD2 1 
ATOM   870  C CE1 . PHE A 1 111 ? 10.108  -24.935 25.117  1.00 54.05  ? 103 PHE A CE1 1 
ATOM   871  C CE2 . PHE A 1 111 ? 10.139  -23.467 23.233  1.00 68.22  ? 103 PHE A CE2 1 
ATOM   872  C CZ  . PHE A 1 111 ? 10.802  -24.318 24.098  1.00 58.48  ? 103 PHE A CZ  1 
ATOM   873  N N   . VAL A 1 112 ? 4.347   -21.098 25.578  1.00 56.99  ? 104 VAL A N   1 
ATOM   874  C CA  . VAL A 1 112 ? 2.941   -20.728 25.658  1.00 58.49  ? 104 VAL A CA  1 
ATOM   875  C C   . VAL A 1 112 ? 2.525   -20.028 24.370  1.00 62.09  ? 104 VAL A C   1 
ATOM   876  O O   . VAL A 1 112 ? 3.334   -19.399 23.681  1.00 51.86  ? 104 VAL A O   1 
ATOM   877  C CB  . VAL A 1 112 ? 2.646   -19.831 26.882  1.00 61.41  ? 104 VAL A CB  1 
ATOM   878  C CG1 . VAL A 1 112 ? 3.343   -20.362 28.114  1.00 63.23  ? 104 VAL A CG1 1 
ATOM   879  C CG2 . VAL A 1 112 ? 3.081   -18.400 26.617  1.00 64.72  ? 104 VAL A CG2 1 
ATOM   880  N N   . GLU A 1 113 ? 1.244   -20.150 24.041  1.00 66.12  ? 105 GLU A N   1 
ATOM   881  C CA  . GLU A 1 113 ? 0.670   -19.404 22.931  1.00 50.97  ? 105 GLU A CA  1 
ATOM   882  C C   . GLU A 1 113 ? 0.148   -18.080 23.471  1.00 39.17  ? 105 GLU A C   1 
ATOM   883  O O   . GLU A 1 113 ? -0.664  -18.058 24.402  1.00 63.54  ? 105 GLU A O   1 
ATOM   884  C CB  . GLU A 1 113 ? -0.438  -20.200 22.244  1.00 51.15  ? 105 GLU A CB  1 
ATOM   885  C CG  . GLU A 1 113 ? 0.069   -21.057 21.090  1.00 59.52  ? 105 GLU A CG  1 
ATOM   886  C CD  . GLU A 1 113 ? -0.679  -22.368 20.946  1.00 74.49  ? 105 GLU A CD  1 
ATOM   887  O OE1 . GLU A 1 113 ? -1.909  -22.334 20.732  1.00 79.64  ? 105 GLU A OE1 1 
ATOM   888  O OE2 . GLU A 1 113 ? -0.037  -23.435 21.048  1.00 83.47  ? 105 GLU A OE2 1 
ATOM   889  N N   . LYS A 1 114 ? 0.635   -16.981 22.908  1.00 38.70  ? 106 LYS A N   1 
ATOM   890  C CA  . LYS A 1 114 ? 0.309   -15.649 23.383  1.00 45.46  ? 106 LYS A CA  1 
ATOM   891  C C   . LYS A 1 114 ? -0.340  -14.873 22.250  1.00 42.86  ? 106 LYS A C   1 
ATOM   892  O O   . LYS A 1 114 ? 0.134   -14.909 21.118  1.00 45.26  ? 106 LYS A O   1 
ATOM   893  C CB  . LYS A 1 114 ? 1.572   -14.918 23.873  1.00 44.53  ? 106 LYS A CB  1 
ATOM   894  C CG  . LYS A 1 114 ? 1.377   -14.056 25.109  1.00 49.94  ? 106 LYS A CG  1 
ATOM   895  C CD  . LYS A 1 114 ? 2.716   -13.575 25.652  1.00 53.23  ? 106 LYS A CD  1 
ATOM   896  C CE  . LYS A 1 114 ? 2.671   -12.110 26.060  1.00 64.30  ? 106 LYS A CE  1 
ATOM   897  N NZ  . LYS A 1 114 ? 3.665   -11.785 27.126  1.00 56.06  ? 106 LYS A NZ  1 
ATOM   898  N N   . ARG A 1 115 ? -1.434  -14.187 22.551  1.00 36.51  ? 107 ARG A N   1 
ATOM   899  C CA  . ARG A 1 115 ? -2.035  -13.307 21.562  1.00 40.52  ? 107 ARG A CA  1 
ATOM   900  C C   . ARG A 1 115 ? -1.022  -12.255 21.121  1.00 41.58  ? 107 ARG A C   1 
ATOM   901  O O   . ARG A 1 115 ? -0.422  -11.567 21.953  1.00 42.57  ? 107 ARG A O   1 
ATOM   902  C CB  . ARG A 1 115 ? -3.274  -12.651 22.158  1.00 43.45  ? 107 ARG A CB  1 
ATOM   903  C CG  . ARG A 1 115 ? -4.092  -11.829 21.205  1.00 48.30  ? 107 ARG A CG  1 
ATOM   904  C CD  . ARG A 1 115 ? -5.434  -11.507 21.853  1.00 51.33  ? 107 ARG A CD  1 
ATOM   905  N NE  . ARG A 1 115 ? -6.189  -10.543 21.066  1.00 43.08  ? 107 ARG A NE  1 
ATOM   906  C CZ  . ARG A 1 115 ? -6.543  -9.342  21.498  1.00 38.67  ? 107 ARG A CZ  1 
ATOM   907  N NH1 . ARG A 1 115 ? -6.257  -8.937  22.728  1.00 42.23  ? 107 ARG A NH1 1 
ATOM   908  N NH2 . ARG A 1 115 ? -7.198  -8.529  20.675  1.00 47.62  ? 107 ARG A NH2 1 
ATOM   909  N N   . ALA A 1 116 ? -0.819  -12.151 19.803  1.00 32.41  ? 108 ALA A N   1 
ATOM   910  C CA  . ALA A 1 116 ? 0.155   -11.207 19.259  1.00 38.35  ? 108 ALA A CA  1 
ATOM   911  C C   . ALA A 1 116 ? -0.008  -9.817  19.857  1.00 38.99  ? 108 ALA A C   1 
ATOM   912  O O   . ALA A 1 116 ? 0.981   -9.117  20.108  1.00 47.83  ? 108 ALA A O   1 
ATOM   913  C CB  . ALA A 1 116 ? 0.021   -11.142 17.737  1.00 33.41  ? 108 ALA A CB  1 
ATOM   914  N N   . PHE A 1 117 ? -1.251  -9.408  20.103  1.00 40.72  ? 109 PHE A N   1 
ATOM   915  C CA  . PHE A 1 117 ? -1.513  -8.100  20.692  1.00 38.67  ? 109 PHE A CA  1 
ATOM   916  C C   . PHE A 1 117 ? -0.843  -7.946  22.053  1.00 44.38  ? 109 PHE A C   1 
ATOM   917  O O   . PHE A 1 117 ? -0.509  -6.826  22.456  1.00 46.54  ? 109 PHE A O   1 
ATOM   918  C CB  . PHE A 1 117 ? -3.026  -7.889  20.812  1.00 39.52  ? 109 PHE A CB  1 
ATOM   919  C CG  . PHE A 1 117 ? -3.420  -6.493  21.194  1.00 40.41  ? 109 PHE A CG  1 
ATOM   920  C CD1 . PHE A 1 117 ? -3.314  -5.455  20.281  1.00 42.63  ? 109 PHE A CD1 1 
ATOM   921  C CD2 . PHE A 1 117 ? -3.908  -6.219  22.460  1.00 41.82  ? 109 PHE A CD2 1 
ATOM   922  C CE1 . PHE A 1 117 ? -3.679  -4.170  20.623  1.00 54.64  ? 109 PHE A CE1 1 
ATOM   923  C CE2 . PHE A 1 117 ? -4.278  -4.933  22.813  1.00 41.69  ? 109 PHE A CE2 1 
ATOM   924  C CZ  . PHE A 1 117 ? -4.165  -3.907  21.892  1.00 55.21  ? 109 PHE A CZ  1 
ATOM   925  N N   . GLU A 1 118 ? -0.633  -9.049  22.772  1.00 47.58  ? 110 GLU A N   1 
ATOM   926  C CA  . GLU A 1 118 ? -0.069  -8.995  24.114  1.00 45.72  ? 110 GLU A CA  1 
ATOM   927  C C   . GLU A 1 118 ? 1.449   -9.126  24.142  1.00 51.57  ? 110 GLU A C   1 
ATOM   928  O O   . GLU A 1 118 ? 2.046   -8.944  25.208  1.00 55.94  ? 110 GLU A O   1 
ATOM   929  C CB  . GLU A 1 118 ? -0.676  -10.094 24.997  1.00 33.84  ? 110 GLU A CB  1 
ATOM   930  C CG  . GLU A 1 118 ? -2.193  -10.044 25.109  1.00 57.64  ? 110 GLU A CG  1 
ATOM   931  C CD  . GLU A 1 118 ? -2.689  -8.913  25.993  1.00 74.67  ? 110 GLU A CD  1 
ATOM   932  O OE1 . GLU A 1 118 ? -1.873  -8.325  26.736  1.00 64.29  ? 110 GLU A OE1 1 
ATOM   933  O OE2 . GLU A 1 118 ? -3.900  -8.613  25.941  1.00 80.56  ? 110 GLU A OE2 1 
ATOM   934  N N   . VAL A 1 119 ? 2.089   -9.444  23.014  1.00 43.67  ? 111 VAL A N   1 
ATOM   935  C CA  . VAL A 1 119 ? 3.540   -9.587  23.000  1.00 39.64  ? 111 VAL A CA  1 
ATOM   936  C C   . VAL A 1 119 ? 4.184   -8.230  23.252  1.00 56.45  ? 111 VAL A C   1 
ATOM   937  O O   . VAL A 1 119 ? 3.704   -7.193  22.770  1.00 41.71  ? 111 VAL A O   1 
ATOM   938  C CB  . VAL A 1 119 ? 4.004   -10.202 21.668  1.00 48.21  ? 111 VAL A CB  1 
ATOM   939  C CG1 . VAL A 1 119 ? 5.513   -10.363 21.638  1.00 40.73  ? 111 VAL A CG1 1 
ATOM   940  C CG2 . VAL A 1 119 ? 3.335   -11.552 21.443  1.00 48.45  ? 111 VAL A CG2 1 
ATOM   941  N N   . ARG A 1 120 ? 5.264   -8.223  24.032  1.00 43.53  ? 112 ARG A N   1 
ATOM   942  C CA  . ARG A 1 120 ? 5.977   -7.002  24.374  1.00 50.69  ? 112 ARG A CA  1 
ATOM   943  C C   . ARG A 1 120 ? 7.442   -7.125  23.980  1.00 44.54  ? 112 ARG A C   1 
ATOM   944  O O   . ARG A 1 120 ? 7.964   -8.225  23.781  1.00 49.58  ? 112 ARG A O   1 
ATOM   945  C CB  . ARG A 1 120 ? 5.871   -6.699  25.874  1.00 47.21  ? 112 ARG A CB  1 
ATOM   946  C CG  . ARG A 1 120 ? 4.484   -6.279  26.333  1.00 53.76  ? 112 ARG A CG  1 
ATOM   947  C CD  . ARG A 1 120 ? 3.976   -5.059  25.573  1.00 75.65  ? 112 ARG A CD  1 
ATOM   948  N NE  . ARG A 1 120 ? 2.620   -4.700  25.975  1.00 83.33  ? 112 ARG A NE  1 
ATOM   949  C CZ  . ARG A 1 120 ? 1.519   -5.096  25.349  1.00 80.25  ? 112 ARG A CZ  1 
ATOM   950  N NH1 . ARG A 1 120 ? 1.572   -5.826  24.247  1.00 68.19  ? 112 ARG A NH1 1 
ATOM   951  N NH2 . ARG A 1 120 ? 0.332   -4.749  25.842  1.00 72.38  ? 112 ARG A NH2 1 
ATOM   952  N N   . GLU A 1 121 ? 8.106   -5.976  23.863  1.00 44.64  ? 113 GLU A N   1 
ATOM   953  C CA  . GLU A 1 121 ? 9.539   -5.970  23.598  1.00 57.47  ? 113 GLU A CA  1 
ATOM   954  C C   . GLU A 1 121 ? 10.284  -6.663  24.734  1.00 34.99  ? 113 GLU A C   1 
ATOM   955  O O   . GLU A 1 121 ? 9.946   -6.508  25.909  1.00 35.58  ? 113 GLU A O   1 
ATOM   956  C CB  . GLU A 1 121 ? 10.044  -4.538  23.428  1.00 44.72  ? 113 GLU A CB  1 
ATOM   957  C CG  . GLU A 1 121 ? 9.438   -3.828  22.229  1.00 67.67  ? 113 GLU A CG  1 
ATOM   958  C CD  . GLU A 1 121 ? 10.087  -2.489  21.934  1.00 77.85  ? 113 GLU A CD  1 
ATOM   959  O OE1 . GLU A 1 121 ? 11.083  -2.139  22.605  1.00 71.94  ? 113 GLU A OE1 1 
ATOM   960  O OE2 . GLU A 1 121 ? 9.592   -1.785  21.028  1.00 83.31  ? 113 GLU A OE2 1 
ATOM   961  N N   . GLY A 1 122 ? 11.298  -7.445  24.375  1.00 40.52  ? 114 GLY A N   1 
ATOM   962  C CA  . GLY A 1 122 ? 11.989  -8.281  25.323  1.00 31.88  ? 114 GLY A CA  1 
ATOM   963  C C   . GLY A 1 122 ? 11.437  -9.685  25.455  1.00 53.32  ? 114 GLY A C   1 
ATOM   964  O O   . GLY A 1 122 ? 12.159  -10.573 25.925  1.00 38.24  ? 114 GLY A O   1 
ATOM   965  N N   . ASN A 1 123 ? 10.182  -9.912  25.061  1.00 43.84  ? 115 ASN A N   1 
ATOM   966  C CA  . ASN A 1 123 ? 9.631   -11.261 25.044  1.00 27.66  ? 115 ASN A CA  1 
ATOM   967  C C   . ASN A 1 123 ? 10.459  -12.161 24.134  1.00 29.43  ? 115 ASN A C   1 
ATOM   968  O O   . ASN A 1 123 ? 11.081  -11.706 23.170  1.00 35.31  ? 115 ASN A O   1 
ATOM   969  C CB  . ASN A 1 123 ? 8.180   -11.254 24.555  1.00 41.04  ? 115 ASN A CB  1 
ATOM   970  C CG  . ASN A 1 123 ? 7.199   -10.749 25.597  1.00 46.33  ? 115 ASN A CG  1 
ATOM   971  O OD1 . ASN A 1 123 ? 6.000   -10.650 25.332  1.00 48.41  ? 115 ASN A OD1 1 
ATOM   972  N ND2 . ASN A 1 123 ? 7.700   -10.416 26.779  1.00 36.12  ? 115 ASN A ND2 1 
ATOM   973  N N   . ILE A 1 124 ? 10.443  -13.456 24.438  1.00 37.98  ? 116 ILE A N   1 
ATOM   974  C CA  . ILE A 1 124 ? 11.161  -14.467 23.671  1.00 32.35  ? 116 ILE A CA  1 
ATOM   975  C C   . ILE A 1 124 ? 10.179  -15.154 22.731  1.00 53.72  ? 116 ILE A C   1 
ATOM   976  O O   . ILE A 1 124 ? 9.211   -15.779 23.182  1.00 42.85  ? 116 ILE A O   1 
ATOM   977  C CB  . ILE A 1 124 ? 11.838  -15.497 24.591  1.00 46.14  ? 116 ILE A CB  1 
ATOM   978  C CG1 . ILE A 1 124 ? 12.871  -14.825 25.503  1.00 34.45  ? 116 ILE A CG1 1 
ATOM   979  C CG2 . ILE A 1 124 ? 12.474  -16.603 23.762  1.00 40.92  ? 116 ILE A CG2 1 
ATOM   980  C CD1 . ILE A 1 124 ? 14.042  -14.251 24.763  1.00 48.81  ? 116 ILE A CD1 1 
ATOM   981  N N   . ILE A 1 125 ? 10.436  -15.043 21.430  1.00 42.80  ? 117 ILE A N   1 
ATOM   982  C CA  . ILE A 1 125 ? 9.730   -15.778 20.387  1.00 45.27  ? 117 ILE A CA  1 
ATOM   983  C C   . ILE A 1 125 ? 10.551  -17.004 20.013  1.00 54.57  ? 117 ILE A C   1 
ATOM   984  O O   . ILE A 1 125 ? 11.792  -16.956 19.966  1.00 59.65  ? 117 ILE A O   1 
ATOM   985  C CB  . ILE A 1 125 ? 9.485   -14.895 19.145  1.00 49.70  ? 117 ILE A CB  1 
ATOM   986  C CG1 . ILE A 1 125 ? 8.729   -13.622 19.513  1.00 33.66  ? 117 ILE A CG1 1 
ATOM   987  C CG2 . ILE A 1 125 ? 8.747   -15.663 18.061  1.00 51.65  ? 117 ILE A CG2 1 
ATOM   988  C CD1 . ILE A 1 125 ? 7.546   -13.856 20.374  1.00 43.39  ? 117 ILE A CD1 1 
ATOM   989  N N   . ILE A 1 126 ? 9.859   -18.108 19.748  1.00 34.56  ? 118 ILE A N   1 
ATOM   990  C CA  . ILE A 1 126 ? 10.479  -19.298 19.184  1.00 36.93  ? 118 ILE A CA  1 
ATOM   991  C C   . ILE A 1 126 ? 10.439  -19.180 17.667  1.00 43.97  ? 118 ILE A C   1 
ATOM   992  O O   . ILE A 1 126 ? 9.368   -19.001 17.078  1.00 53.30  ? 118 ILE A O   1 
ATOM   993  C CB  . ILE A 1 126 ? 9.768   -20.576 19.654  1.00 37.30  ? 118 ILE A CB  1 
ATOM   994  C CG1 . ILE A 1 126 ? 9.641   -20.592 21.177  1.00 40.68  ? 118 ILE A CG1 1 
ATOM   995  C CG2 . ILE A 1 126 ? 10.500  -21.811 19.140  1.00 38.03  ? 118 ILE A CG2 1 
ATOM   996  C CD1 . ILE A 1 126 ? 10.964  -20.370 21.904  1.00 46.41  ? 118 ILE A CD1 1 
ATOM   997  N N   . ILE A 1 127 ? 11.607  -19.261 17.031  1.00 52.01  ? 119 ILE A N   1 
ATOM   998  C CA  . ILE A 1 127 ? 11.664  -19.379 15.577  1.00 50.38  ? 119 ILE A CA  1 
ATOM   999  C C   . ILE A 1 127 ? 12.395  -20.666 15.234  1.00 51.22  ? 119 ILE A C   1 
ATOM   1000 O O   . ILE A 1 127 ? 12.844  -21.389 16.126  1.00 47.44  ? 119 ILE A O   1 
ATOM   1001 C CB  . ILE A 1 127 ? 12.336  -18.164 14.912  1.00 36.08  ? 119 ILE A CB  1 
ATOM   1002 C CG1 . ILE A 1 127 ? 13.851  -18.194 15.137  1.00 50.77  ? 119 ILE A CG1 1 
ATOM   1003 C CG2 . ILE A 1 127 ? 11.679  -16.862 15.352  1.00 41.77  ? 119 ILE A CG2 1 
ATOM   1004 C CD1 . ILE A 1 127 ? 14.555  -16.945 14.660  1.00 54.24  ? 119 ILE A CD1 1 
ATOM   1005 N N   . ILE A 1 128 ? 12.506  -20.981 13.949  1.00 48.51  ? 120 ILE A N   1 
ATOM   1006 C CA  . ILE A 1 128 ? 13.157  -22.213 13.528  1.00 48.30  ? 120 ILE A CA  1 
ATOM   1007 C C   . ILE A 1 128 ? 14.171  -21.878 12.446  1.00 58.82  ? 120 ILE A C   1 
ATOM   1008 O O   . ILE A 1 128 ? 13.798  -21.427 11.356  1.00 49.63  ? 120 ILE A O   1 
ATOM   1009 C CB  . ILE A 1 128 ? 12.144  -23.258 13.047  1.00 57.16  ? 120 ILE A CB  1 
ATOM   1010 C CG1 . ILE A 1 128 ? 11.262  -23.665 14.230  1.00 50.46  ? 120 ILE A CG1 1 
ATOM   1011 C CG2 . ILE A 1 128 ? 12.866  -24.465 12.490  1.00 51.79  ? 120 ILE A CG2 1 
ATOM   1012 C CD1 . ILE A 1 128 ? 10.077  -24.489 13.867  1.00 66.76  ? 120 ILE A CD1 1 
ATOM   1013 N N   . ASP A 1 129 ? 15.453  -22.085 12.762  1.00 62.93  ? 121 ASP A N   1 
ATOM   1014 C CA  . ASP A 1 129 ? 16.546  -21.758 11.854  1.00 59.24  ? 121 ASP A CA  1 
ATOM   1015 C C   . ASP A 1 129 ? 16.390  -22.490 10.527  1.00 53.22  ? 121 ASP A C   1 
ATOM   1016 O O   . ASP A 1 129 ? 16.163  -23.703 10.494  1.00 55.35  ? 121 ASP A O   1 
ATOM   1017 C CB  . ASP A 1 129 ? 17.881  -22.128 12.500  1.00 72.63  ? 121 ASP A CB  1 
ATOM   1018 C CG  . ASP A 1 129 ? 19.070  -21.658 11.692  1.00 66.38  ? 121 ASP A CG  1 
ATOM   1019 O OD1 . ASP A 1 129 ? 19.475  -20.488 11.852  1.00 63.17  ? 121 ASP A OD1 1 
ATOM   1020 O OD2 . ASP A 1 129 ? 19.588  -22.454 10.884  1.00 70.24  ? 121 ASP A OD2 1 
ATOM   1021 N N   . GLU A 1 130 ? 16.533  -21.745 9.430   1.00 55.28  ? 122 GLU A N   1 
ATOM   1022 C CA  . GLU A 1 130 ? 16.356  -22.335 8.109   1.00 74.30  ? 122 GLU A CA  1 
ATOM   1023 C C   . GLU A 1 130 ? 17.451  -23.349 7.784   1.00 86.88  ? 122 GLU A C   1 
ATOM   1024 O O   . GLU A 1 130 ? 17.194  -24.319 7.062   1.00 93.11  ? 122 GLU A O   1 
ATOM   1025 C CB  . GLU A 1 130 ? 16.287  -21.228 7.052   1.00 73.62  ? 122 GLU A CB  1 
ATOM   1026 C CG  . GLU A 1 130 ? 17.623  -20.626 6.637   1.00 97.39  ? 122 GLU A CG  1 
ATOM   1027 C CD  . GLU A 1 130 ? 18.150  -21.215 5.345   1.00 113.64 ? 122 GLU A CD  1 
ATOM   1028 O OE1 . GLU A 1 130 ? 17.359  -21.342 4.386   1.00 114.13 ? 122 GLU A OE1 1 
ATOM   1029 O OE2 . GLU A 1 130 ? 19.358  -21.538 5.276   1.00 118.66 ? 122 GLU A OE2 1 
ATOM   1030 N N   . SER A 1 131 ? 18.662  -23.160 8.312   1.00 81.64  ? 123 SER A N   1 
ATOM   1031 C CA  . SER A 1 131 ? 19.746  -24.097 8.030   1.00 70.98  ? 123 SER A CA  1 
ATOM   1032 C C   . SER A 1 131 ? 19.612  -25.370 8.861   1.00 73.58  ? 123 SER A C   1 
ATOM   1033 O O   . SER A 1 131 ? 19.471  -26.469 8.317   1.00 75.11  ? 123 SER A O   1 
ATOM   1034 C CB  . SER A 1 131 ? 21.103  -23.432 8.286   1.00 73.89  ? 123 SER A CB  1 
ATOM   1035 O OG  . SER A 1 131 ? 21.246  -22.251 7.524   1.00 95.10  ? 123 SER A OG  1 
ATOM   1036 N N   . THR A 1 132 ? 19.644  -25.233 10.186  1.00 67.93  ? 124 THR A N   1 
ATOM   1037 C CA  . THR A 1 132 ? 19.726  -26.379 11.080  1.00 66.17  ? 124 THR A CA  1 
ATOM   1038 C C   . THR A 1 132 ? 18.375  -26.969 11.451  1.00 64.71  ? 124 THR A C   1 
ATOM   1039 O O   . THR A 1 132 ? 18.330  -28.101 11.949  1.00 65.28  ? 124 THR A O   1 
ATOM   1040 C CB  . THR A 1 132 ? 20.459  -25.987 12.366  1.00 73.12  ? 124 THR A CB  1 
ATOM   1041 O OG1 . THR A 1 132 ? 19.516  -25.442 13.296  1.00 65.88  ? 124 THR A OG1 1 
ATOM   1042 C CG2 . THR A 1 132 ? 21.540  -24.957 12.072  1.00 77.31  ? 124 THR A CG2 1 
ATOM   1043 N N   . LEU A 1 133 ? 17.285  -26.233 11.234  1.00 75.38  ? 125 LEU A N   1 
ATOM   1044 C CA  . LEU A 1 133 ? 15.945  -26.667 11.628  1.00 51.89  ? 125 LEU A CA  1 
ATOM   1045 C C   . LEU A 1 133 ? 15.841  -26.879 13.137  1.00 53.55  ? 125 LEU A C   1 
ATOM   1046 O O   . LEU A 1 133 ? 15.050  -27.700 13.605  1.00 68.14  ? 125 LEU A O   1 
ATOM   1047 C CB  . LEU A 1 133 ? 15.523  -27.934 10.875  1.00 56.81  ? 125 LEU A CB  1 
ATOM   1048 C CG  . LEU A 1 133 ? 14.750  -27.762 9.562   1.00 64.63  ? 125 LEU A CG  1 
ATOM   1049 C CD1 . LEU A 1 133 ? 15.292  -26.610 8.725   1.00 51.75  ? 125 LEU A CD1 1 
ATOM   1050 C CD2 . LEU A 1 133 ? 14.757  -29.054 8.756   1.00 63.64  ? 125 LEU A CD2 1 
ATOM   1051 N N   . GLU A 1 134 ? 16.673  -26.128 13.936  1.00 60.23  ? 126 GLU A N   1 
ATOM   1052 C CA  . GLU A 1 134 ? 16.534  -26.169 15.385  1.00 65.85  ? 126 GLU A CA  1 
ATOM   1053 C C   . GLU A 1 134 ? 15.628  -25.041 15.862  1.00 47.70  ? 126 GLU A C   1 
ATOM   1054 O O   . GLU A 1 134 ? 15.605  -23.960 15.265  1.00 53.55  ? 126 GLU A O   1 
ATOM   1055 C CB  . GLU A 1 134 ? 17.892  -26.026 16.072  1.00 70.94  ? 126 GLU A CB  1 
ATOM   1056 C CG  . GLU A 1 134 ? 18.874  -27.155 15.847  1.00 78.12  ? 126 GLU A CG  1 
ATOM   1057 C CD  . GLU A 1 134 ? 20.313  -26.679 15.941  1.00 99.90  ? 126 GLU A CD  1 
ATOM   1058 O OE1 . GLU A 1 134 ? 20.557  -25.475 15.705  1.00 96.95  ? 126 GLU A OE1 1 
ATOM   1059 O OE2 . GLU A 1 134 ? 21.197  -27.502 16.257  1.00 111.89 ? 126 GLU A OE2 1 
ATOM   1060 N N   . PRO A 1 135 ? 14.870  -25.261 16.933  1.00 40.96  ? 127 PRO A N   1 
ATOM   1061 C CA  . PRO A 1 135 ? 14.146  -24.142 17.550  1.00 46.59  ? 127 PRO A CA  1 
ATOM   1062 C C   . PRO A 1 135 ? 15.123  -23.186 18.223  1.00 63.97  ? 127 PRO A C   1 
ATOM   1063 O O   . PRO A 1 135 ? 15.983  -23.598 19.005  1.00 68.72  ? 127 PRO A O   1 
ATOM   1064 C CB  . PRO A 1 135 ? 13.219  -24.826 18.562  1.00 47.73  ? 127 PRO A CB  1 
ATOM   1065 C CG  . PRO A 1 135 ? 13.837  -26.159 18.812  1.00 60.34  ? 127 PRO A CG  1 
ATOM   1066 C CD  . PRO A 1 135 ? 14.535  -26.554 17.548  1.00 44.60  ? 127 PRO A CD  1 
ATOM   1067 N N   . LEU A 1 136 ? 14.990  -21.906 17.892  1.00 54.81  ? 128 LEU A N   1 
ATOM   1068 C CA  . LEU A 1 136 ? 15.832  -20.836 18.402  1.00 49.84  ? 128 LEU A CA  1 
ATOM   1069 C C   . LEU A 1 136 ? 14.994  -19.899 19.259  1.00 56.38  ? 128 LEU A C   1 
ATOM   1070 O O   . LEU A 1 136 ? 13.835  -19.615 18.929  1.00 55.27  ? 128 LEU A O   1 
ATOM   1071 C CB  . LEU A 1 136 ? 16.462  -20.047 17.253  1.00 51.64  ? 128 LEU A CB  1 
ATOM   1072 C CG  . LEU A 1 136 ? 17.856  -20.431 16.759  1.00 71.52  ? 128 LEU A CG  1 
ATOM   1073 C CD1 . LEU A 1 136 ? 17.921  -21.912 16.448  1.00 78.64  ? 128 LEU A CD1 1 
ATOM   1074 C CD2 . LEU A 1 136 ? 18.192  -19.622 15.517  1.00 51.67  ? 128 LEU A CD2 1 
ATOM   1075 N N   . LYS A 1 137 ? 15.579  -19.420 20.354  1.00 39.86  ? 129 LYS A N   1 
ATOM   1076 C CA  . LYS A 1 137 ? 14.937  -18.440 21.223  1.00 45.14  ? 129 LYS A CA  1 
ATOM   1077 C C   . LYS A 1 137 ? 15.489  -17.063 20.881  1.00 38.48  ? 129 LYS A C   1 
ATOM   1078 O O   . LYS A 1 137 ? 16.660  -16.778 21.145  1.00 55.10  ? 129 LYS A O   1 
ATOM   1079 C CB  . LYS A 1 137 ? 15.168  -18.768 22.696  1.00 40.81  ? 129 LYS A CB  1 
ATOM   1080 C CG  . LYS A 1 137 ? 14.650  -20.135 23.122  1.00 43.89  ? 129 LYS A CG  1 
ATOM   1081 C CD  . LYS A 1 137 ? 14.173  -20.116 24.559  1.00 39.41  ? 129 LYS A CD  1 
ATOM   1082 C CE  . LYS A 1 137 ? 14.319  -21.480 25.208  1.00 49.35  ? 129 LYS A CE  1 
ATOM   1083 N NZ  . LYS A 1 137 ? 13.984  -22.600 24.294  1.00 45.26  ? 129 LYS A NZ  1 
ATOM   1084 N N   . VAL A 1 138 ? 14.649  -16.205 20.299  1.00 47.84  ? 130 VAL A N   1 
ATOM   1085 C CA  . VAL A 1 138 ? 15.074  -14.861 19.935  1.00 44.59  ? 130 VAL A CA  1 
ATOM   1086 C C   . VAL A 1 138 ? 14.185  -13.859 20.653  1.00 44.88  ? 130 VAL A C   1 
ATOM   1087 O O   . VAL A 1 138 ? 13.087  -14.178 21.098  1.00 52.15  ? 130 VAL A O   1 
ATOM   1088 C CB  . VAL A 1 138 ? 15.046  -14.630 18.413  1.00 42.54  ? 130 VAL A CB  1 
ATOM   1089 C CG1 . VAL A 1 138 ? 16.074  -15.523 17.736  1.00 37.52  ? 130 VAL A CG1 1 
ATOM   1090 C CG2 . VAL A 1 138 ? 13.647  -14.880 17.857  1.00 43.28  ? 130 VAL A CG2 1 
ATOM   1091 N N   . ALA A 1 139 ? 14.680  -12.634 20.776  1.00 41.43  ? 131 ALA A N   1 
ATOM   1092 C CA  . ALA A 1 139 ? 14.000  -11.603 21.542  1.00 39.52  ? 131 ALA A CA  1 
ATOM   1093 C C   . ALA A 1 139 ? 13.337  -10.596 20.616  1.00 47.24  ? 131 ALA A C   1 
ATOM   1094 O O   . ALA A 1 139 ? 13.871  -10.270 19.552  1.00 46.41  ? 131 ALA A O   1 
ATOM   1095 C CB  . ALA A 1 139 ? 14.976  -10.880 22.472  1.00 38.18  ? 131 ALA A CB  1 
ATOM   1096 N N   . VAL A 1 140 ? 12.181  -10.092 21.036  1.00 38.02  ? 132 VAL A N   1 
ATOM   1097 C CA  . VAL A 1 140 ? 11.489  -9.044  20.295  1.00 42.08  ? 132 VAL A CA  1 
ATOM   1098 C C   . VAL A 1 140 ? 12.208  -7.726  20.548  1.00 44.17  ? 132 VAL A C   1 
ATOM   1099 O O   . VAL A 1 140 ? 12.161  -7.185  21.656  1.00 50.25  ? 132 VAL A O   1 
ATOM   1100 C CB  . VAL A 1 140 ? 10.015  -8.947  20.695  1.00 42.50  ? 132 VAL A CB  1 
ATOM   1101 C CG1 . VAL A 1 140 ? 9.336   -7.858  19.880  1.00 30.59  ? 132 VAL A CG1 1 
ATOM   1102 C CG2 . VAL A 1 140 ? 9.329   -10.279 20.494  1.00 33.43  ? 132 VAL A CG2 1 
ATOM   1103 N N   . LYS A 1 141 ? 12.863  -7.196  19.515  1.00 46.65  ? 133 LYS A N   1 
ATOM   1104 C CA  . LYS A 1 141 ? 13.526  -5.903  19.633  1.00 45.81  ? 133 LYS A CA  1 
ATOM   1105 C C   . LYS A 1 141 ? 12.585  -4.742  19.352  1.00 60.31  ? 133 LYS A C   1 
ATOM   1106 O O   . LYS A 1 141 ? 12.663  -3.710  20.028  1.00 62.86  ? 133 LYS A O   1 
ATOM   1107 C CB  . LYS A 1 141 ? 14.720  -5.818  18.679  1.00 37.97  ? 133 LYS A CB  1 
ATOM   1108 C CG  . LYS A 1 141 ? 15.585  -7.056  18.621  1.00 61.94  ? 133 LYS A CG  1 
ATOM   1109 C CD  . LYS A 1 141 ? 16.460  -7.046  17.373  1.00 75.59  ? 133 LYS A CD  1 
ATOM   1110 C CE  . LYS A 1 141 ? 17.477  -5.910  17.405  1.00 66.86  ? 133 LYS A CE  1 
ATOM   1111 N NZ  . LYS A 1 141 ? 18.137  -5.730  16.080  1.00 84.15  ? 133 LYS A NZ  1 
ATOM   1112 N N   . LYS A 1 142 ? 11.702  -4.879  18.363  1.00 64.76  ? 134 LYS A N   1 
ATOM   1113 C CA  . LYS A 1 142 ? 10.829  -3.775  17.981  1.00 53.99  ? 134 LYS A CA  1 
ATOM   1114 C C   . LYS A 1 142 ? 9.430   -4.282  17.665  1.00 50.90  ? 134 LYS A C   1 
ATOM   1115 O O   . LYS A 1 142 ? 9.269   -5.362  17.097  1.00 49.42  ? 134 LYS A O   1 
ATOM   1116 C CB  . LYS A 1 142 ? 11.389  -3.019  16.770  1.00 44.13  ? 134 LYS A CB  1 
ATOM   1117 C CG  . LYS A 1 142 ? 11.069  -1.533  16.757  1.00 58.54  ? 134 LYS A CG  1 
ATOM   1118 C CD  . LYS A 1 142 ? 11.470  -0.895  15.434  1.00 65.52  ? 134 LYS A CD  1 
ATOM   1119 C CE  . LYS A 1 142 ? 11.177  0.596   15.419  1.00 85.05  ? 134 LYS A CE  1 
ATOM   1120 N NZ  . LYS A 1 142 ? 10.206  0.954   14.349  1.00 85.98  ? 134 LYS A NZ  1 
ATOM   1121 N N   . ILE A 1 143 ? 8.420   -3.493  18.023  1.00 56.91  ? 135 ILE A N   1 
ATOM   1122 C CA  . ILE A 1 143 ? 7.027   -3.812  17.733  1.00 55.71  ? 135 ILE A CA  1 
ATOM   1123 C C   . ILE A 1 143 ? 6.413   -2.624  17.009  1.00 62.02  ? 135 ILE A C   1 
ATOM   1124 O O   . ILE A 1 143 ? 6.422   -1.504  17.534  1.00 55.12  ? 135 ILE A O   1 
ATOM   1125 C CB  . ILE A 1 143 ? 6.227   -4.145  19.000  1.00 53.34  ? 135 ILE A CB  1 
ATOM   1126 C CG1 . ILE A 1 143 ? 6.792   -5.402  19.656  1.00 50.18  ? 135 ILE A CG1 1 
ATOM   1127 C CG2 . ILE A 1 143 ? 4.756   -4.345  18.656  1.00 53.52  ? 135 ILE A CG2 1 
ATOM   1128 C CD1 . ILE A 1 143 ? 6.040   -5.836  20.877  1.00 43.49  ? 135 ILE A CD1 1 
ATOM   1129 N N   . GLU A 1 144 ? 5.871   -2.869  15.818  1.00 55.34  ? 136 GLU A N   1 
ATOM   1130 C CA  . GLU A 1 144 ? 5.334   -1.814  14.970  1.00 63.19  ? 136 GLU A CA  1 
ATOM   1131 C C   . GLU A 1 144 ? 3.961   -2.210  14.454  1.00 60.85  ? 136 GLU A C   1 
ATOM   1132 O O   . GLU A 1 144 ? 3.785   -3.314  13.936  1.00 52.50  ? 136 GLU A O   1 
ATOM   1133 C CB  . GLU A 1 144 ? 6.263   -1.539  13.781  1.00 76.83  ? 136 GLU A CB  1 
ATOM   1134 C CG  . GLU A 1 144 ? 6.795   -0.121  13.702  1.00 95.95  ? 136 GLU A CG  1 
ATOM   1135 C CD  . GLU A 1 144 ? 7.698   0.089   12.501  1.00 90.62  ? 136 GLU A CD  1 
ATOM   1136 O OE1 . GLU A 1 144 ? 8.423   -0.856  12.127  1.00 90.75  ? 136 GLU A OE1 1 
ATOM   1137 O OE2 . GLU A 1 144 ? 7.678   1.199   11.931  1.00 107.75 ? 136 GLU A OE2 1 
ATOM   1138 N N   . PHE A 1 145 ? 2.996   -1.309  14.569  1.00 63.26  ? 137 PHE A N   1 
ATOM   1139 C CA  . PHE A 1 145 ? 1.704   -1.496  13.918  1.00 60.26  ? 137 PHE A CA  1 
ATOM   1140 C C   . PHE A 1 145 ? 1.826   -0.946  12.501  1.00 60.16  ? 137 PHE A C   1 
ATOM   1141 O O   . PHE A 1 145 ? 1.981   0.264   12.309  1.00 65.49  ? 137 PHE A O   1 
ATOM   1142 C CB  . PHE A 1 145 ? 0.596   -0.811  14.709  1.00 60.88  ? 137 PHE A CB  1 
ATOM   1143 C CG  . PHE A 1 145 ? 0.107   -1.621  15.874  1.00 77.29  ? 137 PHE A CG  1 
ATOM   1144 C CD1 . PHE A 1 145 ? 0.835   -1.669  17.053  1.00 67.65  ? 137 PHE A CD1 1 
ATOM   1145 C CD2 . PHE A 1 145 ? -1.073  -2.341  15.791  1.00 77.49  ? 137 PHE A CD2 1 
ATOM   1146 C CE1 . PHE A 1 145 ? 0.394   -2.418  18.129  1.00 67.81  ? 137 PHE A CE1 1 
ATOM   1147 C CE2 . PHE A 1 145 ? -1.523  -3.089  16.864  1.00 74.43  ? 137 PHE A CE2 1 
ATOM   1148 C CZ  . PHE A 1 145 ? -0.788  -3.127  18.036  1.00 70.03  ? 137 PHE A CZ  1 
ATOM   1149 N N   . ILE A 1 146 ? 1.781   -1.836  11.510  1.00 50.54  ? 138 ILE A N   1 
ATOM   1150 C CA  . ILE A 1 146 ? 2.111   -1.482  10.137  1.00 68.84  ? 138 ILE A CA  1 
ATOM   1151 C C   . ILE A 1 146 ? 0.911   -1.720  9.229   1.00 77.98  ? 138 ILE A C   1 
ATOM   1152 O O   . ILE A 1 146 ? 0.061   -2.584  9.481   1.00 64.03  ? 138 ILE A O   1 
ATOM   1153 C CB  . ILE A 1 146 ? 3.344   -2.260  9.623   1.00 64.88  ? 138 ILE A CB  1 
ATOM   1154 C CG1 . ILE A 1 146 ? 3.154   -3.769  9.789   1.00 62.86  ? 138 ILE A CG1 1 
ATOM   1155 C CG2 . ILE A 1 146 ? 4.604   -1.805  10.340  1.00 73.73  ? 138 ILE A CG2 1 
ATOM   1156 C CD1 . ILE A 1 146 ? 2.661   -4.470  8.537   1.00 62.91  ? 138 ILE A CD1 1 
ATOM   1157 N N   . GLU A 1 147 ? 0.857   -0.936  8.156   1.00 64.99  ? 139 GLU A N   1 
ATOM   1158 C CA  . GLU A 1 147 ? -0.146  -1.089  7.113   1.00 64.37  ? 139 GLU A CA  1 
ATOM   1159 C C   . GLU A 1 147 ? 0.546   -1.546  5.840   1.00 68.56  ? 139 GLU A C   1 
ATOM   1160 O O   . GLU A 1 147 ? 1.369   -0.800  5.288   1.00 70.18  ? 139 GLU A O   1 
ATOM   1161 C CB  . GLU A 1 147 ? -0.889  0.223   6.875   1.00 60.87  ? 139 GLU A CB  1 
ATOM   1162 C CG  . GLU A 1 147 ? -1.675  0.705   8.071   1.00 52.46  ? 139 GLU A CG  1 
ATOM   1163 C CD  . GLU A 1 147 ? -2.218  2.102   7.876   1.00 56.06  ? 139 GLU A CD  1 
ATOM   1164 O OE1 . GLU A 1 147 ? -1.489  2.951   7.321   1.00 61.26  ? 139 GLU A OE1 1 
ATOM   1165 O OE2 . GLU A 1 147 ? -3.369  2.353   8.280   1.00 54.95  ? 139 GLU A OE2 1 
ATOM   1166 N N   . PRO A 1 148 ? 0.264   -2.744  5.344   1.00 64.46  ? 140 PRO A N   1 
ATOM   1167 C CA  . PRO A 1 148 ? 0.964   -3.239  4.154   1.00 81.05  ? 140 PRO A CA  1 
ATOM   1168 C C   . PRO A 1 148 ? 0.604   -2.411  2.936   1.00 80.81  ? 140 PRO A C   1 
ATOM   1169 O O   . PRO A 1 148 ? -0.583  -2.163  2.679   1.00 74.15  ? 140 PRO A O   1 
ATOM   1170 C CB  . PRO A 1 148 ? 0.457   -4.685  4.029   1.00 88.24  ? 140 PRO A CB  1 
ATOM   1171 C CG  . PRO A 1 148 ? -0.877  -4.670  4.688   1.00 71.90  ? 140 PRO A CG  1 
ATOM   1172 C CD  . PRO A 1 148 ? -0.782  -3.673  5.808   1.00 63.87  ? 140 PRO A CD  1 
ATOM   1173 N N   . PRO A 1 149 ? 1.603   -1.923  2.191   1.00 89.19  ? 141 PRO A N   1 
ATOM   1174 C CA  . PRO A 1 149 ? 1.318   -1.202  0.944   1.00 82.54  ? 141 PRO A CA  1 
ATOM   1175 C C   . PRO A 1 149 ? 0.331   -1.904  0.034   1.00 78.67  ? 141 PRO A C   1 
ATOM   1176 O O   . PRO A 1 149 ? -0.436  -1.231  -0.664  1.00 84.78  ? 141 PRO A O   1 
ATOM   1177 C CB  . PRO A 1 149 ? 2.705   -1.108  0.298   1.00 81.27  ? 141 PRO A CB  1 
ATOM   1178 C CG  . PRO A 1 149 ? 3.709   -1.320  1.429   1.00 79.83  ? 141 PRO A CG  1 
ATOM   1179 C CD  . PRO A 1 149 ? 2.951   -1.614  2.688   1.00 81.20  ? 141 PRO A CD  1 
ATOM   1180 N N   . GLU A 1 150 ? 0.321   -3.238  0.019   1.00 77.60  ? 142 GLU A N   1 
ATOM   1181 C CA  . GLU A 1 150 ? -0.608  -3.985  -0.817  1.00 87.02  ? 142 GLU A CA  1 
ATOM   1182 C C   . GLU A 1 150 ? -2.058  -3.841  -0.375  1.00 85.26  ? 142 GLU A C   1 
ATOM   1183 O O   . GLU A 1 150 ? -2.953  -4.275  -1.107  1.00 88.68  ? 142 GLU A O   1 
ATOM   1184 C CB  . GLU A 1 150 ? -0.221  -5.465  -0.827  1.00 102.91 ? 142 GLU A CB  1 
ATOM   1185 C CG  . GLU A 1 150 ? -0.281  -6.136  0.536   1.00 99.36  ? 142 GLU A CG  1 
ATOM   1186 C CD  . GLU A 1 150 ? 0.627   -7.344  0.627   1.00 119.22 ? 142 GLU A CD  1 
ATOM   1187 O OE1 . GLU A 1 150 ? 0.230   -8.426  0.144   1.00 121.32 ? 142 GLU A OE1 1 
ATOM   1188 O OE2 . GLU A 1 150 ? 1.739   -7.210  1.182   1.00 114.36 ? 142 GLU A OE2 1 
ATOM   1189 N N   . ASP A 1 151 ? -2.312  -3.250  0.789   1.00 87.31  ? 143 ASP A N   1 
ATOM   1190 C CA  . ASP A 1 151 ? -3.661  -3.084  1.306   1.00 77.75  ? 143 ASP A CA  1 
ATOM   1191 C C   . ASP A 1 151 ? -4.223  -1.692  1.051   1.00 73.58  ? 143 ASP A C   1 
ATOM   1192 O O   . ASP A 1 151 ? -5.362  -1.417  1.439   1.00 62.25  ? 143 ASP A O   1 
ATOM   1193 C CB  . ASP A 1 151 ? -3.685  -3.384  2.808   1.00 93.31  ? 143 ASP A CB  1 
ATOM   1194 C CG  . ASP A 1 151 ? -4.041  -4.825  3.111   1.00 105.51 ? 143 ASP A CG  1 
ATOM   1195 O OD1 . ASP A 1 151 ? -3.570  -5.719  2.376   1.00 109.13 ? 143 ASP A OD1 1 
ATOM   1196 O OD2 . ASP A 1 151 ? -4.786  -5.064  4.087   1.00 113.90 ? 143 ASP A OD2 1 
ATOM   1197 N N   . PHE A 1 152 ? -3.457  -0.812  0.418   1.00 56.68  ? 144 PHE A N   1 
ATOM   1198 C CA  . PHE A 1 152 ? -3.933  0.534   0.152   1.00 67.03  ? 144 PHE A CA  1 
ATOM   1199 C C   . PHE A 1 152 ? -4.747  0.577   -1.134  1.00 65.18  ? 144 PHE A C   1 
ATOM   1200 O O   . PHE A 1 152 ? -4.497  -0.170  -2.083  1.00 70.82  ? 144 PHE A O   1 
ATOM   1201 C CB  . PHE A 1 152 ? -2.760  1.508   0.064   1.00 56.18  ? 144 PHE A CB  1 
ATOM   1202 C CG  . PHE A 1 152 ? -2.169  1.853   1.396   1.00 70.34  ? 144 PHE A CG  1 
ATOM   1203 C CD1 . PHE A 1 152 ? -1.209  1.040   1.972   1.00 79.03  ? 144 PHE A CD1 1 
ATOM   1204 C CD2 . PHE A 1 152 ? -2.581  2.984   2.080   1.00 82.68  ? 144 PHE A CD2 1 
ATOM   1205 C CE1 . PHE A 1 152 ? -0.666  1.353   3.202   1.00 82.17  ? 144 PHE A CE1 1 
ATOM   1206 C CE2 . PHE A 1 152 ? -2.040  3.301   3.311   1.00 69.62  ? 144 PHE A CE2 1 
ATOM   1207 C CZ  . PHE A 1 152 ? -1.082  2.485   3.873   1.00 71.26  ? 144 PHE A CZ  1 
ATOM   1208 N N   . VAL A 1 153 ? -5.736  1.464   -1.153  1.00 52.18  ? 145 VAL A N   1 
ATOM   1209 C CA  . VAL A 1 153 ? -6.638  1.635   -2.282  1.00 64.43  ? 145 VAL A CA  1 
ATOM   1210 C C   . VAL A 1 153 ? -6.497  3.067   -2.772  1.00 61.98  ? 145 VAL A C   1 
ATOM   1211 O O   . VAL A 1 153 ? -6.705  4.015   -2.005  1.00 55.78  ? 145 VAL A O   1 
ATOM   1212 C CB  . VAL A 1 153 ? -8.092  1.323   -1.901  1.00 51.39  ? 145 VAL A CB  1 
ATOM   1213 C CG1 . VAL A 1 153 ? -9.047  1.915   -2.919  1.00 60.76  ? 145 VAL A CG1 1 
ATOM   1214 C CG2 . VAL A 1 153 ? -8.289  -0.178  -1.793  1.00 50.24  ? 145 VAL A CG2 1 
ATOM   1215 N N   . PHE A 1 154 ? -6.146  3.224   -4.041  1.00 56.09  ? 146 PHE A N   1 
ATOM   1216 C CA  . PHE A 1 154 ? -5.950  4.534   -4.638  1.00 45.69  ? 146 PHE A CA  1 
ATOM   1217 C C   . PHE A 1 154 ? -7.123  4.893   -5.542  1.00 56.65  ? 146 PHE A C   1 
ATOM   1218 O O   . PHE A 1 154 ? -7.850  4.030   -6.040  1.00 54.90  ? 146 PHE A O   1 
ATOM   1219 C CB  . PHE A 1 154 ? -4.642  4.572   -5.429  1.00 47.73  ? 146 PHE A CB  1 
ATOM   1220 C CG  . PHE A 1 154 ? -3.413  4.477   -4.572  1.00 51.61  ? 146 PHE A CG  1 
ATOM   1221 C CD1 . PHE A 1 154 ? -2.952  3.248   -4.129  1.00 58.65  ? 146 PHE A CD1 1 
ATOM   1222 C CD2 . PHE A 1 154 ? -2.719  5.616   -4.204  1.00 54.85  ? 146 PHE A CD2 1 
ATOM   1223 C CE1 . PHE A 1 154 ? -1.822  3.159   -3.333  1.00 54.62  ? 146 PHE A CE1 1 
ATOM   1224 C CE2 . PHE A 1 154 ? -1.590  5.532   -3.413  1.00 54.45  ? 146 PHE A CE2 1 
ATOM   1225 C CZ  . PHE A 1 154 ? -1.141  4.301   -2.978  1.00 46.16  ? 146 PHE A CZ  1 
ATOM   1226 N N   . SER A 1 155 ? -7.305  6.194   -5.736  1.00 54.02  ? 147 SER A N   1 
ATOM   1227 C CA  . SER A 1 155 ? -8.352  6.715   -6.597  1.00 47.68  ? 147 SER A CA  1 
ATOM   1228 C C   . SER A 1 155 ? -7.787  7.876   -7.397  1.00 60.02  ? 147 SER A C   1 
ATOM   1229 O O   . SER A 1 155 ? -6.805  8.510   -7.003  1.00 48.83  ? 147 SER A O   1 
ATOM   1230 C CB  . SER A 1 155 ? -9.579  7.173   -5.800  1.00 37.62  ? 147 SER A CB  1 
ATOM   1231 O OG  . SER A 1 155 ? -10.181 6.089   -5.120  1.00 53.65  ? 147 SER A OG  1 
ATOM   1232 N N   . LEU A 1 156 ? -8.421  8.150   -8.532  1.00 50.56  ? 148 LEU A N   1 
ATOM   1233 C CA  . LEU A 1 156 ? -8.002  9.225   -9.418  1.00 44.07  ? 148 LEU A CA  1 
ATOM   1234 C C   . LEU A 1 156 ? -9.234  10.023  -9.806  1.00 48.26  ? 148 LEU A C   1 
ATOM   1235 O O   . LEU A 1 156 ? -10.196 9.465   -10.340 1.00 52.63  ? 148 LEU A O   1 
ATOM   1236 C CB  . LEU A 1 156 ? -7.297  8.669   -10.660 1.00 57.81  ? 148 LEU A CB  1 
ATOM   1237 C CG  . LEU A 1 156 ? -7.060  9.566   -11.883 1.00 67.91  ? 148 LEU A CG  1 
ATOM   1238 C CD1 . LEU A 1 156 ? -6.633  10.974  -11.494 1.00 64.83  ? 148 LEU A CD1 1 
ATOM   1239 C CD2 . LEU A 1 156 ? -6.034  8.936   -12.813 1.00 66.95  ? 148 LEU A CD2 1 
ATOM   1240 N N   . ASN A 1 157 ? -9.206  11.320  -9.529  1.00 67.13  ? 149 ASN A N   1 
ATOM   1241 C CA  . ASN A 1 157 ? -10.234 12.240  -9.993  1.00 56.78  ? 149 ASN A CA  1 
ATOM   1242 C C   . ASN A 1 157 ? -9.654  13.014  -11.170 1.00 64.28  ? 149 ASN A C   1 
ATOM   1243 O O   . ASN A 1 157 ? -8.689  13.770  -11.013 1.00 67.29  ? 149 ASN A O   1 
ATOM   1244 C CB  . ASN A 1 157 ? -10.688 13.173  -8.875  1.00 73.72  ? 149 ASN A CB  1 
ATOM   1245 C CG  . ASN A 1 157 ? -11.618 12.489  -7.895  1.00 84.73  ? 149 ASN A CG  1 
ATOM   1246 O OD1 . ASN A 1 157 ? -12.315 11.534  -8.247  1.00 78.17  ? 149 ASN A OD1 1 
ATOM   1247 N ND2 . ASN A 1 157 ? -11.642 12.978  -6.658  1.00 81.01  ? 149 ASN A ND2 1 
ATOM   1248 N N   . ALA A 1 158 ? -10.217 12.795  -12.350 1.00 70.14  ? 150 ALA A N   1 
ATOM   1249 C CA  . ALA A 1 158 ? -9.794  13.483  -13.555 1.00 57.43  ? 150 ALA A CA  1 
ATOM   1250 C C   . ALA A 1 158 ? -10.957 14.303  -14.091 1.00 60.68  ? 150 ALA A C   1 
ATOM   1251 O O   . ALA A 1 158 ? -12.115 14.105  -13.710 1.00 65.33  ? 150 ALA A O   1 
ATOM   1252 C CB  . ALA A 1 158 ? -9.293  12.500  -14.615 1.00 56.83  ? 150 ALA A CB  1 
ATOM   1253 N N   . LYS A 1 159 ? -10.636 15.240  -14.973 1.00 62.67  ? 151 LYS A N   1 
ATOM   1254 C CA  . LYS A 1 159 ? -11.627 16.174  -15.483 1.00 80.92  ? 151 LYS A CA  1 
ATOM   1255 C C   . LYS A 1 159 ? -12.295 15.595  -16.726 1.00 75.49  ? 151 LYS A C   1 
ATOM   1256 O O   . LYS A 1 159 ? -11.615 15.087  -17.625 1.00 67.42  ? 151 LYS A O   1 
ATOM   1257 C CB  . LYS A 1 159 ? -10.970 17.523  -15.783 1.00 69.08  ? 151 LYS A CB  1 
ATOM   1258 C CG  . LYS A 1 159 ? -11.802 18.471  -16.624 1.00 82.23  ? 151 LYS A CG  1 
ATOM   1259 C CD  . LYS A 1 159 ? -10.910 19.363  -17.471 1.00 93.44  ? 151 LYS A CD  1 
ATOM   1260 C CE  . LYS A 1 159 ? -10.019 20.234  -16.594 1.00 94.66  ? 151 LYS A CE  1 
ATOM   1261 N NZ  . LYS A 1 159 ? -9.766  21.575  -17.193 1.00 92.66  ? 151 LYS A NZ  1 
ATOM   1262 N N   . LYS A 1 160 ? -13.631 15.645  -16.747 1.00 67.86  ? 152 LYS A N   1 
ATOM   1263 C CA  . LYS A 1 160 ? -14.452 15.210  -17.875 1.00 76.11  ? 152 LYS A CA  1 
ATOM   1264 C C   . LYS A 1 160 ? -14.343 13.711  -18.140 1.00 74.43  ? 152 LYS A C   1 
ATOM   1265 O O   . LYS A 1 160 ? -15.274 12.954  -17.844 1.00 83.33  ? 152 LYS A O   1 
ATOM   1266 C CB  . LYS A 1 160 ? -14.089 15.994  -19.141 1.00 71.15  ? 152 LYS A CB  1 
ATOM   1267 C CG  . LYS A 1 160 ? -15.274 16.298  -20.051 1.00 92.52  ? 152 LYS A CG  1 
ATOM   1268 C CD  . LYS A 1 160 ? -14.886 17.257  -21.169 1.00 93.39  ? 152 LYS A CD  1 
ATOM   1269 C CE  . LYS A 1 160 ? -15.899 17.231  -22.303 1.00 87.63  ? 152 LYS A CE  1 
ATOM   1270 N NZ  . LYS A 1 160 ? -17.238 16.764  -21.847 1.00 94.44  ? 152 LYS A NZ  1 
ATOM   1271 N N   . TYR A 1 161 ? -13.221 13.273  -18.698 1.00 58.89  ? 153 TYR A N   1 
ATOM   1272 C CA  . TYR A 1 161 ? -13.043 11.888  -19.120 1.00 60.18  ? 153 TYR A CA  1 
ATOM   1273 C C   . TYR A 1 161 ? -12.397 11.103  -17.985 1.00 61.95  ? 153 TYR A C   1 
ATOM   1274 O O   . TYR A 1 161 ? -11.222 11.318  -17.663 1.00 63.39  ? 153 TYR A O   1 
ATOM   1275 C CB  . TYR A 1 161 ? -12.204 11.832  -20.393 1.00 67.01  ? 153 TYR A CB  1 
ATOM   1276 C CG  . TYR A 1 161 ? -12.699 12.775  -21.468 1.00 77.83  ? 153 TYR A CG  1 
ATOM   1277 C CD1 . TYR A 1 161 ? -14.004 12.697  -21.942 1.00 83.85  ? 153 TYR A CD1 1 
ATOM   1278 C CD2 . TYR A 1 161 ? -11.873 13.763  -21.984 1.00 79.87  ? 153 TYR A CD2 1 
ATOM   1279 C CE1 . TYR A 1 161 ? -14.464 13.563  -22.920 1.00 84.11  ? 153 TYR A CE1 1 
ATOM   1280 C CE2 . TYR A 1 161 ? -12.321 14.633  -22.962 1.00 83.61  ? 153 TYR A CE2 1 
ATOM   1281 C CZ  . TYR A 1 161 ? -13.618 14.530  -23.425 1.00 100.05 ? 153 TYR A CZ  1 
ATOM   1282 O OH  . TYR A 1 161 ? -14.068 15.396  -24.396 1.00 103.92 ? 153 TYR A OH  1 
ATOM   1283 N N   . HIS A 1 162 ? -13.157 10.183  -17.394 1.00 58.68  ? 154 HIS A N   1 
ATOM   1284 C CA  . HIS A 1 162 ? -12.770 9.517   -16.156 1.00 61.64  ? 154 HIS A CA  1 
ATOM   1285 C C   . HIS A 1 162 ? -12.237 8.105   -16.357 1.00 54.34  ? 154 HIS A C   1 
ATOM   1286 O O   . HIS A 1 162 ? -11.927 7.428   -15.373 1.00 56.87  ? 154 HIS A O   1 
ATOM   1287 C CB  . HIS A 1 162 ? -13.956 9.491   -15.193 1.00 52.63  ? 154 HIS A CB  1 
ATOM   1288 C CG  . HIS A 1 162 ? -14.673 10.802  -15.099 1.00 72.04  ? 154 HIS A CG  1 
ATOM   1289 N ND1 . HIS A 1 162 ? -14.073 11.940  -14.604 1.00 74.51  ? 154 HIS A ND1 1 
ATOM   1290 C CD2 . HIS A 1 162 ? -15.934 11.158  -15.437 1.00 70.54  ? 154 HIS A CD2 1 
ATOM   1291 C CE1 . HIS A 1 162 ? -14.934 12.941  -14.643 1.00 75.27  ? 154 HIS A CE1 1 
ATOM   1292 N NE2 . HIS A 1 162 ? -16.071 12.493  -15.144 1.00 83.01  ? 154 HIS A NE2 1 
ATOM   1293 N N   . THR A 1 163 ? -12.116 7.645   -17.590 1.00 54.69  ? 155 THR A N   1 
ATOM   1294 C CA  . THR A 1 163 ? -11.577 6.321   -17.829 1.00 45.05  ? 155 THR A CA  1 
ATOM   1295 C C   . THR A 1 163 ? -10.053 6.381   -17.885 1.00 56.39  ? 155 THR A C   1 
ATOM   1296 O O   . THR A 1 163 ? -9.451  7.448   -18.035 1.00 51.28  ? 155 THR A O   1 
ATOM   1297 C CB  . THR A 1 163 ? -12.144 5.738   -19.120 1.00 49.19  ? 155 THR A CB  1 
ATOM   1298 O OG1 . THR A 1 163 ? -12.099 4.310   -19.051 1.00 73.01  ? 155 THR A OG1 1 
ATOM   1299 C CG2 . THR A 1 163 ? -11.342 6.211   -20.315 1.00 37.16  ? 155 THR A CG2 1 
ATOM   1300 N N   . VAL A 1 164 ? -9.430  5.215   -17.759 1.00 43.84  ? 156 VAL A N   1 
ATOM   1301 C CA  . VAL A 1 164 ? -7.983  5.131   -17.625 1.00 36.73  ? 156 VAL A CA  1 
ATOM   1302 C C   . VAL A 1 164 ? -7.469  3.986   -18.489 1.00 41.38  ? 156 VAL A C   1 
ATOM   1303 O O   . VAL A 1 164 ? -8.163  2.990   -18.712 1.00 48.48  ? 156 VAL A O   1 
ATOM   1304 C CB  . VAL A 1 164 ? -7.593  4.972   -16.133 1.00 41.61  ? 156 VAL A CB  1 
ATOM   1305 C CG1 . VAL A 1 164 ? -6.803  3.710   -15.883 1.00 41.20  ? 156 VAL A CG1 1 
ATOM   1306 C CG2 . VAL A 1 164 ? -6.823  6.189   -15.668 1.00 48.21  ? 156 VAL A CG2 1 
ATOM   1307 N N   . ILE A 1 165 ? -6.249  4.137   -18.994 1.00 41.79  ? 157 ILE A N   1 
ATOM   1308 C CA  . ILE A 1 165 ? -5.680  3.194   -19.949 1.00 44.86  ? 157 ILE A CA  1 
ATOM   1309 C C   . ILE A 1 165 ? -4.648  2.344   -19.225 1.00 46.71  ? 157 ILE A C   1 
ATOM   1310 O O   . ILE A 1 165 ? -3.563  2.820   -18.869 1.00 47.97  ? 157 ILE A O   1 
ATOM   1311 C CB  . ILE A 1 165 ? -5.074  3.911   -21.160 1.00 57.30  ? 157 ILE A CB  1 
ATOM   1312 C CG1 . ILE A 1 165 ? -6.170  4.686   -21.893 1.00 43.09  ? 157 ILE A CG1 1 
ATOM   1313 C CG2 . ILE A 1 165 ? -4.415  2.906   -22.093 1.00 40.61  ? 157 ILE A CG2 1 
ATOM   1314 C CD1 . ILE A 1 165 ? -5.674  5.906   -22.617 1.00 61.96  ? 157 ILE A CD1 1 
ATOM   1315 N N   . ILE A 1 166 ? -4.988  1.077   -19.025 1.00 53.26  ? 158 ILE A N   1 
ATOM   1316 C CA  . ILE A 1 166 ? -4.151  0.120   -18.315 1.00 49.14  ? 158 ILE A CA  1 
ATOM   1317 C C   . ILE A 1 166 ? -3.680  -0.902  -19.337 1.00 58.54  ? 158 ILE A C   1 
ATOM   1318 O O   . ILE A 1 166 ? -4.498  -1.648  -19.891 1.00 60.06  ? 158 ILE A O   1 
ATOM   1319 C CB  . ILE A 1 166 ? -4.921  -0.562  -17.176 1.00 52.35  ? 158 ILE A CB  1 
ATOM   1320 C CG1 . ILE A 1 166 ? -5.430  0.478   -16.178 1.00 54.46  ? 158 ILE A CG1 1 
ATOM   1321 C CG2 . ILE A 1 166 ? -4.042  -1.597  -16.494 1.00 50.55  ? 158 ILE A CG2 1 
ATOM   1322 C CD1 . ILE A 1 166 ? -5.997  -0.110  -14.906 1.00 49.33  ? 158 ILE A CD1 1 
ATOM   1323 N N   . ASN A 1 167 ? -2.368  -0.946  -19.574 1.00 63.19  ? 159 ASN A N   1 
ATOM   1324 C CA  . ASN A 1 167 ? -1.802  -1.738  -20.661 1.00 69.00  ? 159 ASN A CA  1 
ATOM   1325 C C   . ASN A 1 167 ? -2.451  -1.331  -21.976 1.00 63.25  ? 159 ASN A C   1 
ATOM   1326 O O   . ASN A 1 167 ? -2.255  -0.207  -22.447 1.00 57.27  ? 159 ASN A O   1 
ATOM   1327 C CB  . ASN A 1 167 ? -1.984  -3.238  -20.410 1.00 67.65  ? 159 ASN A CB  1 
ATOM   1328 C CG  . ASN A 1 167 ? -1.170  -3.736  -19.235 1.00 78.91  ? 159 ASN A CG  1 
ATOM   1329 O OD1 . ASN A 1 167 ? -0.094  -3.213  -18.942 1.00 82.15  ? 159 ASN A OD1 1 
ATOM   1330 N ND2 . ASN A 1 167 ? -1.686  -4.750  -18.546 1.00 77.09  ? 159 ASN A ND2 1 
ATOM   1331 N N   . GLU A 1 168 ? -3.244  -2.229  -22.560 1.00 50.63  ? 160 GLU A N   1 
ATOM   1332 C CA  . GLU A 1 168 ? -3.940  -1.952  -23.809 1.00 58.26  ? 160 GLU A CA  1 
ATOM   1333 C C   . GLU A 1 168 ? -5.414  -1.628  -23.607 1.00 61.84  ? 160 GLU A C   1 
ATOM   1334 O O   . GLU A 1 168 ? -6.082  -1.230  -24.569 1.00 57.91  ? 160 GLU A O   1 
ATOM   1335 C CB  . GLU A 1 168 ? -3.811  -3.151  -24.759 1.00 54.79  ? 160 GLU A CB  1 
ATOM   1336 C CG  . GLU A 1 168 ? -2.376  -3.487  -25.149 1.00 74.70  ? 160 GLU A CG  1 
ATOM   1337 C CD  . GLU A 1 168 ? -2.248  -3.983  -26.581 1.00 79.37  ? 160 GLU A CD  1 
ATOM   1338 O OE1 . GLU A 1 168 ? -2.813  -5.054  -26.888 1.00 96.97  ? 160 GLU A OE1 1 
ATOM   1339 O OE2 . GLU A 1 168 ? -1.571  -3.316  -27.392 1.00 72.46  ? 160 GLU A OE2 1 
ATOM   1340 N N   . ASN A 1 169 ? -5.929  -1.769  -22.392 1.00 47.44  ? 161 ASN A N   1 
ATOM   1341 C CA  . ASN A 1 169 ? -7.361  -1.738  -22.143 1.00 37.61  ? 161 ASN A CA  1 
ATOM   1342 C C   . ASN A 1 169 ? -7.820  -0.393  -21.592 1.00 37.51  ? 161 ASN A C   1 
ATOM   1343 O O   . ASN A 1 169 ? -7.060  0.342   -20.956 1.00 57.13  ? 161 ASN A O   1 
ATOM   1344 C CB  . ASN A 1 169 ? -7.758  -2.850  -21.173 1.00 37.15  ? 161 ASN A CB  1 
ATOM   1345 C CG  . ASN A 1 169 ? -7.526  -4.233  -21.753 1.00 45.83  ? 161 ASN A CG  1 
ATOM   1346 O OD1 . ASN A 1 169 ? -6.770  -5.032  -21.203 1.00 47.08  ? 161 ASN A OD1 1 
ATOM   1347 N ND2 . ASN A 1 169 ? -8.182  -4.520  -22.872 1.00 44.01  ? 161 ASN A ND2 1 
ATOM   1348 N N   . ILE A 1 170 ? -9.089  -0.094  -21.842 1.00 42.08  ? 162 ILE A N   1 
ATOM   1349 C CA  . ILE A 1 170 ? -9.755  1.108   -21.355 1.00 46.40  ? 162 ILE A CA  1 
ATOM   1350 C C   . ILE A 1 170 ? -10.625 0.678   -20.180 1.00 44.66  ? 162 ILE A C   1 
ATOM   1351 O O   . ILE A 1 170 ? -11.690 0.087   -20.371 1.00 54.59  ? 162 ILE A O   1 
ATOM   1352 C CB  . ILE A 1 170 ? -10.583 1.770   -22.461 1.00 37.09  ? 162 ILE A CB  1 
ATOM   1353 C CG1 . ILE A 1 170 ? -9.720  2.055   -23.691 1.00 46.86  ? 162 ILE A CG1 1 
ATOM   1354 C CG2 . ILE A 1 170 ? -11.261 3.031   -21.955 1.00 41.37  ? 162 ILE A CG2 1 
ATOM   1355 C CD1 . ILE A 1 170 ? -10.522 2.501   -24.906 1.00 49.80  ? 162 ILE A CD1 1 
ATOM   1356 N N   . VAL A 1 171 ? -10.185 0.962   -18.954 1.00 50.54  ? 163 VAL A N   1 
ATOM   1357 C CA  . VAL A 1 171 ? -10.887 0.501   -17.764 1.00 57.41  ? 163 VAL A CA  1 
ATOM   1358 C C   . VAL A 1 171 ? -11.412 1.699   -16.983 1.00 41.88  ? 163 VAL A C   1 
ATOM   1359 O O   . VAL A 1 171 ? -10.817 2.783   -16.974 1.00 45.37  ? 163 VAL A O   1 
ATOM   1360 C CB  . VAL A 1 171 ? -9.993  -0.406  -16.887 1.00 58.82  ? 163 VAL A CB  1 
ATOM   1361 C CG1 . VAL A 1 171 ? -8.704  -0.743  -17.610 1.00 41.54  ? 163 VAL A CG1 1 
ATOM   1362 C CG2 . VAL A 1 171 ? -9.707  0.224   -15.535 1.00 53.65  ? 163 VAL A CG2 1 
ATOM   1363 N N   . THR A 1 172 ? -12.567 1.501   -16.352 1.00 48.51  ? 164 THR A N   1 
ATOM   1364 C CA  . THR A 1 172 ? -13.189 2.527   -15.528 1.00 43.49  ? 164 THR A CA  1 
ATOM   1365 C C   . THR A 1 172 ? -12.698 2.474   -14.085 1.00 61.59  ? 164 THR A C   1 
ATOM   1366 O O   . THR A 1 172 ? -12.416 3.520   -13.486 1.00 54.51  ? 164 THR A O   1 
ATOM   1367 C CB  . THR A 1 172 ? -14.716 2.381   -15.570 1.00 49.02  ? 164 THR A CB  1 
ATOM   1368 O OG1 . THR A 1 172 ? -15.185 2.613   -16.906 1.00 52.17  ? 164 THR A OG1 1 
ATOM   1369 C CG2 . THR A 1 172 ? -15.376 3.376   -14.636 1.00 45.90  ? 164 THR A CG2 1 
ATOM   1370 N N   . HIS A 1 173 ? -12.570 1.278   -13.521 1.00 50.62  ? 165 HIS A N   1 
ATOM   1371 C CA  . HIS A 1 173 ? -12.154 1.128   -12.133 1.00 74.63  ? 165 HIS A CA  1 
ATOM   1372 C C   . HIS A 1 173 ? -11.679 -0.303  -11.922 1.00 80.61  ? 165 HIS A C   1 
ATOM   1373 O O   . HIS A 1 173 ? -11.718 -1.135  -12.833 1.00 74.94  ? 165 HIS A O   1 
ATOM   1374 C CB  . HIS A 1 173 ? -13.293 1.471   -11.171 1.00 59.80  ? 165 HIS A CB  1 
ATOM   1375 C CG  . HIS A 1 173 ? -14.546 0.695   -11.429 1.00 80.33  ? 165 HIS A CG  1 
ATOM   1376 N ND1 . HIS A 1 173 ? -15.701 1.283   -11.901 1.00 89.88  ? 165 HIS A ND1 1 
ATOM   1377 C CD2 . HIS A 1 173 ? -14.826 -0.623  -11.288 1.00 74.22  ? 165 HIS A CD2 1 
ATOM   1378 C CE1 . HIS A 1 173 ? -16.635 0.361   -12.041 1.00 87.07  ? 165 HIS A CE1 1 
ATOM   1379 N NE2 . HIS A 1 173 ? -16.131 -0.804  -11.676 1.00 77.44  ? 165 HIS A NE2 1 
ATOM   1380 N N   . GLN A 1 174 ? -11.243 -0.582  -10.698 1.00 100.94 ? 166 GLN A N   1 
ATOM   1381 C CA  . GLN A 1 174 ? -10.847 -1.922  -10.280 1.00 99.70  ? 166 GLN A CA  1 
ATOM   1382 C C   . GLN A 1 174 ? -11.328 -2.185  -8.858  1.00 88.63  ? 166 GLN A C   1 
ATOM   1383 O O   . GLN A 1 174 ? -10.607 -2.751  -8.030  1.00 77.20  ? 166 GLN A O   1 
ATOM   1384 C CB  . GLN A 1 174 ? -9.334  -2.111  -10.398 1.00 78.61  ? 166 GLN A CB  1 
ATOM   1385 C CG  . GLN A 1 174 ? -8.912  -2.966  -11.586 1.00 78.26  ? 166 GLN A CG  1 
ATOM   1386 C CD  . GLN A 1 174 ? -7.459  -2.762  -11.982 1.00 87.65  ? 166 GLN A CD  1 
ATOM   1387 O OE1 . GLN A 1 174 ? -6.701  -2.081  -11.289 1.00 78.26  ? 166 GLN A OE1 1 
ATOM   1388 N NE2 . GLN A 1 174 ? -7.062  -3.362  -13.102 1.00 72.93  ? 166 GLN A NE2 1 
ATOM   1389 N N   . CYS A 1 175 ? -12.557 -1.765  -8.558  1.00 86.72  ? 167 CYS A N   1 
ATOM   1390 C CA  . CYS A 1 175 ? -13.154 -1.955  -7.238  1.00 97.12  ? 167 CYS A CA  1 
ATOM   1391 C C   . CYS A 1 175 ? -13.254 -3.437  -6.881  1.00 109.47 ? 167 CYS A C   1 
ATOM   1392 O O   . CYS A 1 175 ? -14.166 -3.857  -6.166  1.00 99.80  ? 167 CYS A O   1 
ATOM   1393 C CB  . CYS A 1 175 ? -14.542 -1.309  -7.177  1.00 103.88 ? 167 CYS A CB  1 
ATOM   1394 S SG  . CYS A 1 175 ? -14.651 0.369   -7.856  1.00 84.47  ? 167 CYS A SG  1 
HETATM 1395 O O   . HOH B 2 .   ? 14.856  -29.539 14.999  1.00 71.17  ? 201 HOH A O   1 
HETATM 1396 O O   . HOH B 2 .   ? -1.857  1.032   -24.392 1.00 49.59  ? 202 HOH A O   1 
HETATM 1397 O O   . HOH B 2 .   ? -10.299 8.780   -14.086 1.00 52.16  ? 203 HOH A O   1 
HETATM 1398 O O   . HOH B 2 .   ? 0.852   9.583   2.836   1.00 61.29  ? 204 HOH A O   1 
HETATM 1399 O O   . HOH B 2 .   ? 13.687  -23.291 21.855  1.00 59.69  ? 205 HOH A O   1 
HETATM 1400 O O   . HOH B 2 .   ? -4.621  -7.763  12.959  1.00 66.06  ? 206 HOH A O   1 
HETATM 1401 O O   . HOH B 2 .   ? -13.162 6.113   -13.235 1.00 57.98  ? 207 HOH A O   1 
HETATM 1402 O O   . HOH B 2 .   ? -9.368  9.702   -16.468 1.00 53.57  ? 208 HOH A O   1 
HETATM 1403 O O   . HOH B 2 .   ? -2.114  -13.629 25.202  1.00 41.60  ? 209 HOH A O   1 
HETATM 1404 O O   . HOH B 2 .   ? -0.344  0.733   -18.624 1.00 72.35  ? 210 HOH A O   1 
HETATM 1405 O O   . HOH B 2 .   ? -2.986  -6.071  -29.545 1.00 68.14  ? 211 HOH A O   1 
HETATM 1406 O O   . HOH B 2 .   ? -11.561 5.144   -32.846 1.00 54.65  ? 212 HOH A O   1 
HETATM 1407 O O   . HOH B 2 .   ? 2.054   -6.503  20.520  1.00 47.79  ? 213 HOH A O   1 
HETATM 1408 O O   . HOH B 2 .   ? -9.649  -2.398  -5.273  1.00 75.16  ? 214 HOH A O   1 
HETATM 1409 O O   . HOH B 2 .   ? -0.079  -22.307 25.635  1.00 69.11  ? 215 HOH A O   1 
HETATM 1410 O O   . HOH B 2 .   ? 18.880  -17.485 11.683  1.00 66.20  ? 216 HOH A O   1 
HETATM 1411 O O   . HOH B 2 .   ? -14.441 1.535   -19.690 1.00 54.04  ? 217 HOH A O   1 
HETATM 1412 O O   . HOH B 2 .   ? 2.331   -14.832 8.881   1.00 71.18  ? 218 HOH A O   1 
HETATM 1413 O O   . HOH B 2 .   ? 8.894   -13.530 34.972  0.50 69.54  ? 219 HOH A O   1 
HETATM 1414 O O   . HOH B 2 .   ? -15.513 8.431   -19.069 1.00 59.38  ? 220 HOH A O   1 
HETATM 1415 O O   . HOH B 2 .   ? 6.197   -13.280 8.372   1.00 59.86  ? 221 HOH A O   1 
HETATM 1416 O O   . HOH B 2 .   ? 1.524   -4.028  21.203  1.00 65.64  ? 222 HOH A O   1 
HETATM 1417 O O   . HOH B 2 .   ? -5.168  -10.259 28.824  1.00 71.57  ? 223 HOH A O   1 
HETATM 1418 O O   . HOH B 2 .   ? -7.038  -5.008  -16.736 1.00 62.40  ? 224 HOH A O   1 
# 
